data_6EQ6
# 
_entry.id   6EQ6 
# 
_audit_conform.dict_name       mmcif_pdbx.dic 
_audit_conform.dict_version    5.391 
_audit_conform.dict_location   http://mmcif.pdb.org/dictionaries/ascii/mmcif_pdbx.dic 
# 
loop_
_database_2.database_id 
_database_2.database_code 
_database_2.pdbx_database_accession 
_database_2.pdbx_DOI 
PDB   6EQ6         pdb_00006eq6 10.2210/pdb6eq6/pdb 
WWPDB D_1200007042 ?            ?                   
# 
loop_
_pdbx_audit_revision_history.ordinal 
_pdbx_audit_revision_history.data_content_type 
_pdbx_audit_revision_history.major_revision 
_pdbx_audit_revision_history.minor_revision 
_pdbx_audit_revision_history.revision_date 
1 'Structure model' 1 0 2018-10-31 
2 'Structure model' 1 1 2019-05-15 
3 'Structure model' 1 2 2019-05-22 
4 'Structure model' 1 3 2024-05-08 
# 
_pdbx_audit_revision_details.ordinal             1 
_pdbx_audit_revision_details.revision_ordinal    1 
_pdbx_audit_revision_details.data_content_type   'Structure model' 
_pdbx_audit_revision_details.provider            repository 
_pdbx_audit_revision_details.type                'Initial release' 
_pdbx_audit_revision_details.description         ? 
_pdbx_audit_revision_details.details             ? 
# 
loop_
_pdbx_audit_revision_group.ordinal 
_pdbx_audit_revision_group.revision_ordinal 
_pdbx_audit_revision_group.data_content_type 
_pdbx_audit_revision_group.group 
1 2 'Structure model' 'Data collection'     
2 2 'Structure model' 'Database references' 
3 3 'Structure model' 'Data collection'     
4 3 'Structure model' 'Database references' 
5 4 'Structure model' 'Data collection'     
6 4 'Structure model' 'Database references' 
# 
loop_
_pdbx_audit_revision_category.ordinal 
_pdbx_audit_revision_category.revision_ordinal 
_pdbx_audit_revision_category.data_content_type 
_pdbx_audit_revision_category.category 
1 2 'Structure model' citation           
2 2 'Structure model' citation_author    
3 2 'Structure model' pdbx_database_proc 
4 3 'Structure model' citation           
5 3 'Structure model' citation_author    
6 3 'Structure model' pdbx_database_proc 
7 4 'Structure model' chem_comp_atom     
8 4 'Structure model' chem_comp_bond     
9 4 'Structure model' database_2         
# 
loop_
_pdbx_audit_revision_item.ordinal 
_pdbx_audit_revision_item.revision_ordinal 
_pdbx_audit_revision_item.data_content_type 
_pdbx_audit_revision_item.item 
1  2 'Structure model' '_citation.country'                   
2  2 'Structure model' '_citation.journal_abbrev'            
3  2 'Structure model' '_citation.journal_id_ASTM'           
4  2 'Structure model' '_citation.journal_id_CSD'            
5  2 'Structure model' '_citation.journal_id_ISSN'           
6  2 'Structure model' '_citation.pdbx_database_id_DOI'      
7  2 'Structure model' '_citation.title'                     
8  2 'Structure model' '_citation.year'                      
9  4 'Structure model' '_database_2.pdbx_DOI'                
10 4 'Structure model' '_database_2.pdbx_database_accession' 
# 
_pdbx_database_status.status_code                     REL 
_pdbx_database_status.status_code_sf                  REL 
_pdbx_database_status.status_code_mr                  ? 
_pdbx_database_status.entry_id                        6EQ6 
_pdbx_database_status.recvd_initial_deposition_date   2017-10-12 
_pdbx_database_status.SG_entry                        N 
_pdbx_database_status.deposit_site                    PDBE 
_pdbx_database_status.process_site                    PDBE 
_pdbx_database_status.status_code_cs                  ? 
_pdbx_database_status.methods_development_category    ? 
_pdbx_database_status.pdb_format_compatible           Y 
_pdbx_database_status.status_code_nmr_data            ? 
# 
loop_
_audit_author.name 
_audit_author.pdbx_ordinal 
_audit_author.identifier_ORCID 
'Wiedmer, L.'  1 ? 
'Sledz, P.'    2 ? 
'Caflisch, A.' 3 ? 
# 
loop_
_citation.abstract 
_citation.abstract_id_CAS 
_citation.book_id_ISBN 
_citation.book_publisher 
_citation.book_publisher_city 
_citation.book_title 
_citation.coordinate_linkage 
_citation.country 
_citation.database_id_Medline 
_citation.details 
_citation.id 
_citation.journal_abbrev 
_citation.journal_id_ASTM 
_citation.journal_id_CSD 
_citation.journal_id_ISSN 
_citation.journal_full 
_citation.journal_issue 
_citation.journal_volume 
_citation.language 
_citation.page_first 
_citation.page_last 
_citation.title 
_citation.year 
_citation.database_id_CSD 
_citation.pdbx_database_id_DOI 
_citation.pdbx_database_id_PubMed 
_citation.unpublished_flag 
? ? ? ? ? ? ? FR ? ? primary Eur.J.Med.Chem. EJMCA5 0493 0223-5234 ? ? 175 ? 107 113 'Ligand retargeting by binding site analogy.' 
2019 ? 10.1016/j.ejmech.2019.04.037 31077996 ? 
? ? ? ? ? ? ? FR ? ? 1       Eur.J.Med.Chem. EJMCA5 0493 0223-5234 ? ? ?   ? ?   ?   'Ligand retargeting by binding site analogy'  
2019 ? 10.101/j.ejmech.2019.04.037  ?        ? 
# 
loop_
_citation_author.citation_id 
_citation_author.name 
_citation_author.ordinal 
_citation_author.identifier_ORCID 
primary 'Wiedmer, L.'        1  ? 
primary 'Scharer, C.'        2  ? 
primary 'Spiliotopoulos, D.' 3  ? 
primary 'Hurzeler, M.'       4  ? 
primary 'Sledz, P.'          5  ? 
primary 'Caflisch, A.'       6  ? 
1       'Wiedmer, L.'        7  ? 
1       'Scharer, C.'        8  ? 
1       'Spiliotopoulos, D.' 9  ? 
1       'Hurzeler, M.'       10 ? 
1       'Sledz, P.'          11 ? 
1       'Caflisch, A.'       12 ? 
# 
loop_
_entity.id 
_entity.type 
_entity.src_method 
_entity.pdbx_description 
_entity.formula_weight 
_entity.pdbx_number_of_molecules 
_entity.pdbx_ec 
_entity.pdbx_mutation 
_entity.pdbx_fragment 
_entity.details 
1 polymer     man '7,8-dihydro-8-oxoguanine triphosphatase' 21104.928 1   3.6.1.55,3.6.1.56 ? ? ? 
2 non-polymer syn 3-pyrrolidin-1-ylquinoxalin-2-amine       214.266   1   ?                 ? ? ? 
3 non-polymer syn 'ACETATE ION'                             59.044    1   ?                 ? ? ? 
4 non-polymer syn 'SULFATE ION'                             96.063    1   ?                 ? ? ? 
5 water       nat water                                     18.015    100 ?                 ? ? ? 
# 
_entity_name_com.entity_id   1 
_entity_name_com.name        
'2-hydroxy-dATP diphosphatase,8-oxo-dGTPase,Nucleoside diphosphate-linked moiety X motif 1,Nudix motif 1' 
# 
_entity_poly.entity_id                      1 
_entity_poly.type                           'polypeptide(L)' 
_entity_poly.nstd_linkage                   no 
_entity_poly.nstd_monomer                   no 
_entity_poly.pdbx_seq_one_letter_code       
;MKHHHHHHPMSDYDIPTTENLYFQGAMGASRLYTLVLVLQPQRVLLGMKKRGFGAGRWNGFGGKVQEGETIEDGARRELQ
EESGLTVDALHKVGQIVFEFVGEPELMDVHVFCTDSIQGTPVESDEMRPCWFQLDQIPFKDMWPDDSYWFPLLLQKKKFH
GYFKFQGQDTILDYTLREVDTV
;
_entity_poly.pdbx_seq_one_letter_code_can   
;MKHHHHHHPMSDYDIPTTENLYFQGAMGASRLYTLVLVLQPQRVLLGMKKRGFGAGRWNGFGGKVQEGETIEDGARRELQ
EESGLTVDALHKVGQIVFEFVGEPELMDVHVFCTDSIQGTPVESDEMRPCWFQLDQIPFKDMWPDDSYWFPLLLQKKKFH
GYFKFQGQDTILDYTLREVDTV
;
_entity_poly.pdbx_strand_id                 A 
_entity_poly.pdbx_target_identifier         ? 
# 
loop_
_pdbx_entity_nonpoly.entity_id 
_pdbx_entity_nonpoly.name 
_pdbx_entity_nonpoly.comp_id 
2 3-pyrrolidin-1-ylquinoxalin-2-amine EV2 
3 'ACETATE ION'                       ACT 
4 'SULFATE ION'                       SO4 
5 water                               HOH 
# 
loop_
_entity_poly_seq.entity_id 
_entity_poly_seq.num 
_entity_poly_seq.mon_id 
_entity_poly_seq.hetero 
1 1   MET n 
1 2   LYS n 
1 3   HIS n 
1 4   HIS n 
1 5   HIS n 
1 6   HIS n 
1 7   HIS n 
1 8   HIS n 
1 9   PRO n 
1 10  MET n 
1 11  SER n 
1 12  ASP n 
1 13  TYR n 
1 14  ASP n 
1 15  ILE n 
1 16  PRO n 
1 17  THR n 
1 18  THR n 
1 19  GLU n 
1 20  ASN n 
1 21  LEU n 
1 22  TYR n 
1 23  PHE n 
1 24  GLN n 
1 25  GLY n 
1 26  ALA n 
1 27  MET n 
1 28  GLY n 
1 29  ALA n 
1 30  SER n 
1 31  ARG n 
1 32  LEU n 
1 33  TYR n 
1 34  THR n 
1 35  LEU n 
1 36  VAL n 
1 37  LEU n 
1 38  VAL n 
1 39  LEU n 
1 40  GLN n 
1 41  PRO n 
1 42  GLN n 
1 43  ARG n 
1 44  VAL n 
1 45  LEU n 
1 46  LEU n 
1 47  GLY n 
1 48  MET n 
1 49  LYS n 
1 50  LYS n 
1 51  ARG n 
1 52  GLY n 
1 53  PHE n 
1 54  GLY n 
1 55  ALA n 
1 56  GLY n 
1 57  ARG n 
1 58  TRP n 
1 59  ASN n 
1 60  GLY n 
1 61  PHE n 
1 62  GLY n 
1 63  GLY n 
1 64  LYS n 
1 65  VAL n 
1 66  GLN n 
1 67  GLU n 
1 68  GLY n 
1 69  GLU n 
1 70  THR n 
1 71  ILE n 
1 72  GLU n 
1 73  ASP n 
1 74  GLY n 
1 75  ALA n 
1 76  ARG n 
1 77  ARG n 
1 78  GLU n 
1 79  LEU n 
1 80  GLN n 
1 81  GLU n 
1 82  GLU n 
1 83  SER n 
1 84  GLY n 
1 85  LEU n 
1 86  THR n 
1 87  VAL n 
1 88  ASP n 
1 89  ALA n 
1 90  LEU n 
1 91  HIS n 
1 92  LYS n 
1 93  VAL n 
1 94  GLY n 
1 95  GLN n 
1 96  ILE n 
1 97  VAL n 
1 98  PHE n 
1 99  GLU n 
1 100 PHE n 
1 101 VAL n 
1 102 GLY n 
1 103 GLU n 
1 104 PRO n 
1 105 GLU n 
1 106 LEU n 
1 107 MET n 
1 108 ASP n 
1 109 VAL n 
1 110 HIS n 
1 111 VAL n 
1 112 PHE n 
1 113 CYS n 
1 114 THR n 
1 115 ASP n 
1 116 SER n 
1 117 ILE n 
1 118 GLN n 
1 119 GLY n 
1 120 THR n 
1 121 PRO n 
1 122 VAL n 
1 123 GLU n 
1 124 SER n 
1 125 ASP n 
1 126 GLU n 
1 127 MET n 
1 128 ARG n 
1 129 PRO n 
1 130 CYS n 
1 131 TRP n 
1 132 PHE n 
1 133 GLN n 
1 134 LEU n 
1 135 ASP n 
1 136 GLN n 
1 137 ILE n 
1 138 PRO n 
1 139 PHE n 
1 140 LYS n 
1 141 ASP n 
1 142 MET n 
1 143 TRP n 
1 144 PRO n 
1 145 ASP n 
1 146 ASP n 
1 147 SER n 
1 148 TYR n 
1 149 TRP n 
1 150 PHE n 
1 151 PRO n 
1 152 LEU n 
1 153 LEU n 
1 154 LEU n 
1 155 GLN n 
1 156 LYS n 
1 157 LYS n 
1 158 LYS n 
1 159 PHE n 
1 160 HIS n 
1 161 GLY n 
1 162 TYR n 
1 163 PHE n 
1 164 LYS n 
1 165 PHE n 
1 166 GLN n 
1 167 GLY n 
1 168 GLN n 
1 169 ASP n 
1 170 THR n 
1 171 ILE n 
1 172 LEU n 
1 173 ASP n 
1 174 TYR n 
1 175 THR n 
1 176 LEU n 
1 177 ARG n 
1 178 GLU n 
1 179 VAL n 
1 180 ASP n 
1 181 THR n 
1 182 VAL n 
# 
_entity_src_gen.entity_id                          1 
_entity_src_gen.pdbx_src_id                        1 
_entity_src_gen.pdbx_alt_source_flag               sample 
_entity_src_gen.pdbx_seq_type                      'Biological sequence' 
_entity_src_gen.pdbx_beg_seq_num                   1 
_entity_src_gen.pdbx_end_seq_num                   182 
_entity_src_gen.gene_src_common_name               Human 
_entity_src_gen.gene_src_genus                     ? 
_entity_src_gen.pdbx_gene_src_gene                 'NUDT1, MTH1' 
_entity_src_gen.gene_src_species                   ? 
_entity_src_gen.gene_src_strain                    ? 
_entity_src_gen.gene_src_tissue                    ? 
_entity_src_gen.gene_src_tissue_fraction           ? 
_entity_src_gen.gene_src_details                   ? 
_entity_src_gen.pdbx_gene_src_fragment             ? 
_entity_src_gen.pdbx_gene_src_scientific_name      'Homo sapiens' 
_entity_src_gen.pdbx_gene_src_ncbi_taxonomy_id     9606 
_entity_src_gen.pdbx_gene_src_variant              ? 
_entity_src_gen.pdbx_gene_src_cell_line            ? 
_entity_src_gen.pdbx_gene_src_atcc                 ? 
_entity_src_gen.pdbx_gene_src_organ                ? 
_entity_src_gen.pdbx_gene_src_organelle            ? 
_entity_src_gen.pdbx_gene_src_cell                 ? 
_entity_src_gen.pdbx_gene_src_cellular_location    ? 
_entity_src_gen.host_org_common_name               ? 
_entity_src_gen.pdbx_host_org_scientific_name      'Escherichia coli BL21(DE3)' 
_entity_src_gen.pdbx_host_org_ncbi_taxonomy_id     469008 
_entity_src_gen.host_org_genus                     ? 
_entity_src_gen.pdbx_host_org_gene                 ? 
_entity_src_gen.pdbx_host_org_organ                ? 
_entity_src_gen.host_org_species                   ? 
_entity_src_gen.pdbx_host_org_tissue               ? 
_entity_src_gen.pdbx_host_org_tissue_fraction      ? 
_entity_src_gen.pdbx_host_org_strain               ? 
_entity_src_gen.pdbx_host_org_variant              ? 
_entity_src_gen.pdbx_host_org_cell_line            ? 
_entity_src_gen.pdbx_host_org_atcc                 ? 
_entity_src_gen.pdbx_host_org_culture_collection   ? 
_entity_src_gen.pdbx_host_org_cell                 ? 
_entity_src_gen.pdbx_host_org_organelle            ? 
_entity_src_gen.pdbx_host_org_cellular_location    ? 
_entity_src_gen.pdbx_host_org_vector_type          ? 
_entity_src_gen.pdbx_host_org_vector               ? 
_entity_src_gen.host_org_details                   ? 
_entity_src_gen.expression_system_id               ? 
_entity_src_gen.plasmid_name                       ? 
_entity_src_gen.plasmid_details                    ? 
_entity_src_gen.pdbx_description                   ? 
# 
loop_
_chem_comp.id 
_chem_comp.type 
_chem_comp.mon_nstd_flag 
_chem_comp.name 
_chem_comp.pdbx_synonyms 
_chem_comp.formula 
_chem_comp.formula_weight 
ACT non-polymer         . 'ACETATE ION'                       ? 'C2 H3 O2 -1'    59.044  
ALA 'L-peptide linking' y ALANINE                             ? 'C3 H7 N O2'     89.093  
ARG 'L-peptide linking' y ARGININE                            ? 'C6 H15 N4 O2 1' 175.209 
ASN 'L-peptide linking' y ASPARAGINE                          ? 'C4 H8 N2 O3'    132.118 
ASP 'L-peptide linking' y 'ASPARTIC ACID'                     ? 'C4 H7 N O4'     133.103 
CYS 'L-peptide linking' y CYSTEINE                            ? 'C3 H7 N O2 S'   121.158 
EV2 non-polymer         . 3-pyrrolidin-1-ylquinoxalin-2-amine ? 'C12 H14 N4'     214.266 
GLN 'L-peptide linking' y GLUTAMINE                           ? 'C5 H10 N2 O3'   146.144 
GLU 'L-peptide linking' y 'GLUTAMIC ACID'                     ? 'C5 H9 N O4'     147.129 
GLY 'peptide linking'   y GLYCINE                             ? 'C2 H5 N O2'     75.067  
HIS 'L-peptide linking' y HISTIDINE                           ? 'C6 H10 N3 O2 1' 156.162 
HOH non-polymer         . WATER                               ? 'H2 O'           18.015  
ILE 'L-peptide linking' y ISOLEUCINE                          ? 'C6 H13 N O2'    131.173 
LEU 'L-peptide linking' y LEUCINE                             ? 'C6 H13 N O2'    131.173 
LYS 'L-peptide linking' y LYSINE                              ? 'C6 H15 N2 O2 1' 147.195 
MET 'L-peptide linking' y METHIONINE                          ? 'C5 H11 N O2 S'  149.211 
PHE 'L-peptide linking' y PHENYLALANINE                       ? 'C9 H11 N O2'    165.189 
PRO 'L-peptide linking' y PROLINE                             ? 'C5 H9 N O2'     115.130 
SER 'L-peptide linking' y SERINE                              ? 'C3 H7 N O3'     105.093 
SO4 non-polymer         . 'SULFATE ION'                       ? 'O4 S -2'        96.063  
THR 'L-peptide linking' y THREONINE                           ? 'C4 H9 N O3'     119.119 
TRP 'L-peptide linking' y TRYPTOPHAN                          ? 'C11 H12 N2 O2'  204.225 
TYR 'L-peptide linking' y TYROSINE                            ? 'C9 H11 N O3'    181.189 
VAL 'L-peptide linking' y VALINE                              ? 'C5 H11 N O2'    117.146 
# 
loop_
_pdbx_poly_seq_scheme.asym_id 
_pdbx_poly_seq_scheme.entity_id 
_pdbx_poly_seq_scheme.seq_id 
_pdbx_poly_seq_scheme.mon_id 
_pdbx_poly_seq_scheme.ndb_seq_num 
_pdbx_poly_seq_scheme.pdb_seq_num 
_pdbx_poly_seq_scheme.auth_seq_num 
_pdbx_poly_seq_scheme.pdb_mon_id 
_pdbx_poly_seq_scheme.auth_mon_id 
_pdbx_poly_seq_scheme.pdb_strand_id 
_pdbx_poly_seq_scheme.pdb_ins_code 
_pdbx_poly_seq_scheme.hetero 
A 1 1   MET 1   -25 ?   ?   ?   A . n 
A 1 2   LYS 2   -24 ?   ?   ?   A . n 
A 1 3   HIS 3   -23 ?   ?   ?   A . n 
A 1 4   HIS 4   -22 ?   ?   ?   A . n 
A 1 5   HIS 5   -21 ?   ?   ?   A . n 
A 1 6   HIS 6   -20 ?   ?   ?   A . n 
A 1 7   HIS 7   -19 ?   ?   ?   A . n 
A 1 8   HIS 8   -18 ?   ?   ?   A . n 
A 1 9   PRO 9   -17 ?   ?   ?   A . n 
A 1 10  MET 10  -16 ?   ?   ?   A . n 
A 1 11  SER 11  -15 ?   ?   ?   A . n 
A 1 12  ASP 12  -14 ?   ?   ?   A . n 
A 1 13  TYR 13  -13 ?   ?   ?   A . n 
A 1 14  ASP 14  -12 ?   ?   ?   A . n 
A 1 15  ILE 15  -11 ?   ?   ?   A . n 
A 1 16  PRO 16  -10 ?   ?   ?   A . n 
A 1 17  THR 17  -9  ?   ?   ?   A . n 
A 1 18  THR 18  -8  ?   ?   ?   A . n 
A 1 19  GLU 19  -7  ?   ?   ?   A . n 
A 1 20  ASN 20  -6  ?   ?   ?   A . n 
A 1 21  LEU 21  -5  ?   ?   ?   A . n 
A 1 22  TYR 22  -4  ?   ?   ?   A . n 
A 1 23  PHE 23  -3  ?   ?   ?   A . n 
A 1 24  GLN 24  -2  ?   ?   ?   A . n 
A 1 25  GLY 25  -1  ?   ?   ?   A . n 
A 1 26  ALA 26  0   ?   ?   ?   A . n 
A 1 27  MET 27  1   ?   ?   ?   A . n 
A 1 28  GLY 28  2   ?   ?   ?   A . n 
A 1 29  ALA 29  3   3   ALA ALA A . n 
A 1 30  SER 30  4   4   SER SER A . n 
A 1 31  ARG 31  5   5   ARG ARG A . n 
A 1 32  LEU 32  6   6   LEU LEU A . n 
A 1 33  TYR 33  7   7   TYR TYR A . n 
A 1 34  THR 34  8   8   THR THR A . n 
A 1 35  LEU 35  9   9   LEU LEU A . n 
A 1 36  VAL 36  10  10  VAL VAL A . n 
A 1 37  LEU 37  11  11  LEU LEU A . n 
A 1 38  VAL 38  12  12  VAL VAL A . n 
A 1 39  LEU 39  13  13  LEU LEU A . n 
A 1 40  GLN 40  14  14  GLN GLN A . n 
A 1 41  PRO 41  15  15  PRO PRO A . n 
A 1 42  GLN 42  16  16  GLN GLN A . n 
A 1 43  ARG 43  17  17  ARG ARG A . n 
A 1 44  VAL 44  18  18  VAL VAL A . n 
A 1 45  LEU 45  19  19  LEU LEU A . n 
A 1 46  LEU 46  20  20  LEU LEU A . n 
A 1 47  GLY 47  21  21  GLY GLY A . n 
A 1 48  MET 48  22  22  MET MET A . n 
A 1 49  LYS 49  23  23  LYS LYS A . n 
A 1 50  LYS 50  24  24  LYS LYS A . n 
A 1 51  ARG 51  25  25  ARG ARG A . n 
A 1 52  GLY 52  26  26  GLY GLY A . n 
A 1 53  PHE 53  27  27  PHE PHE A . n 
A 1 54  GLY 54  28  28  GLY GLY A . n 
A 1 55  ALA 55  29  29  ALA ALA A . n 
A 1 56  GLY 56  30  30  GLY GLY A . n 
A 1 57  ARG 57  31  31  ARG ARG A . n 
A 1 58  TRP 58  32  32  TRP TRP A . n 
A 1 59  ASN 59  33  33  ASN ASN A . n 
A 1 60  GLY 60  34  34  GLY GLY A . n 
A 1 61  PHE 61  35  35  PHE PHE A . n 
A 1 62  GLY 62  36  36  GLY GLY A . n 
A 1 63  GLY 63  37  37  GLY GLY A . n 
A 1 64  LYS 64  38  38  LYS LYS A . n 
A 1 65  VAL 65  39  39  VAL VAL A . n 
A 1 66  GLN 66  40  40  GLN GLN A . n 
A 1 67  GLU 67  41  41  GLU GLU A . n 
A 1 68  GLY 68  42  42  GLY GLY A . n 
A 1 69  GLU 69  43  43  GLU GLU A . n 
A 1 70  THR 70  44  44  THR THR A . n 
A 1 71  ILE 71  45  45  ILE ILE A . n 
A 1 72  GLU 72  46  46  GLU GLU A . n 
A 1 73  ASP 73  47  47  ASP ASP A . n 
A 1 74  GLY 74  48  48  GLY GLY A . n 
A 1 75  ALA 75  49  49  ALA ALA A . n 
A 1 76  ARG 76  50  50  ARG ARG A . n 
A 1 77  ARG 77  51  51  ARG ARG A . n 
A 1 78  GLU 78  52  52  GLU GLU A . n 
A 1 79  LEU 79  53  53  LEU LEU A . n 
A 1 80  GLN 80  54  54  GLN GLN A . n 
A 1 81  GLU 81  55  55  GLU GLU A . n 
A 1 82  GLU 82  56  56  GLU GLU A . n 
A 1 83  SER 83  57  57  SER SER A . n 
A 1 84  GLY 84  58  58  GLY GLY A . n 
A 1 85  LEU 85  59  59  LEU LEU A . n 
A 1 86  THR 86  60  60  THR THR A . n 
A 1 87  VAL 87  61  61  VAL VAL A . n 
A 1 88  ASP 88  62  62  ASP ASP A . n 
A 1 89  ALA 89  63  63  ALA ALA A . n 
A 1 90  LEU 90  64  64  LEU LEU A . n 
A 1 91  HIS 91  65  65  HIS HIS A . n 
A 1 92  LYS 92  66  66  LYS LYS A . n 
A 1 93  VAL 93  67  67  VAL VAL A . n 
A 1 94  GLY 94  68  68  GLY GLY A . n 
A 1 95  GLN 95  69  69  GLN GLN A . n 
A 1 96  ILE 96  70  70  ILE ILE A . n 
A 1 97  VAL 97  71  71  VAL VAL A . n 
A 1 98  PHE 98  72  72  PHE PHE A . n 
A 1 99  GLU 99  73  73  GLU GLU A . n 
A 1 100 PHE 100 74  74  PHE PHE A . n 
A 1 101 VAL 101 75  75  VAL VAL A . n 
A 1 102 GLY 102 76  76  GLY GLY A . n 
A 1 103 GLU 103 77  77  GLU GLU A . n 
A 1 104 PRO 104 78  78  PRO PRO A . n 
A 1 105 GLU 105 79  79  GLU GLU A . n 
A 1 106 LEU 106 80  80  LEU LEU A . n 
A 1 107 MET 107 81  81  MET MET A . n 
A 1 108 ASP 108 82  82  ASP ASP A . n 
A 1 109 VAL 109 83  83  VAL VAL A . n 
A 1 110 HIS 110 84  84  HIS HIS A . n 
A 1 111 VAL 111 85  85  VAL VAL A . n 
A 1 112 PHE 112 86  86  PHE PHE A . n 
A 1 113 CYS 113 87  87  CYS CYS A . n 
A 1 114 THR 114 88  88  THR THR A . n 
A 1 115 ASP 115 89  89  ASP ASP A . n 
A 1 116 SER 116 90  90  SER SER A . n 
A 1 117 ILE 117 91  91  ILE ILE A . n 
A 1 118 GLN 118 92  92  GLN GLN A . n 
A 1 119 GLY 119 93  93  GLY GLY A . n 
A 1 120 THR 120 94  94  THR THR A . n 
A 1 121 PRO 121 95  95  PRO PRO A . n 
A 1 122 VAL 122 96  96  VAL VAL A . n 
A 1 123 GLU 123 97  97  GLU GLU A . n 
A 1 124 SER 124 98  98  SER SER A . n 
A 1 125 ASP 125 99  99  ASP ASP A . n 
A 1 126 GLU 126 100 100 GLU GLU A . n 
A 1 127 MET 127 101 101 MET MET A . n 
A 1 128 ARG 128 102 102 ARG ARG A . n 
A 1 129 PRO 129 103 103 PRO PRO A . n 
A 1 130 CYS 130 104 104 CYS CYS A . n 
A 1 131 TRP 131 105 105 TRP TRP A . n 
A 1 132 PHE 132 106 106 PHE PHE A . n 
A 1 133 GLN 133 107 107 GLN GLN A . n 
A 1 134 LEU 134 108 108 LEU LEU A . n 
A 1 135 ASP 135 109 109 ASP ASP A . n 
A 1 136 GLN 136 110 110 GLN GLN A . n 
A 1 137 ILE 137 111 111 ILE ILE A . n 
A 1 138 PRO 138 112 112 PRO PRO A . n 
A 1 139 PHE 139 113 113 PHE PHE A . n 
A 1 140 LYS 140 114 114 LYS LYS A . n 
A 1 141 ASP 141 115 115 ASP ASP A . n 
A 1 142 MET 142 116 116 MET MET A . n 
A 1 143 TRP 143 117 117 TRP TRP A . n 
A 1 144 PRO 144 118 118 PRO PRO A . n 
A 1 145 ASP 145 119 119 ASP ASP A . n 
A 1 146 ASP 146 120 120 ASP ASP A . n 
A 1 147 SER 147 121 121 SER SER A . n 
A 1 148 TYR 148 122 122 TYR TYR A . n 
A 1 149 TRP 149 123 123 TRP TRP A . n 
A 1 150 PHE 150 124 124 PHE PHE A . n 
A 1 151 PRO 151 125 125 PRO PRO A . n 
A 1 152 LEU 152 126 126 LEU LEU A . n 
A 1 153 LEU 153 127 127 LEU LEU A . n 
A 1 154 LEU 154 128 128 LEU LEU A . n 
A 1 155 GLN 155 129 129 GLN GLN A . n 
A 1 156 LYS 156 130 130 LYS LYS A . n 
A 1 157 LYS 157 131 131 LYS LYS A . n 
A 1 158 LYS 158 132 132 LYS LYS A . n 
A 1 159 PHE 159 133 133 PHE PHE A . n 
A 1 160 HIS 160 134 134 HIS HIS A . n 
A 1 161 GLY 161 135 135 GLY GLY A . n 
A 1 162 TYR 162 136 136 TYR TYR A . n 
A 1 163 PHE 163 137 137 PHE PHE A . n 
A 1 164 LYS 164 138 138 LYS LYS A . n 
A 1 165 PHE 165 139 139 PHE PHE A . n 
A 1 166 GLN 166 140 140 GLN GLN A . n 
A 1 167 GLY 167 141 141 GLY GLY A . n 
A 1 168 GLN 168 142 142 GLN GLN A . n 
A 1 169 ASP 169 143 143 ASP ASP A . n 
A 1 170 THR 170 144 144 THR THR A . n 
A 1 171 ILE 171 145 145 ILE ILE A . n 
A 1 172 LEU 172 146 146 LEU LEU A . n 
A 1 173 ASP 173 147 147 ASP ASP A . n 
A 1 174 TYR 174 148 148 TYR TYR A . n 
A 1 175 THR 175 149 149 THR THR A . n 
A 1 176 LEU 176 150 150 LEU LEU A . n 
A 1 177 ARG 177 151 151 ARG ARG A . n 
A 1 178 GLU 178 152 152 GLU GLU A . n 
A 1 179 VAL 179 153 153 VAL VAL A . n 
A 1 180 ASP 180 154 154 ASP ASP A . n 
A 1 181 THR 181 155 155 THR THR A . n 
A 1 182 VAL 182 156 156 VAL VAL A . n 
# 
loop_
_pdbx_nonpoly_scheme.asym_id 
_pdbx_nonpoly_scheme.entity_id 
_pdbx_nonpoly_scheme.mon_id 
_pdbx_nonpoly_scheme.ndb_seq_num 
_pdbx_nonpoly_scheme.pdb_seq_num 
_pdbx_nonpoly_scheme.auth_seq_num 
_pdbx_nonpoly_scheme.pdb_mon_id 
_pdbx_nonpoly_scheme.auth_mon_id 
_pdbx_nonpoly_scheme.pdb_strand_id 
_pdbx_nonpoly_scheme.pdb_ins_code 
B 2 EV2 1   201 1   EV2 LIG A . 
C 3 ACT 1   202 2   ACT ACT A . 
D 4 SO4 1   203 1   SO4 SO4 A . 
E 5 HOH 1   301 95  HOH HOH A . 
E 5 HOH 2   302 30  HOH HOH A . 
E 5 HOH 3   303 32  HOH HOH A . 
E 5 HOH 4   304 43  HOH HOH A . 
E 5 HOH 5   305 68  HOH HOH A . 
E 5 HOH 6   306 88  HOH HOH A . 
E 5 HOH 7   307 8   HOH HOH A . 
E 5 HOH 8   308 11  HOH HOH A . 
E 5 HOH 9   309 34  HOH HOH A . 
E 5 HOH 10  310 53  HOH HOH A . 
E 5 HOH 11  311 28  HOH HOH A . 
E 5 HOH 12  312 71  HOH HOH A . 
E 5 HOH 13  313 7   HOH HOH A . 
E 5 HOH 14  314 27  HOH HOH A . 
E 5 HOH 15  315 1   HOH HOH A . 
E 5 HOH 16  316 10  HOH HOH A . 
E 5 HOH 17  317 2   HOH HOH A . 
E 5 HOH 18  318 58  HOH HOH A . 
E 5 HOH 19  319 16  HOH HOH A . 
E 5 HOH 20  320 12  HOH HOH A . 
E 5 HOH 21  321 5   HOH HOH A . 
E 5 HOH 22  322 18  HOH HOH A . 
E 5 HOH 23  323 33  HOH HOH A . 
E 5 HOH 24  324 44  HOH HOH A . 
E 5 HOH 25  325 20  HOH HOH A . 
E 5 HOH 26  326 29  HOH HOH A . 
E 5 HOH 27  327 6   HOH HOH A . 
E 5 HOH 28  328 26  HOH HOH A . 
E 5 HOH 29  329 15  HOH HOH A . 
E 5 HOH 30  330 13  HOH HOH A . 
E 5 HOH 31  331 21  HOH HOH A . 
E 5 HOH 32  332 60  HOH HOH A . 
E 5 HOH 33  333 14  HOH HOH A . 
E 5 HOH 34  334 24  HOH HOH A . 
E 5 HOH 35  335 77  HOH HOH A . 
E 5 HOH 36  336 72  HOH HOH A . 
E 5 HOH 37  337 9   HOH HOH A . 
E 5 HOH 38  338 3   HOH HOH A . 
E 5 HOH 39  339 4   HOH HOH A . 
E 5 HOH 40  340 25  HOH HOH A . 
E 5 HOH 41  341 85  HOH HOH A . 
E 5 HOH 42  342 36  HOH HOH A . 
E 5 HOH 43  343 22  HOH HOH A . 
E 5 HOH 44  344 17  HOH HOH A . 
E 5 HOH 45  345 57  HOH HOH A . 
E 5 HOH 46  346 35  HOH HOH A . 
E 5 HOH 47  347 63  HOH HOH A . 
E 5 HOH 48  348 52  HOH HOH A . 
E 5 HOH 49  349 31  HOH HOH A . 
E 5 HOH 50  350 61  HOH HOH A . 
E 5 HOH 51  351 59  HOH HOH A . 
E 5 HOH 52  352 56  HOH HOH A . 
E 5 HOH 53  353 74  HOH HOH A . 
E 5 HOH 54  354 42  HOH HOH A . 
E 5 HOH 55  355 73  HOH HOH A . 
E 5 HOH 56  356 45  HOH HOH A . 
E 5 HOH 57  357 48  HOH HOH A . 
E 5 HOH 58  358 94  HOH HOH A . 
E 5 HOH 59  359 76  HOH HOH A . 
E 5 HOH 60  360 100 HOH HOH A . 
E 5 HOH 61  361 55  HOH HOH A . 
E 5 HOH 62  362 105 HOH HOH A . 
E 5 HOH 63  363 91  HOH HOH A . 
E 5 HOH 64  364 97  HOH HOH A . 
E 5 HOH 65  365 99  HOH HOH A . 
E 5 HOH 66  366 80  HOH HOH A . 
E 5 HOH 67  367 66  HOH HOH A . 
E 5 HOH 68  368 90  HOH HOH A . 
E 5 HOH 69  369 89  HOH HOH A . 
E 5 HOH 70  370 51  HOH HOH A . 
E 5 HOH 71  371 54  HOH HOH A . 
E 5 HOH 72  372 82  HOH HOH A . 
E 5 HOH 73  373 41  HOH HOH A . 
E 5 HOH 74  374 50  HOH HOH A . 
E 5 HOH 75  375 49  HOH HOH A . 
E 5 HOH 76  376 78  HOH HOH A . 
E 5 HOH 77  377 70  HOH HOH A . 
E 5 HOH 78  378 92  HOH HOH A . 
E 5 HOH 79  379 87  HOH HOH A . 
E 5 HOH 80  380 103 HOH HOH A . 
E 5 HOH 81  381 96  HOH HOH A . 
E 5 HOH 82  382 79  HOH HOH A . 
E 5 HOH 83  383 67  HOH HOH A . 
E 5 HOH 84  384 62  HOH HOH A . 
E 5 HOH 85  385 19  HOH HOH A . 
E 5 HOH 86  386 23  HOH HOH A . 
E 5 HOH 87  387 81  HOH HOH A . 
E 5 HOH 88  388 64  HOH HOH A . 
E 5 HOH 89  389 86  HOH HOH A . 
E 5 HOH 90  390 46  HOH HOH A . 
E 5 HOH 91  391 104 HOH HOH A . 
E 5 HOH 92  392 69  HOH HOH A . 
E 5 HOH 93  393 84  HOH HOH A . 
E 5 HOH 94  394 37  HOH HOH A . 
E 5 HOH 95  395 47  HOH HOH A . 
E 5 HOH 96  396 75  HOH HOH A . 
E 5 HOH 97  397 101 HOH HOH A . 
E 5 HOH 98  398 40  HOH HOH A . 
E 5 HOH 99  399 39  HOH HOH A . 
E 5 HOH 100 400 83  HOH HOH A . 
# 
loop_
_pdbx_unobs_or_zero_occ_atoms.id 
_pdbx_unobs_or_zero_occ_atoms.PDB_model_num 
_pdbx_unobs_or_zero_occ_atoms.polymer_flag 
_pdbx_unobs_or_zero_occ_atoms.occupancy_flag 
_pdbx_unobs_or_zero_occ_atoms.auth_asym_id 
_pdbx_unobs_or_zero_occ_atoms.auth_comp_id 
_pdbx_unobs_or_zero_occ_atoms.auth_seq_id 
_pdbx_unobs_or_zero_occ_atoms.PDB_ins_code 
_pdbx_unobs_or_zero_occ_atoms.auth_atom_id 
_pdbx_unobs_or_zero_occ_atoms.label_alt_id 
_pdbx_unobs_or_zero_occ_atoms.label_asym_id 
_pdbx_unobs_or_zero_occ_atoms.label_comp_id 
_pdbx_unobs_or_zero_occ_atoms.label_seq_id 
_pdbx_unobs_or_zero_occ_atoms.label_atom_id 
1  1 Y 1 A ARG 5   ? NH2 ? A ARG 31  NH2 
2  1 Y 1 A GLN 16  ? CG  ? A GLN 42  CG  
3  1 Y 1 A GLN 16  ? CD  ? A GLN 42  CD  
4  1 Y 1 A GLN 16  ? OE1 ? A GLN 42  OE1 
5  1 Y 1 A GLN 16  ? NE2 ? A GLN 42  NE2 
6  1 Y 1 A LYS 24  ? NZ  ? A LYS 50  NZ  
7  1 Y 1 A ARG 25  ? CB  ? A ARG 51  CB  
8  1 Y 1 A ARG 25  ? CG  ? A ARG 51  CG  
9  1 Y 1 A ARG 25  ? CD  ? A ARG 51  CD  
10 1 Y 1 A ARG 25  ? NE  ? A ARG 51  NE  
11 1 Y 1 A ARG 25  ? CZ  ? A ARG 51  CZ  
12 1 Y 1 A ARG 25  ? NH1 ? A ARG 51  NH1 
13 1 Y 1 A ARG 25  ? NH2 ? A ARG 51  NH2 
14 1 Y 1 A LYS 38  ? CD  ? A LYS 64  CD  
15 1 Y 1 A LYS 38  ? CE  ? A LYS 64  CE  
16 1 Y 1 A LYS 38  ? NZ  ? A LYS 64  NZ  
17 1 Y 1 A GLU 46  ? CG  ? A GLU 72  CG  
18 1 Y 1 A GLU 46  ? CD  ? A GLU 72  CD  
19 1 Y 1 A GLU 46  ? OE1 ? A GLU 72  OE1 
20 1 Y 1 A GLU 46  ? OE2 ? A GLU 72  OE2 
21 1 Y 1 A ASP 62  ? CG  ? A ASP 88  CG  
22 1 Y 1 A ASP 62  ? OD1 ? A ASP 88  OD1 
23 1 Y 1 A ASP 62  ? OD2 ? A ASP 88  OD2 
24 1 Y 1 A LYS 66  ? CG  ? A LYS 92  CG  
25 1 Y 1 A LYS 66  ? CD  ? A LYS 92  CD  
26 1 Y 1 A LYS 66  ? CE  ? A LYS 92  CE  
27 1 Y 1 A LYS 66  ? NZ  ? A LYS 92  NZ  
28 1 Y 1 A VAL 75  ? CG1 ? A VAL 101 CG1 
29 1 Y 1 A VAL 75  ? CG2 ? A VAL 101 CG2 
30 1 Y 1 A ASP 89  ? CG  ? A ASP 115 CG  
31 1 Y 1 A ASP 89  ? OD1 ? A ASP 115 OD1 
32 1 Y 1 A ASP 89  ? OD2 ? A ASP 115 OD2 
33 1 Y 1 A GLU 100 ? CG  ? A GLU 126 CG  
34 1 Y 1 A GLU 100 ? CD  ? A GLU 126 CD  
35 1 Y 1 A GLU 100 ? OE1 ? A GLU 126 OE1 
36 1 Y 1 A GLU 100 ? OE2 ? A GLU 126 OE2 
37 1 Y 1 A LYS 114 ? CG  ? A LYS 140 CG  
38 1 Y 1 A LYS 114 ? CD  ? A LYS 140 CD  
39 1 Y 1 A LYS 114 ? CE  ? A LYS 140 CE  
40 1 Y 1 A LYS 114 ? NZ  ? A LYS 140 NZ  
41 1 Y 1 A LYS 130 ? CD  ? A LYS 156 CD  
42 1 Y 1 A LYS 130 ? CE  ? A LYS 156 CE  
43 1 Y 1 A LYS 130 ? NZ  ? A LYS 156 NZ  
44 1 Y 1 A LYS 131 ? CE  ? A LYS 157 CE  
45 1 Y 1 A LYS 131 ? NZ  ? A LYS 157 NZ  
46 1 Y 1 A LYS 138 ? CE  ? A LYS 164 CE  
47 1 Y 1 A LYS 138 ? NZ  ? A LYS 164 NZ  
48 1 Y 1 A GLN 142 ? CG  ? A GLN 168 CG  
49 1 Y 1 A GLN 142 ? CD  ? A GLN 168 CD  
50 1 Y 1 A GLN 142 ? OE1 ? A GLN 168 OE1 
51 1 Y 1 A GLN 142 ? NE2 ? A GLN 168 NE2 
# 
loop_
_software.citation_id 
_software.classification 
_software.compiler_name 
_software.compiler_version 
_software.contact_author 
_software.contact_author_email 
_software.date 
_software.description 
_software.dependencies 
_software.hardware 
_software.language 
_software.location 
_software.mods 
_software.name 
_software.os 
_software.os_version 
_software.type 
_software.version 
_software.pdbx_ordinal 
? refinement       ? ? ? ? ? ? ? ? ? ? ? PHENIX ? ? ? . 1 
? 'data reduction' ? ? ? ? ? ? ? ? ? ? ? XDS    ? ? ? . 2 
? phasing          ? ? ? ? ? ? ? ? ? ? ? PHASER ? ? ? . 3 
# 
_cell.angle_alpha                  90.00 
_cell.angle_alpha_esd              ? 
_cell.angle_beta                   90.00 
_cell.angle_beta_esd               ? 
_cell.angle_gamma                  90.00 
_cell.angle_gamma_esd              ? 
_cell.entry_id                     6EQ6 
_cell.details                      ? 
_cell.formula_units_Z              ? 
_cell.length_a                     60.467 
_cell.length_a_esd                 ? 
_cell.length_b                     66.955 
_cell.length_b_esd                 ? 
_cell.length_c                     36.161 
_cell.length_c_esd                 ? 
_cell.volume                       ? 
_cell.volume_esd                   ? 
_cell.Z_PDB                        4 
_cell.reciprocal_angle_alpha       ? 
_cell.reciprocal_angle_beta        ? 
_cell.reciprocal_angle_gamma       ? 
_cell.reciprocal_angle_alpha_esd   ? 
_cell.reciprocal_angle_beta_esd    ? 
_cell.reciprocal_angle_gamma_esd   ? 
_cell.reciprocal_length_a          ? 
_cell.reciprocal_length_b          ? 
_cell.reciprocal_length_c          ? 
_cell.reciprocal_length_a_esd      ? 
_cell.reciprocal_length_b_esd      ? 
_cell.reciprocal_length_c_esd      ? 
_cell.pdbx_unique_axis             ? 
# 
_symmetry.entry_id                         6EQ6 
_symmetry.cell_setting                     ? 
_symmetry.Int_Tables_number                18 
_symmetry.space_group_name_Hall            ? 
_symmetry.space_group_name_H-M             'P 21 21 2' 
_symmetry.pdbx_full_space_group_name_H-M   ? 
# 
_exptl.absorpt_coefficient_mu     ? 
_exptl.absorpt_correction_T_max   ? 
_exptl.absorpt_correction_T_min   ? 
_exptl.absorpt_correction_type    ? 
_exptl.absorpt_process_details    ? 
_exptl.entry_id                   6EQ6 
_exptl.crystals_number            1 
_exptl.details                    ? 
_exptl.method                     'X-RAY DIFFRACTION' 
_exptl.method_details             ? 
# 
_exptl_crystal.colour                      ? 
_exptl_crystal.density_diffrn              ? 
_exptl_crystal.density_Matthews            1.73 
_exptl_crystal.density_method              ? 
_exptl_crystal.density_percent_sol         ? 
_exptl_crystal.description                 ? 
_exptl_crystal.F_000                       ? 
_exptl_crystal.id                          1 
_exptl_crystal.preparation                 ? 
_exptl_crystal.size_max                    ? 
_exptl_crystal.size_mid                    ? 
_exptl_crystal.size_min                    ? 
_exptl_crystal.size_rad                    ? 
_exptl_crystal.colour_lustre               ? 
_exptl_crystal.colour_modifier             ? 
_exptl_crystal.colour_primary              ? 
_exptl_crystal.density_meas                ? 
_exptl_crystal.density_meas_esd            ? 
_exptl_crystal.density_meas_gt             ? 
_exptl_crystal.density_meas_lt             ? 
_exptl_crystal.density_meas_temp           ? 
_exptl_crystal.density_meas_temp_esd       ? 
_exptl_crystal.density_meas_temp_gt        ? 
_exptl_crystal.density_meas_temp_lt        ? 
_exptl_crystal.pdbx_crystal_image_url      ? 
_exptl_crystal.pdbx_crystal_image_format   ? 
_exptl_crystal.pdbx_mosaicity              ? 
_exptl_crystal.pdbx_mosaicity_esd          ? 
# 
_exptl_crystal_grow.apparatus       ? 
_exptl_crystal_grow.atmosphere      ? 
_exptl_crystal_grow.crystal_id      1 
_exptl_crystal_grow.details         ? 
_exptl_crystal_grow.method          'VAPOR DIFFUSION, HANGING DROP' 
_exptl_crystal_grow.method_ref      ? 
_exptl_crystal_grow.pH              4.5 
_exptl_crystal_grow.pressure        ? 
_exptl_crystal_grow.pressure_esd    ? 
_exptl_crystal_grow.seeding         ? 
_exptl_crystal_grow.seeding_ref     ? 
_exptl_crystal_grow.temp            293 
_exptl_crystal_grow.temp_details    ? 
_exptl_crystal_grow.temp_esd        ? 
_exptl_crystal_grow.time            ? 
_exptl_crystal_grow.pdbx_details    '23 % PEG3350, 0.2 M LI2SO4, 0.1 M SODIUM ACETATE PH 4.5' 
_exptl_crystal_grow.pdbx_pH_range   ? 
# 
_diffrn.ambient_environment    ? 
_diffrn.ambient_temp           100 
_diffrn.ambient_temp_details   ? 
_diffrn.ambient_temp_esd       ? 
_diffrn.crystal_id             1 
_diffrn.crystal_support        ? 
_diffrn.crystal_treatment      ? 
_diffrn.details                ? 
_diffrn.id                     1 
_diffrn.ambient_pressure       ? 
_diffrn.ambient_pressure_esd   ? 
_diffrn.ambient_pressure_gt    ? 
_diffrn.ambient_pressure_lt    ? 
_diffrn.ambient_temp_gt        ? 
_diffrn.ambient_temp_lt        ? 
# 
_diffrn_detector.details                      ? 
_diffrn_detector.detector                     PIXEL 
_diffrn_detector.diffrn_id                    1 
_diffrn_detector.type                         'DECTRIS EIGER X 16M' 
_diffrn_detector.area_resol_mean              ? 
_diffrn_detector.dtime                        ? 
_diffrn_detector.pdbx_frames_total            ? 
_diffrn_detector.pdbx_collection_time_total   ? 
_diffrn_detector.pdbx_collection_date         2017-05-12 
# 
_diffrn_radiation.collimation                      ? 
_diffrn_radiation.diffrn_id                        1 
_diffrn_radiation.filter_edge                      ? 
_diffrn_radiation.inhomogeneity                    ? 
_diffrn_radiation.monochromator                    ? 
_diffrn_radiation.polarisn_norm                    ? 
_diffrn_radiation.polarisn_ratio                   ? 
_diffrn_radiation.probe                            ? 
_diffrn_radiation.type                             ? 
_diffrn_radiation.xray_symbol                      ? 
_diffrn_radiation.wavelength_id                    1 
_diffrn_radiation.pdbx_monochromatic_or_laue_m_l   M 
_diffrn_radiation.pdbx_wavelength_list             ? 
_diffrn_radiation.pdbx_wavelength                  ? 
_diffrn_radiation.pdbx_diffrn_protocol             'SINGLE WAVELENGTH' 
_diffrn_radiation.pdbx_analyzer                    ? 
_diffrn_radiation.pdbx_scattering_type             x-ray 
# 
_diffrn_radiation_wavelength.id           1 
_diffrn_radiation_wavelength.wavelength   1 
_diffrn_radiation_wavelength.wt           1.0 
# 
_diffrn_source.current                     ? 
_diffrn_source.details                     ? 
_diffrn_source.diffrn_id                   1 
_diffrn_source.power                       ? 
_diffrn_source.size                        ? 
_diffrn_source.source                      SYNCHROTRON 
_diffrn_source.target                      ? 
_diffrn_source.type                        'SLS BEAMLINE X06SA' 
_diffrn_source.voltage                     ? 
_diffrn_source.take-off_angle              ? 
_diffrn_source.pdbx_wavelength_list        1 
_diffrn_source.pdbx_wavelength             ? 
_diffrn_source.pdbx_synchrotron_beamline   X06SA 
_diffrn_source.pdbx_synchrotron_site       SLS 
# 
_reflns.B_iso_Wilson_estimate            ? 
_reflns.entry_id                         6EQ6 
_reflns.data_reduction_details           ? 
_reflns.data_reduction_method            ? 
_reflns.d_resolution_high                2.00 
_reflns.d_resolution_low                 50.00 
_reflns.details                          ? 
_reflns.limit_h_max                      ? 
_reflns.limit_h_min                      ? 
_reflns.limit_k_max                      ? 
_reflns.limit_k_min                      ? 
_reflns.limit_l_max                      ? 
_reflns.limit_l_min                      ? 
_reflns.number_all                       ? 
_reflns.number_obs                       17674 
_reflns.observed_criterion               ? 
_reflns.observed_criterion_F_max         ? 
_reflns.observed_criterion_F_min         ? 
_reflns.observed_criterion_I_max         ? 
_reflns.observed_criterion_I_min         ? 
_reflns.observed_criterion_sigma_F       ? 
_reflns.observed_criterion_sigma_I       ? 
_reflns.percent_possible_obs             92.4 
_reflns.R_free_details                   ? 
_reflns.Rmerge_F_all                     ? 
_reflns.Rmerge_F_obs                     ? 
_reflns.Friedel_coverage                 ? 
_reflns.number_gt                        ? 
_reflns.threshold_expression             ? 
_reflns.pdbx_redundancy                  1.8 
_reflns.pdbx_Rmerge_I_obs                ? 
_reflns.pdbx_Rmerge_I_all                ? 
_reflns.pdbx_Rsym_value                  ? 
_reflns.pdbx_netI_over_av_sigmaI         ? 
_reflns.pdbx_netI_over_sigmaI            12.65 
_reflns.pdbx_res_netI_over_av_sigmaI_2   ? 
_reflns.pdbx_res_netI_over_sigmaI_2      ? 
_reflns.pdbx_chi_squared                 ? 
_reflns.pdbx_scaling_rejects             ? 
_reflns.pdbx_d_res_high_opt              ? 
_reflns.pdbx_d_res_low_opt               ? 
_reflns.pdbx_d_res_opt_method            ? 
_reflns.phase_calculation_details        ? 
_reflns.pdbx_Rrim_I_all                  0.054 
_reflns.pdbx_Rpim_I_all                  ? 
_reflns.pdbx_d_opt                       ? 
_reflns.pdbx_number_measured_all         ? 
_reflns.pdbx_diffrn_id                   1 
_reflns.pdbx_ordinal                     1 
_reflns.pdbx_CC_half                     0.998 
_reflns.pdbx_R_split                     ? 
# 
_reflns_shell.d_res_high                  2.00 
_reflns_shell.d_res_low                   2.12 
_reflns_shell.meanI_over_sigI_all         ? 
_reflns_shell.meanI_over_sigI_obs         4.64 
_reflns_shell.number_measured_all         ? 
_reflns_shell.number_measured_obs         ? 
_reflns_shell.number_possible             ? 
_reflns_shell.number_unique_all           ? 
_reflns_shell.number_unique_obs           2798 
_reflns_shell.percent_possible_all        91.3 
_reflns_shell.percent_possible_obs        ? 
_reflns_shell.Rmerge_F_all                ? 
_reflns_shell.Rmerge_F_obs                ? 
_reflns_shell.Rmerge_I_all                ? 
_reflns_shell.Rmerge_I_obs                ? 
_reflns_shell.meanI_over_sigI_gt          ? 
_reflns_shell.meanI_over_uI_all           ? 
_reflns_shell.meanI_over_uI_gt            ? 
_reflns_shell.number_measured_gt          ? 
_reflns_shell.number_unique_gt            ? 
_reflns_shell.percent_possible_gt         ? 
_reflns_shell.Rmerge_F_gt                 ? 
_reflns_shell.Rmerge_I_gt                 ? 
_reflns_shell.pdbx_redundancy             1.74 
_reflns_shell.pdbx_Rsym_value             ? 
_reflns_shell.pdbx_chi_squared            ? 
_reflns_shell.pdbx_netI_over_sigmaI_all   ? 
_reflns_shell.pdbx_netI_over_sigmaI_obs   ? 
_reflns_shell.pdbx_Rrim_I_all             0.249 
_reflns_shell.pdbx_Rpim_I_all             ? 
_reflns_shell.pdbx_rejects                ? 
_reflns_shell.pdbx_ordinal                1 
_reflns_shell.pdbx_diffrn_id              1 
_reflns_shell.pdbx_CC_half                0.935 
_reflns_shell.pdbx_R_split                ? 
# 
_refine.aniso_B[1][1]                            ? 
_refine.aniso_B[1][2]                            ? 
_refine.aniso_B[1][3]                            ? 
_refine.aniso_B[2][2]                            ? 
_refine.aniso_B[2][3]                            ? 
_refine.aniso_B[3][3]                            ? 
_refine.B_iso_max                                ? 
_refine.B_iso_mean                               ? 
_refine.B_iso_min                                ? 
_refine.correlation_coeff_Fo_to_Fc               ? 
_refine.correlation_coeff_Fo_to_Fc_free          ? 
_refine.details                                  ? 
_refine.diff_density_max                         ? 
_refine.diff_density_max_esd                     ? 
_refine.diff_density_min                         ? 
_refine.diff_density_min_esd                     ? 
_refine.diff_density_rms                         ? 
_refine.diff_density_rms_esd                     ? 
_refine.entry_id                                 6EQ6 
_refine.pdbx_refine_id                           'X-RAY DIFFRACTION' 
_refine.ls_abs_structure_details                 ? 
_refine.ls_abs_structure_Flack                   ? 
_refine.ls_abs_structure_Flack_esd               ? 
_refine.ls_abs_structure_Rogers                  ? 
_refine.ls_abs_structure_Rogers_esd              ? 
_refine.ls_d_res_high                            2.002 
_refine.ls_d_res_low                             44.876 
_refine.ls_extinction_coef                       ? 
_refine.ls_extinction_coef_esd                   ? 
_refine.ls_extinction_expression                 ? 
_refine.ls_extinction_method                     ? 
_refine.ls_goodness_of_fit_all                   ? 
_refine.ls_goodness_of_fit_all_esd               ? 
_refine.ls_goodness_of_fit_obs                   ? 
_refine.ls_goodness_of_fit_obs_esd               ? 
_refine.ls_hydrogen_treatment                    ? 
_refine.ls_matrix_type                           ? 
_refine.ls_number_constraints                    ? 
_refine.ls_number_parameters                     ? 
_refine.ls_number_reflns_all                     ? 
_refine.ls_number_reflns_obs                     10061 
_refine.ls_number_reflns_R_free                  1007 
_refine.ls_number_reflns_R_work                  ? 
_refine.ls_number_restraints                     ? 
_refine.ls_percent_reflns_obs                    96.91 
_refine.ls_percent_reflns_R_free                 10.01 
_refine.ls_R_factor_all                          ? 
_refine.ls_R_factor_obs                          0.2035 
_refine.ls_R_factor_R_free                       0.2547 
_refine.ls_R_factor_R_free_error                 ? 
_refine.ls_R_factor_R_free_error_details         ? 
_refine.ls_R_factor_R_work                       0.1979 
_refine.ls_R_Fsqd_factor_obs                     ? 
_refine.ls_R_I_factor_obs                        ? 
_refine.ls_redundancy_reflns_all                 ? 
_refine.ls_redundancy_reflns_obs                 ? 
_refine.ls_restrained_S_all                      ? 
_refine.ls_restrained_S_obs                      ? 
_refine.ls_shift_over_esd_max                    ? 
_refine.ls_shift_over_esd_mean                   ? 
_refine.ls_structure_factor_coef                 ? 
_refine.ls_weighting_details                     ? 
_refine.ls_weighting_scheme                      ? 
_refine.ls_wR_factor_all                         ? 
_refine.ls_wR_factor_obs                         ? 
_refine.ls_wR_factor_R_free                      ? 
_refine.ls_wR_factor_R_work                      ? 
_refine.occupancy_max                            ? 
_refine.occupancy_min                            ? 
_refine.solvent_model_details                    ? 
_refine.solvent_model_param_bsol                 ? 
_refine.solvent_model_param_ksol                 ? 
_refine.ls_R_factor_gt                           ? 
_refine.ls_goodness_of_fit_gt                    ? 
_refine.ls_goodness_of_fit_ref                   ? 
_refine.ls_shift_over_su_max                     ? 
_refine.ls_shift_over_su_max_lt                  ? 
_refine.ls_shift_over_su_mean                    ? 
_refine.ls_shift_over_su_mean_lt                 ? 
_refine.pdbx_ls_sigma_I                          ? 
_refine.pdbx_ls_sigma_F                          1.41 
_refine.pdbx_ls_sigma_Fsqd                       ? 
_refine.pdbx_data_cutoff_high_absF               ? 
_refine.pdbx_data_cutoff_high_rms_absF           ? 
_refine.pdbx_data_cutoff_low_absF                ? 
_refine.pdbx_isotropic_thermal_model             ? 
_refine.pdbx_ls_cross_valid_method               'FREE R-VALUE' 
_refine.pdbx_method_to_determine_struct          'MOLECULAR REPLACEMENT' 
_refine.pdbx_starting_model                      ? 
_refine.pdbx_stereochemistry_target_values       ? 
_refine.pdbx_R_Free_selection_details            ? 
_refine.pdbx_stereochem_target_val_spec_case     ? 
_refine.pdbx_overall_ESU_R                       ? 
_refine.pdbx_overall_ESU_R_Free                  ? 
_refine.pdbx_solvent_vdw_probe_radii             1.11 
_refine.pdbx_solvent_ion_probe_radii             ? 
_refine.pdbx_solvent_shrinkage_radii             0.90 
_refine.pdbx_real_space_R                        ? 
_refine.pdbx_density_correlation                 ? 
_refine.pdbx_pd_number_of_powder_patterns        ? 
_refine.pdbx_pd_number_of_points                 ? 
_refine.pdbx_pd_meas_number_of_points            ? 
_refine.pdbx_pd_proc_ls_prof_R_factor            ? 
_refine.pdbx_pd_proc_ls_prof_wR_factor           ? 
_refine.pdbx_pd_Marquardt_correlation_coeff      ? 
_refine.pdbx_pd_Fsqrd_R_factor                   ? 
_refine.pdbx_pd_ls_matrix_band_width             ? 
_refine.pdbx_overall_phase_error                 25.69 
_refine.pdbx_overall_SU_R_free_Cruickshank_DPI   ? 
_refine.pdbx_overall_SU_R_free_Blow_DPI          ? 
_refine.pdbx_overall_SU_R_Blow_DPI               ? 
_refine.pdbx_TLS_residual_ADP_flag               ? 
_refine.pdbx_diffrn_id                           1 
_refine.overall_SU_B                             ? 
_refine.overall_SU_ML                            0.22 
_refine.overall_SU_R_Cruickshank_DPI             ? 
_refine.overall_SU_R_free                        ? 
_refine.overall_FOM_free_R_set                   ? 
_refine.overall_FOM_work_R_set                   ? 
_refine.pdbx_average_fsc_overall                 ? 
_refine.pdbx_average_fsc_work                    ? 
_refine.pdbx_average_fsc_free                    ? 
# 
_refine_hist.pdbx_refine_id                   'X-RAY DIFFRACTION' 
_refine_hist.cycle_id                         LAST 
_refine_hist.pdbx_number_atoms_protein        1203 
_refine_hist.pdbx_number_atoms_nucleic_acid   0 
_refine_hist.pdbx_number_atoms_ligand         25 
_refine_hist.number_atoms_solvent             100 
_refine_hist.number_atoms_total               1328 
_refine_hist.d_res_high                       2.002 
_refine_hist.d_res_low                        44.876 
# 
loop_
_refine_ls_restr.pdbx_refine_id 
_refine_ls_restr.criterion 
_refine_ls_restr.dev_ideal 
_refine_ls_restr.dev_ideal_target 
_refine_ls_restr.number 
_refine_ls_restr.rejects 
_refine_ls_restr.type 
_refine_ls_restr.weight 
_refine_ls_restr.pdbx_restraint_function 
'X-RAY DIFFRACTION' ? 0.006  ? 1276 ? f_bond_d           ? ? 
'X-RAY DIFFRACTION' ? 0.778  ? 1736 ? f_angle_d          ? ? 
'X-RAY DIFFRACTION' ? 14.580 ? 728  ? f_dihedral_angle_d ? ? 
'X-RAY DIFFRACTION' ? 0.055  ? 181  ? f_chiral_restr     ? ? 
'X-RAY DIFFRACTION' ? 0.005  ? 227  ? f_plane_restr      ? ? 
# 
loop_
_refine_ls_shell.pdbx_refine_id 
_refine_ls_shell.d_res_high 
_refine_ls_shell.d_res_low 
_refine_ls_shell.number_reflns_all 
_refine_ls_shell.number_reflns_obs 
_refine_ls_shell.number_reflns_R_free 
_refine_ls_shell.number_reflns_R_work 
_refine_ls_shell.percent_reflns_obs 
_refine_ls_shell.percent_reflns_R_free 
_refine_ls_shell.R_factor_all 
_refine_ls_shell.R_factor_obs 
_refine_ls_shell.R_factor_R_free 
_refine_ls_shell.R_factor_R_free_error 
_refine_ls_shell.R_factor_R_work 
_refine_ls_shell.redundancy_reflns_all 
_refine_ls_shell.redundancy_reflns_obs 
_refine_ls_shell.wR_factor_all 
_refine_ls_shell.wR_factor_obs 
_refine_ls_shell.wR_factor_R_free 
_refine_ls_shell.wR_factor_R_work 
_refine_ls_shell.pdbx_total_number_of_bins_used 
_refine_ls_shell.pdbx_phase_error 
_refine_ls_shell.pdbx_fsc_work 
_refine_ls_shell.pdbx_fsc_free 
'X-RAY DIFFRACTION' 2.0019 2.1074  . . 139 1248 96.00 . . . 0.2618 . 0.1917 . . . . . . . . . . 
'X-RAY DIFFRACTION' 2.1074 2.2394  . . 144 1298 99.00 . . . 0.2700 . 0.1929 . . . . . . . . . . 
'X-RAY DIFFRACTION' 2.2394 2.4123  . . 141 1277 98.00 . . . 0.2715 . 0.1976 . . . . . . . . . . 
'X-RAY DIFFRACTION' 2.4123 2.6551  . . 143 1277 97.00 . . . 0.2903 . 0.2147 . . . . . . . . . . 
'X-RAY DIFFRACTION' 2.6551 3.0392  . . 148 1327 99.00 . . . 0.2766 . 0.2063 . . . . . . . . . . 
'X-RAY DIFFRACTION' 3.0392 3.8287  . . 140 1274 95.00 . . . 0.2410 . 0.1933 . . . . . . . . . . 
'X-RAY DIFFRACTION' 3.8287 44.8868 . . 152 1353 94.00 . . . 0.2360 . 0.1949 . . . . . . . . . . 
# 
_struct.entry_id                     6EQ6 
_struct.title                        'MTH1 in complex with fragment 1' 
_struct.pdbx_model_details           ? 
_struct.pdbx_formula_weight          ? 
_struct.pdbx_formula_weight_method   ? 
_struct.pdbx_model_type_details      ? 
_struct.pdbx_CASP_flag               N 
# 
_struct_keywords.entry_id        6EQ6 
_struct_keywords.text            'Inhibitor, Complex, Hydrolase, DNA repair, Fragment' 
_struct_keywords.pdbx_keywords   HYDROLASE 
# 
loop_
_struct_asym.id 
_struct_asym.pdbx_blank_PDB_chainid_flag 
_struct_asym.pdbx_modified 
_struct_asym.entity_id 
_struct_asym.details 
A N N 1 ? 
B N N 2 ? 
C N N 3 ? 
D N N 4 ? 
E N N 5 ? 
# 
_struct_ref.id                         1 
_struct_ref.db_name                    UNP 
_struct_ref.db_code                    8ODP_HUMAN 
_struct_ref.pdbx_db_accession          P36639 
_struct_ref.pdbx_db_isoform            ? 
_struct_ref.entity_id                  1 
_struct_ref.pdbx_seq_one_letter_code   
;MGASRLYTLVLVLQPQRVLLGMKKRGFGAGRWNGFGGKVQEGETIEDGARRELQEESGLTVDALHKVGQIVFEFVGEPEL
MDVHVFCTDSIQGTPVESDEMRPCWFQLDQIPFKDMWPDDSYWFPLLLQKKKFHGYFKFQGQDTILDYTLREVDTV
;
_struct_ref.pdbx_align_begin           42 
# 
_struct_ref_seq.align_id                      1 
_struct_ref_seq.ref_id                        1 
_struct_ref_seq.pdbx_PDB_id_code              6EQ6 
_struct_ref_seq.pdbx_strand_id                A 
_struct_ref_seq.seq_align_beg                 27 
_struct_ref_seq.pdbx_seq_align_beg_ins_code   ? 
_struct_ref_seq.seq_align_end                 182 
_struct_ref_seq.pdbx_seq_align_end_ins_code   ? 
_struct_ref_seq.pdbx_db_accession             P36639 
_struct_ref_seq.db_align_beg                  42 
_struct_ref_seq.pdbx_db_align_beg_ins_code    ? 
_struct_ref_seq.db_align_end                  197 
_struct_ref_seq.pdbx_db_align_end_ins_code    ? 
_struct_ref_seq.pdbx_auth_seq_align_beg       1 
_struct_ref_seq.pdbx_auth_seq_align_end       156 
# 
loop_
_struct_ref_seq_dif.align_id 
_struct_ref_seq_dif.pdbx_pdb_id_code 
_struct_ref_seq_dif.mon_id 
_struct_ref_seq_dif.pdbx_pdb_strand_id 
_struct_ref_seq_dif.seq_num 
_struct_ref_seq_dif.pdbx_pdb_ins_code 
_struct_ref_seq_dif.pdbx_seq_db_name 
_struct_ref_seq_dif.pdbx_seq_db_accession_code 
_struct_ref_seq_dif.db_mon_id 
_struct_ref_seq_dif.pdbx_seq_db_seq_num 
_struct_ref_seq_dif.details 
_struct_ref_seq_dif.pdbx_auth_seq_num 
_struct_ref_seq_dif.pdbx_ordinal 
1 6EQ6 MET A 1  ? UNP P36639 ? ? 'initiating methionine' -25 1  
1 6EQ6 LYS A 2  ? UNP P36639 ? ? 'expression tag'        -24 2  
1 6EQ6 HIS A 3  ? UNP P36639 ? ? 'expression tag'        -23 3  
1 6EQ6 HIS A 4  ? UNP P36639 ? ? 'expression tag'        -22 4  
1 6EQ6 HIS A 5  ? UNP P36639 ? ? 'expression tag'        -21 5  
1 6EQ6 HIS A 6  ? UNP P36639 ? ? 'expression tag'        -20 6  
1 6EQ6 HIS A 7  ? UNP P36639 ? ? 'expression tag'        -19 7  
1 6EQ6 HIS A 8  ? UNP P36639 ? ? 'expression tag'        -18 8  
1 6EQ6 PRO A 9  ? UNP P36639 ? ? 'expression tag'        -17 9  
1 6EQ6 MET A 10 ? UNP P36639 ? ? 'expression tag'        -16 10 
1 6EQ6 SER A 11 ? UNP P36639 ? ? 'expression tag'        -15 11 
1 6EQ6 ASP A 12 ? UNP P36639 ? ? 'expression tag'        -14 12 
1 6EQ6 TYR A 13 ? UNP P36639 ? ? 'expression tag'        -13 13 
1 6EQ6 ASP A 14 ? UNP P36639 ? ? 'expression tag'        -12 14 
1 6EQ6 ILE A 15 ? UNP P36639 ? ? 'expression tag'        -11 15 
1 6EQ6 PRO A 16 ? UNP P36639 ? ? 'expression tag'        -10 16 
1 6EQ6 THR A 17 ? UNP P36639 ? ? 'expression tag'        -9  17 
1 6EQ6 THR A 18 ? UNP P36639 ? ? 'expression tag'        -8  18 
1 6EQ6 GLU A 19 ? UNP P36639 ? ? 'expression tag'        -7  19 
1 6EQ6 ASN A 20 ? UNP P36639 ? ? 'expression tag'        -6  20 
1 6EQ6 LEU A 21 ? UNP P36639 ? ? 'expression tag'        -5  21 
1 6EQ6 TYR A 22 ? UNP P36639 ? ? 'expression tag'        -4  22 
1 6EQ6 PHE A 23 ? UNP P36639 ? ? 'expression tag'        -3  23 
1 6EQ6 GLN A 24 ? UNP P36639 ? ? 'expression tag'        -2  24 
1 6EQ6 GLY A 25 ? UNP P36639 ? ? 'expression tag'        -1  25 
1 6EQ6 ALA A 26 ? UNP P36639 ? ? 'expression tag'        0   26 
# 
_pdbx_struct_assembly.id                   1 
_pdbx_struct_assembly.details              author_and_software_defined_assembly 
_pdbx_struct_assembly.method_details       PISA 
_pdbx_struct_assembly.oligomeric_details   monomeric 
_pdbx_struct_assembly.oligomeric_count     1 
# 
loop_
_pdbx_struct_assembly_prop.biol_id 
_pdbx_struct_assembly_prop.type 
_pdbx_struct_assembly_prop.value 
_pdbx_struct_assembly_prop.details 
1 'ABSA (A^2)' 260  ? 
1 MORE         -9   ? 
1 'SSA (A^2)'  7820 ? 
# 
_pdbx_struct_assembly_gen.assembly_id       1 
_pdbx_struct_assembly_gen.oper_expression   1 
_pdbx_struct_assembly_gen.asym_id_list      A,B,C,D,E 
# 
_pdbx_struct_assembly_auth_evidence.id                     1 
_pdbx_struct_assembly_auth_evidence.assembly_id            1 
_pdbx_struct_assembly_auth_evidence.experimental_support   'gel filtration' 
_pdbx_struct_assembly_auth_evidence.details                ? 
# 
_pdbx_struct_oper_list.id                   1 
_pdbx_struct_oper_list.type                 'identity operation' 
_pdbx_struct_oper_list.name                 1_555 
_pdbx_struct_oper_list.symmetry_operation   x,y,z 
_pdbx_struct_oper_list.matrix[1][1]         1.0000000000 
_pdbx_struct_oper_list.matrix[1][2]         0.0000000000 
_pdbx_struct_oper_list.matrix[1][3]         0.0000000000 
_pdbx_struct_oper_list.vector[1]            0.0000000000 
_pdbx_struct_oper_list.matrix[2][1]         0.0000000000 
_pdbx_struct_oper_list.matrix[2][2]         1.0000000000 
_pdbx_struct_oper_list.matrix[2][3]         0.0000000000 
_pdbx_struct_oper_list.vector[2]            0.0000000000 
_pdbx_struct_oper_list.matrix[3][1]         0.0000000000 
_pdbx_struct_oper_list.matrix[3][2]         0.0000000000 
_pdbx_struct_oper_list.matrix[3][3]         1.0000000000 
_pdbx_struct_oper_list.vector[3]            0.0000000000 
# 
loop_
_struct_conf.conf_type_id 
_struct_conf.id 
_struct_conf.pdbx_PDB_helix_id 
_struct_conf.beg_label_comp_id 
_struct_conf.beg_label_asym_id 
_struct_conf.beg_label_seq_id 
_struct_conf.pdbx_beg_PDB_ins_code 
_struct_conf.end_label_comp_id 
_struct_conf.end_label_asym_id 
_struct_conf.end_label_seq_id 
_struct_conf.pdbx_end_PDB_ins_code 
_struct_conf.beg_auth_comp_id 
_struct_conf.beg_auth_asym_id 
_struct_conf.beg_auth_seq_id 
_struct_conf.end_auth_comp_id 
_struct_conf.end_auth_asym_id 
_struct_conf.end_auth_seq_id 
_struct_conf.pdbx_PDB_helix_class 
_struct_conf.details 
_struct_conf.pdbx_PDB_helix_length 
HELX_P HELX_P1 AA1 THR A 70  ? GLY A 84  ? THR A 44  GLY A 58  1 ? 15 
HELX_P HELX_P2 AA2 ASP A 135 ? ILE A 137 ? ASP A 109 ILE A 111 5 ? 3  
HELX_P HELX_P3 AA3 PRO A 138 ? MET A 142 ? PRO A 112 MET A 116 5 ? 5  
HELX_P HELX_P4 AA4 TRP A 143 ? PRO A 144 ? TRP A 117 PRO A 118 5 ? 2  
HELX_P HELX_P5 AA5 ASP A 145 ? GLN A 155 ? ASP A 119 GLN A 129 1 ? 11 
# 
_struct_conf_type.id          HELX_P 
_struct_conf_type.criteria    ? 
_struct_conf_type.reference   ? 
# 
loop_
_struct_sheet.id 
_struct_sheet.type 
_struct_sheet.number_strands 
_struct_sheet.details 
AA1 ? 4 ? 
AA2 ? 7 ? 
AA3 ? 2 ? 
# 
loop_
_struct_sheet_order.sheet_id 
_struct_sheet_order.range_id_1 
_struct_sheet_order.range_id_2 
_struct_sheet_order.offset 
_struct_sheet_order.sense 
AA1 1 2 ? anti-parallel 
AA1 2 3 ? anti-parallel 
AA2 1 2 ? anti-parallel 
AA2 2 3 ? anti-parallel 
AA2 4 5 ? anti-parallel 
AA2 5 6 ? parallel      
AA2 6 7 ? anti-parallel 
AA3 1 2 ? anti-parallel 
# 
loop_
_struct_sheet_range.sheet_id 
_struct_sheet_range.id 
_struct_sheet_range.beg_label_comp_id 
_struct_sheet_range.beg_label_asym_id 
_struct_sheet_range.beg_label_seq_id 
_struct_sheet_range.pdbx_beg_PDB_ins_code 
_struct_sheet_range.end_label_comp_id 
_struct_sheet_range.end_label_asym_id 
_struct_sheet_range.end_label_seq_id 
_struct_sheet_range.pdbx_end_PDB_ins_code 
_struct_sheet_range.beg_auth_comp_id 
_struct_sheet_range.beg_auth_asym_id 
_struct_sheet_range.beg_auth_seq_id 
_struct_sheet_range.end_auth_comp_id 
_struct_sheet_range.end_auth_asym_id 
_struct_sheet_range.end_auth_seq_id 
AA1 1 TRP A 58  ? ASN A 59  ? TRP A 32  ASN A 33  
AA1 2 ARG A 43  ? LYS A 49  ? ARG A 17  LYS A 23  
AA1 3 SER A 30  ? LEU A 39  ? SER A 4   LEU A 13  
AA1 4 MET A 127 ? GLN A 133 ? MET A 101 GLN A 107 
AA2 1 PHE A 61  ? LYS A 64  ? PHE A 35  LYS A 38  
AA2 2 SER A 30  ? LEU A 39  ? SER A 4   LEU A 13  
AA2 3 ARG A 43  ? LYS A 49  ? ARG A 17  LYS A 23  
AA2 4 LEU A 106 ? THR A 114 ? LEU A 80  THR A 88  
AA2 5 HIS A 91  ? PHE A 100 ? HIS A 65  PHE A 74  
AA2 6 LYS A 158 ? GLN A 166 ? LYS A 132 GLN A 140 
AA2 7 THR A 170 ? VAL A 179 ? THR A 144 VAL A 153 
AA3 1 THR A 86  ? VAL A 87  ? THR A 60  VAL A 61  
AA3 2 ILE A 117 ? GLN A 118 ? ILE A 91  GLN A 92  
# 
loop_
_pdbx_struct_sheet_hbond.sheet_id 
_pdbx_struct_sheet_hbond.range_id_1 
_pdbx_struct_sheet_hbond.range_id_2 
_pdbx_struct_sheet_hbond.range_1_label_atom_id 
_pdbx_struct_sheet_hbond.range_1_label_comp_id 
_pdbx_struct_sheet_hbond.range_1_label_asym_id 
_pdbx_struct_sheet_hbond.range_1_label_seq_id 
_pdbx_struct_sheet_hbond.range_1_PDB_ins_code 
_pdbx_struct_sheet_hbond.range_1_auth_atom_id 
_pdbx_struct_sheet_hbond.range_1_auth_comp_id 
_pdbx_struct_sheet_hbond.range_1_auth_asym_id 
_pdbx_struct_sheet_hbond.range_1_auth_seq_id 
_pdbx_struct_sheet_hbond.range_2_label_atom_id 
_pdbx_struct_sheet_hbond.range_2_label_comp_id 
_pdbx_struct_sheet_hbond.range_2_label_asym_id 
_pdbx_struct_sheet_hbond.range_2_label_seq_id 
_pdbx_struct_sheet_hbond.range_2_PDB_ins_code 
_pdbx_struct_sheet_hbond.range_2_auth_atom_id 
_pdbx_struct_sheet_hbond.range_2_auth_comp_id 
_pdbx_struct_sheet_hbond.range_2_auth_asym_id 
_pdbx_struct_sheet_hbond.range_2_auth_seq_id 
AA1 1 2 O ASN A 59  ? O ASN A 33  N GLY A 47  ? N GLY A 21  
AA1 2 3 O LEU A 45  ? O LEU A 19  N VAL A 38  ? N VAL A 12  
AA2 1 2 O PHE A 61  ? O PHE A 35  N VAL A 36  ? N VAL A 10  
AA2 2 3 N VAL A 38  ? N VAL A 12  O LEU A 45  ? O LEU A 19  
AA2 4 5 O VAL A 109 ? O VAL A 83  N ILE A 96  ? N ILE A 70  
AA2 5 6 N GLU A 99  ? N GLU A 73  O PHE A 165 ? O PHE A 139 
AA2 6 7 N LYS A 164 ? N LYS A 138 O LEU A 172 ? O LEU A 146 
AA3 1 2 N THR A 86  ? N THR A 60  O GLN A 118 ? O GLN A 92  
# 
loop_
_struct_site.id 
_struct_site.pdbx_evidence_code 
_struct_site.pdbx_auth_asym_id 
_struct_site.pdbx_auth_comp_id 
_struct_site.pdbx_auth_seq_id 
_struct_site.pdbx_auth_ins_code 
_struct_site.pdbx_num_residues 
_struct_site.details 
AC1 Software A EV2 201 ? 9 'binding site for residue EV2 A 201' 
AC2 Software A ACT 202 ? 2 'binding site for residue ACT A 202' 
AC3 Software A SO4 203 ? 3 'binding site for residue SO4 A 203' 
# 
loop_
_struct_site_gen.id 
_struct_site_gen.site_id 
_struct_site_gen.pdbx_num_res 
_struct_site_gen.label_comp_id 
_struct_site_gen.label_asym_id 
_struct_site_gen.label_seq_id 
_struct_site_gen.pdbx_auth_ins_code 
_struct_site_gen.auth_comp_id 
_struct_site_gen.auth_asym_id 
_struct_site_gen.auth_seq_id 
_struct_site_gen.label_atom_id 
_struct_site_gen.label_alt_id 
_struct_site_gen.symmetry 
_struct_site_gen.details 
1  AC1 9 LEU A 35  ? LEU A 9   . ? 1_555 ? 
2  AC1 9 ASN A 59  ? ASN A 33  . ? 1_555 ? 
3  AC1 9 PHE A 100 ? PHE A 74  . ? 1_555 ? 
4  AC1 9 TRP A 143 ? TRP A 117 . ? 1_555 ? 
5  AC1 9 ASP A 145 ? ASP A 119 . ? 1_555 ? 
6  AC1 9 ASP A 146 ? ASP A 120 . ? 1_555 ? 
7  AC1 9 PHE A 165 ? PHE A 139 . ? 1_555 ? 
8  AC1 9 GLN A 168 ? GLN A 142 . ? 1_555 ? 
9  AC1 9 HOH E .   ? HOH A 304 . ? 1_555 ? 
10 AC2 2 GLY A 119 ? GLY A 93  . ? 1_555 ? 
11 AC2 2 ARG A 177 ? ARG A 151 . ? 3_453 ? 
12 AC3 3 LEU A 90  ? LEU A 64  . ? 1_555 ? 
13 AC3 3 HIS A 91  ? HIS A 65  . ? 1_555 ? 
14 AC3 3 LYS A 92  ? LYS A 66  . ? 1_555 ? 
# 
loop_
_pdbx_validate_close_contact.id 
_pdbx_validate_close_contact.PDB_model_num 
_pdbx_validate_close_contact.auth_atom_id_1 
_pdbx_validate_close_contact.auth_asym_id_1 
_pdbx_validate_close_contact.auth_comp_id_1 
_pdbx_validate_close_contact.auth_seq_id_1 
_pdbx_validate_close_contact.PDB_ins_code_1 
_pdbx_validate_close_contact.label_alt_id_1 
_pdbx_validate_close_contact.auth_atom_id_2 
_pdbx_validate_close_contact.auth_asym_id_2 
_pdbx_validate_close_contact.auth_comp_id_2 
_pdbx_validate_close_contact.auth_seq_id_2 
_pdbx_validate_close_contact.PDB_ins_code_2 
_pdbx_validate_close_contact.label_alt_id_2 
_pdbx_validate_close_contact.dist 
1 1 O   A HOH 304 ? ? O A HOH 324 ? ? 2.05 
2 1 O   A HOH 333 ? ? O A HOH 385 ? ? 2.09 
3 1 O   A HOH 366 ? ? O A HOH 387 ? ? 2.09 
4 1 NH1 A ARG 151 ? ? O A HOH 301 ? ? 2.09 
5 1 OG1 A THR 60  ? ? O A HOH 302 ? ? 2.10 
# 
_pdbx_validate_symm_contact.id                1 
_pdbx_validate_symm_contact.PDB_model_num     1 
_pdbx_validate_symm_contact.auth_atom_id_1    OD2 
_pdbx_validate_symm_contact.auth_asym_id_1    A 
_pdbx_validate_symm_contact.auth_comp_id_1    ASP 
_pdbx_validate_symm_contact.auth_seq_id_1     99 
_pdbx_validate_symm_contact.PDB_ins_code_1    ? 
_pdbx_validate_symm_contact.label_alt_id_1    ? 
_pdbx_validate_symm_contact.site_symmetry_1   1_555 
_pdbx_validate_symm_contact.auth_atom_id_2    OH 
_pdbx_validate_symm_contact.auth_asym_id_2    A 
_pdbx_validate_symm_contact.auth_comp_id_2    TYR 
_pdbx_validate_symm_contact.auth_seq_id_2     122 
_pdbx_validate_symm_contact.PDB_ins_code_2    ? 
_pdbx_validate_symm_contact.label_alt_id_2    ? 
_pdbx_validate_symm_contact.site_symmetry_2   4_454 
_pdbx_validate_symm_contact.dist              2.11 
# 
loop_
_pdbx_validate_torsion.id 
_pdbx_validate_torsion.PDB_model_num 
_pdbx_validate_torsion.auth_comp_id 
_pdbx_validate_torsion.auth_asym_id 
_pdbx_validate_torsion.auth_seq_id 
_pdbx_validate_torsion.PDB_ins_code 
_pdbx_validate_torsion.label_alt_id 
_pdbx_validate_torsion.phi 
_pdbx_validate_torsion.psi 
1 1 ARG A 25  ? ? 173.72  169.33 
2 1 ASP A 62  ? ? -77.06  -94.96 
3 1 LEU A 150 ? ? -160.31 119.41 
# 
_pdbx_struct_special_symmetry.id              1 
_pdbx_struct_special_symmetry.PDB_model_num   1 
_pdbx_struct_special_symmetry.auth_asym_id    A 
_pdbx_struct_special_symmetry.auth_comp_id    HOH 
_pdbx_struct_special_symmetry.auth_seq_id     396 
_pdbx_struct_special_symmetry.PDB_ins_code    ? 
_pdbx_struct_special_symmetry.label_asym_id   E 
_pdbx_struct_special_symmetry.label_comp_id   HOH 
_pdbx_struct_special_symmetry.label_seq_id    . 
# 
loop_
_pdbx_distant_solvent_atoms.id 
_pdbx_distant_solvent_atoms.PDB_model_num 
_pdbx_distant_solvent_atoms.auth_atom_id 
_pdbx_distant_solvent_atoms.label_alt_id 
_pdbx_distant_solvent_atoms.auth_asym_id 
_pdbx_distant_solvent_atoms.auth_comp_id 
_pdbx_distant_solvent_atoms.auth_seq_id 
_pdbx_distant_solvent_atoms.PDB_ins_code 
_pdbx_distant_solvent_atoms.neighbor_macromolecule_distance 
_pdbx_distant_solvent_atoms.neighbor_ligand_distance 
1 1 O ? A HOH 399 ? 6.57 . 
2 1 O ? A HOH 400 ? 8.70 . 
# 
loop_
_pdbx_unobs_or_zero_occ_residues.id 
_pdbx_unobs_or_zero_occ_residues.PDB_model_num 
_pdbx_unobs_or_zero_occ_residues.polymer_flag 
_pdbx_unobs_or_zero_occ_residues.occupancy_flag 
_pdbx_unobs_or_zero_occ_residues.auth_asym_id 
_pdbx_unobs_or_zero_occ_residues.auth_comp_id 
_pdbx_unobs_or_zero_occ_residues.auth_seq_id 
_pdbx_unobs_or_zero_occ_residues.PDB_ins_code 
_pdbx_unobs_or_zero_occ_residues.label_asym_id 
_pdbx_unobs_or_zero_occ_residues.label_comp_id 
_pdbx_unobs_or_zero_occ_residues.label_seq_id 
1  1 Y 1 A MET -25 ? A MET 1  
2  1 Y 1 A LYS -24 ? A LYS 2  
3  1 Y 1 A HIS -23 ? A HIS 3  
4  1 Y 1 A HIS -22 ? A HIS 4  
5  1 Y 1 A HIS -21 ? A HIS 5  
6  1 Y 1 A HIS -20 ? A HIS 6  
7  1 Y 1 A HIS -19 ? A HIS 7  
8  1 Y 1 A HIS -18 ? A HIS 8  
9  1 Y 1 A PRO -17 ? A PRO 9  
10 1 Y 1 A MET -16 ? A MET 10 
11 1 Y 1 A SER -15 ? A SER 11 
12 1 Y 1 A ASP -14 ? A ASP 12 
13 1 Y 1 A TYR -13 ? A TYR 13 
14 1 Y 1 A ASP -12 ? A ASP 14 
15 1 Y 1 A ILE -11 ? A ILE 15 
16 1 Y 1 A PRO -10 ? A PRO 16 
17 1 Y 1 A THR -9  ? A THR 17 
18 1 Y 1 A THR -8  ? A THR 18 
19 1 Y 1 A GLU -7  ? A GLU 19 
20 1 Y 1 A ASN -6  ? A ASN 20 
21 1 Y 1 A LEU -5  ? A LEU 21 
22 1 Y 1 A TYR -4  ? A TYR 22 
23 1 Y 1 A PHE -3  ? A PHE 23 
24 1 Y 1 A GLN -2  ? A GLN 24 
25 1 Y 1 A GLY -1  ? A GLY 25 
26 1 Y 1 A ALA 0   ? A ALA 26 
27 1 Y 1 A MET 1   ? A MET 27 
28 1 Y 1 A GLY 2   ? A GLY 28 
# 
loop_
_chem_comp_atom.comp_id 
_chem_comp_atom.atom_id 
_chem_comp_atom.type_symbol 
_chem_comp_atom.pdbx_aromatic_flag 
_chem_comp_atom.pdbx_stereo_config 
_chem_comp_atom.pdbx_ordinal 
ACT C    C N N 1   
ACT O    O N N 2   
ACT OXT  O N N 3   
ACT CH3  C N N 4   
ACT H1   H N N 5   
ACT H2   H N N 6   
ACT H3   H N N 7   
ALA N    N N N 8   
ALA CA   C N S 9   
ALA C    C N N 10  
ALA O    O N N 11  
ALA CB   C N N 12  
ALA OXT  O N N 13  
ALA H    H N N 14  
ALA H2   H N N 15  
ALA HA   H N N 16  
ALA HB1  H N N 17  
ALA HB2  H N N 18  
ALA HB3  H N N 19  
ALA HXT  H N N 20  
ARG N    N N N 21  
ARG CA   C N S 22  
ARG C    C N N 23  
ARG O    O N N 24  
ARG CB   C N N 25  
ARG CG   C N N 26  
ARG CD   C N N 27  
ARG NE   N N N 28  
ARG CZ   C N N 29  
ARG NH1  N N N 30  
ARG NH2  N N N 31  
ARG OXT  O N N 32  
ARG H    H N N 33  
ARG H2   H N N 34  
ARG HA   H N N 35  
ARG HB2  H N N 36  
ARG HB3  H N N 37  
ARG HG2  H N N 38  
ARG HG3  H N N 39  
ARG HD2  H N N 40  
ARG HD3  H N N 41  
ARG HE   H N N 42  
ARG HH11 H N N 43  
ARG HH12 H N N 44  
ARG HH21 H N N 45  
ARG HH22 H N N 46  
ARG HXT  H N N 47  
ASN N    N N N 48  
ASN CA   C N S 49  
ASN C    C N N 50  
ASN O    O N N 51  
ASN CB   C N N 52  
ASN CG   C N N 53  
ASN OD1  O N N 54  
ASN ND2  N N N 55  
ASN OXT  O N N 56  
ASN H    H N N 57  
ASN H2   H N N 58  
ASN HA   H N N 59  
ASN HB2  H N N 60  
ASN HB3  H N N 61  
ASN HD21 H N N 62  
ASN HD22 H N N 63  
ASN HXT  H N N 64  
ASP N    N N N 65  
ASP CA   C N S 66  
ASP C    C N N 67  
ASP O    O N N 68  
ASP CB   C N N 69  
ASP CG   C N N 70  
ASP OD1  O N N 71  
ASP OD2  O N N 72  
ASP OXT  O N N 73  
ASP H    H N N 74  
ASP H2   H N N 75  
ASP HA   H N N 76  
ASP HB2  H N N 77  
ASP HB3  H N N 78  
ASP HD2  H N N 79  
ASP HXT  H N N 80  
CYS N    N N N 81  
CYS CA   C N R 82  
CYS C    C N N 83  
CYS O    O N N 84  
CYS CB   C N N 85  
CYS SG   S N N 86  
CYS OXT  O N N 87  
CYS H    H N N 88  
CYS H2   H N N 89  
CYS HA   H N N 90  
CYS HB2  H N N 91  
CYS HB3  H N N 92  
CYS HG   H N N 93  
CYS HXT  H N N 94  
EV2 N12  N N N 95  
EV2 C10  C Y N 96  
EV2 N8   N Y N 97  
EV2 C6   C Y N 98  
EV2 C4   C Y N 99  
EV2 C2   C Y N 100 
EV2 C9   C Y N 101 
EV2 N7   N Y N 102 
EV2 C5   C Y N 103 
EV2 C3   C Y N 104 
EV2 C1   C Y N 105 
EV2 N11  N N N 106 
EV2 C16  C N N 107 
EV2 C14  C N N 108 
EV2 C13  C N N 109 
EV2 C15  C N N 110 
EV2 HN12 H N N 111 
EV2 HN1A H N N 112 
EV2 H4   H N N 113 
EV2 H2   H N N 114 
EV2 H3   H N N 115 
EV2 H1   H N N 116 
EV2 H16  H N N 117 
EV2 H16A H N N 118 
EV2 H14  H N N 119 
EV2 H14A H N N 120 
EV2 H13  H N N 121 
EV2 H13A H N N 122 
EV2 H15  H N N 123 
EV2 H15A H N N 124 
GLN N    N N N 125 
GLN CA   C N S 126 
GLN C    C N N 127 
GLN O    O N N 128 
GLN CB   C N N 129 
GLN CG   C N N 130 
GLN CD   C N N 131 
GLN OE1  O N N 132 
GLN NE2  N N N 133 
GLN OXT  O N N 134 
GLN H    H N N 135 
GLN H2   H N N 136 
GLN HA   H N N 137 
GLN HB2  H N N 138 
GLN HB3  H N N 139 
GLN HG2  H N N 140 
GLN HG3  H N N 141 
GLN HE21 H N N 142 
GLN HE22 H N N 143 
GLN HXT  H N N 144 
GLU N    N N N 145 
GLU CA   C N S 146 
GLU C    C N N 147 
GLU O    O N N 148 
GLU CB   C N N 149 
GLU CG   C N N 150 
GLU CD   C N N 151 
GLU OE1  O N N 152 
GLU OE2  O N N 153 
GLU OXT  O N N 154 
GLU H    H N N 155 
GLU H2   H N N 156 
GLU HA   H N N 157 
GLU HB2  H N N 158 
GLU HB3  H N N 159 
GLU HG2  H N N 160 
GLU HG3  H N N 161 
GLU HE2  H N N 162 
GLU HXT  H N N 163 
GLY N    N N N 164 
GLY CA   C N N 165 
GLY C    C N N 166 
GLY O    O N N 167 
GLY OXT  O N N 168 
GLY H    H N N 169 
GLY H2   H N N 170 
GLY HA2  H N N 171 
GLY HA3  H N N 172 
GLY HXT  H N N 173 
HIS N    N N N 174 
HIS CA   C N S 175 
HIS C    C N N 176 
HIS O    O N N 177 
HIS CB   C N N 178 
HIS CG   C Y N 179 
HIS ND1  N Y N 180 
HIS CD2  C Y N 181 
HIS CE1  C Y N 182 
HIS NE2  N Y N 183 
HIS OXT  O N N 184 
HIS H    H N N 185 
HIS H2   H N N 186 
HIS HA   H N N 187 
HIS HB2  H N N 188 
HIS HB3  H N N 189 
HIS HD1  H N N 190 
HIS HD2  H N N 191 
HIS HE1  H N N 192 
HIS HE2  H N N 193 
HIS HXT  H N N 194 
HOH O    O N N 195 
HOH H1   H N N 196 
HOH H2   H N N 197 
ILE N    N N N 198 
ILE CA   C N S 199 
ILE C    C N N 200 
ILE O    O N N 201 
ILE CB   C N S 202 
ILE CG1  C N N 203 
ILE CG2  C N N 204 
ILE CD1  C N N 205 
ILE OXT  O N N 206 
ILE H    H N N 207 
ILE H2   H N N 208 
ILE HA   H N N 209 
ILE HB   H N N 210 
ILE HG12 H N N 211 
ILE HG13 H N N 212 
ILE HG21 H N N 213 
ILE HG22 H N N 214 
ILE HG23 H N N 215 
ILE HD11 H N N 216 
ILE HD12 H N N 217 
ILE HD13 H N N 218 
ILE HXT  H N N 219 
LEU N    N N N 220 
LEU CA   C N S 221 
LEU C    C N N 222 
LEU O    O N N 223 
LEU CB   C N N 224 
LEU CG   C N N 225 
LEU CD1  C N N 226 
LEU CD2  C N N 227 
LEU OXT  O N N 228 
LEU H    H N N 229 
LEU H2   H N N 230 
LEU HA   H N N 231 
LEU HB2  H N N 232 
LEU HB3  H N N 233 
LEU HG   H N N 234 
LEU HD11 H N N 235 
LEU HD12 H N N 236 
LEU HD13 H N N 237 
LEU HD21 H N N 238 
LEU HD22 H N N 239 
LEU HD23 H N N 240 
LEU HXT  H N N 241 
LYS N    N N N 242 
LYS CA   C N S 243 
LYS C    C N N 244 
LYS O    O N N 245 
LYS CB   C N N 246 
LYS CG   C N N 247 
LYS CD   C N N 248 
LYS CE   C N N 249 
LYS NZ   N N N 250 
LYS OXT  O N N 251 
LYS H    H N N 252 
LYS H2   H N N 253 
LYS HA   H N N 254 
LYS HB2  H N N 255 
LYS HB3  H N N 256 
LYS HG2  H N N 257 
LYS HG3  H N N 258 
LYS HD2  H N N 259 
LYS HD3  H N N 260 
LYS HE2  H N N 261 
LYS HE3  H N N 262 
LYS HZ1  H N N 263 
LYS HZ2  H N N 264 
LYS HZ3  H N N 265 
LYS HXT  H N N 266 
MET N    N N N 267 
MET CA   C N S 268 
MET C    C N N 269 
MET O    O N N 270 
MET CB   C N N 271 
MET CG   C N N 272 
MET SD   S N N 273 
MET CE   C N N 274 
MET OXT  O N N 275 
MET H    H N N 276 
MET H2   H N N 277 
MET HA   H N N 278 
MET HB2  H N N 279 
MET HB3  H N N 280 
MET HG2  H N N 281 
MET HG3  H N N 282 
MET HE1  H N N 283 
MET HE2  H N N 284 
MET HE3  H N N 285 
MET HXT  H N N 286 
PHE N    N N N 287 
PHE CA   C N S 288 
PHE C    C N N 289 
PHE O    O N N 290 
PHE CB   C N N 291 
PHE CG   C Y N 292 
PHE CD1  C Y N 293 
PHE CD2  C Y N 294 
PHE CE1  C Y N 295 
PHE CE2  C Y N 296 
PHE CZ   C Y N 297 
PHE OXT  O N N 298 
PHE H    H N N 299 
PHE H2   H N N 300 
PHE HA   H N N 301 
PHE HB2  H N N 302 
PHE HB3  H N N 303 
PHE HD1  H N N 304 
PHE HD2  H N N 305 
PHE HE1  H N N 306 
PHE HE2  H N N 307 
PHE HZ   H N N 308 
PHE HXT  H N N 309 
PRO N    N N N 310 
PRO CA   C N S 311 
PRO C    C N N 312 
PRO O    O N N 313 
PRO CB   C N N 314 
PRO CG   C N N 315 
PRO CD   C N N 316 
PRO OXT  O N N 317 
PRO H    H N N 318 
PRO HA   H N N 319 
PRO HB2  H N N 320 
PRO HB3  H N N 321 
PRO HG2  H N N 322 
PRO HG3  H N N 323 
PRO HD2  H N N 324 
PRO HD3  H N N 325 
PRO HXT  H N N 326 
SER N    N N N 327 
SER CA   C N S 328 
SER C    C N N 329 
SER O    O N N 330 
SER CB   C N N 331 
SER OG   O N N 332 
SER OXT  O N N 333 
SER H    H N N 334 
SER H2   H N N 335 
SER HA   H N N 336 
SER HB2  H N N 337 
SER HB3  H N N 338 
SER HG   H N N 339 
SER HXT  H N N 340 
SO4 S    S N N 341 
SO4 O1   O N N 342 
SO4 O2   O N N 343 
SO4 O3   O N N 344 
SO4 O4   O N N 345 
THR N    N N N 346 
THR CA   C N S 347 
THR C    C N N 348 
THR O    O N N 349 
THR CB   C N R 350 
THR OG1  O N N 351 
THR CG2  C N N 352 
THR OXT  O N N 353 
THR H    H N N 354 
THR H2   H N N 355 
THR HA   H N N 356 
THR HB   H N N 357 
THR HG1  H N N 358 
THR HG21 H N N 359 
THR HG22 H N N 360 
THR HG23 H N N 361 
THR HXT  H N N 362 
TRP N    N N N 363 
TRP CA   C N S 364 
TRP C    C N N 365 
TRP O    O N N 366 
TRP CB   C N N 367 
TRP CG   C Y N 368 
TRP CD1  C Y N 369 
TRP CD2  C Y N 370 
TRP NE1  N Y N 371 
TRP CE2  C Y N 372 
TRP CE3  C Y N 373 
TRP CZ2  C Y N 374 
TRP CZ3  C Y N 375 
TRP CH2  C Y N 376 
TRP OXT  O N N 377 
TRP H    H N N 378 
TRP H2   H N N 379 
TRP HA   H N N 380 
TRP HB2  H N N 381 
TRP HB3  H N N 382 
TRP HD1  H N N 383 
TRP HE1  H N N 384 
TRP HE3  H N N 385 
TRP HZ2  H N N 386 
TRP HZ3  H N N 387 
TRP HH2  H N N 388 
TRP HXT  H N N 389 
TYR N    N N N 390 
TYR CA   C N S 391 
TYR C    C N N 392 
TYR O    O N N 393 
TYR CB   C N N 394 
TYR CG   C Y N 395 
TYR CD1  C Y N 396 
TYR CD2  C Y N 397 
TYR CE1  C Y N 398 
TYR CE2  C Y N 399 
TYR CZ   C Y N 400 
TYR OH   O N N 401 
TYR OXT  O N N 402 
TYR H    H N N 403 
TYR H2   H N N 404 
TYR HA   H N N 405 
TYR HB2  H N N 406 
TYR HB3  H N N 407 
TYR HD1  H N N 408 
TYR HD2  H N N 409 
TYR HE1  H N N 410 
TYR HE2  H N N 411 
TYR HH   H N N 412 
TYR HXT  H N N 413 
VAL N    N N N 414 
VAL CA   C N S 415 
VAL C    C N N 416 
VAL O    O N N 417 
VAL CB   C N N 418 
VAL CG1  C N N 419 
VAL CG2  C N N 420 
VAL OXT  O N N 421 
VAL H    H N N 422 
VAL H2   H N N 423 
VAL HA   H N N 424 
VAL HB   H N N 425 
VAL HG11 H N N 426 
VAL HG12 H N N 427 
VAL HG13 H N N 428 
VAL HG21 H N N 429 
VAL HG22 H N N 430 
VAL HG23 H N N 431 
VAL HXT  H N N 432 
# 
loop_
_chem_comp_bond.comp_id 
_chem_comp_bond.atom_id_1 
_chem_comp_bond.atom_id_2 
_chem_comp_bond.value_order 
_chem_comp_bond.pdbx_aromatic_flag 
_chem_comp_bond.pdbx_stereo_config 
_chem_comp_bond.pdbx_ordinal 
ACT C   O    doub N N 1   
ACT C   OXT  sing N N 2   
ACT C   CH3  sing N N 3   
ACT CH3 H1   sing N N 4   
ACT CH3 H2   sing N N 5   
ACT CH3 H3   sing N N 6   
ALA N   CA   sing N N 7   
ALA N   H    sing N N 8   
ALA N   H2   sing N N 9   
ALA CA  C    sing N N 10  
ALA CA  CB   sing N N 11  
ALA CA  HA   sing N N 12  
ALA C   O    doub N N 13  
ALA C   OXT  sing N N 14  
ALA CB  HB1  sing N N 15  
ALA CB  HB2  sing N N 16  
ALA CB  HB3  sing N N 17  
ALA OXT HXT  sing N N 18  
ARG N   CA   sing N N 19  
ARG N   H    sing N N 20  
ARG N   H2   sing N N 21  
ARG CA  C    sing N N 22  
ARG CA  CB   sing N N 23  
ARG CA  HA   sing N N 24  
ARG C   O    doub N N 25  
ARG C   OXT  sing N N 26  
ARG CB  CG   sing N N 27  
ARG CB  HB2  sing N N 28  
ARG CB  HB3  sing N N 29  
ARG CG  CD   sing N N 30  
ARG CG  HG2  sing N N 31  
ARG CG  HG3  sing N N 32  
ARG CD  NE   sing N N 33  
ARG CD  HD2  sing N N 34  
ARG CD  HD3  sing N N 35  
ARG NE  CZ   sing N N 36  
ARG NE  HE   sing N N 37  
ARG CZ  NH1  sing N N 38  
ARG CZ  NH2  doub N N 39  
ARG NH1 HH11 sing N N 40  
ARG NH1 HH12 sing N N 41  
ARG NH2 HH21 sing N N 42  
ARG NH2 HH22 sing N N 43  
ARG OXT HXT  sing N N 44  
ASN N   CA   sing N N 45  
ASN N   H    sing N N 46  
ASN N   H2   sing N N 47  
ASN CA  C    sing N N 48  
ASN CA  CB   sing N N 49  
ASN CA  HA   sing N N 50  
ASN C   O    doub N N 51  
ASN C   OXT  sing N N 52  
ASN CB  CG   sing N N 53  
ASN CB  HB2  sing N N 54  
ASN CB  HB3  sing N N 55  
ASN CG  OD1  doub N N 56  
ASN CG  ND2  sing N N 57  
ASN ND2 HD21 sing N N 58  
ASN ND2 HD22 sing N N 59  
ASN OXT HXT  sing N N 60  
ASP N   CA   sing N N 61  
ASP N   H    sing N N 62  
ASP N   H2   sing N N 63  
ASP CA  C    sing N N 64  
ASP CA  CB   sing N N 65  
ASP CA  HA   sing N N 66  
ASP C   O    doub N N 67  
ASP C   OXT  sing N N 68  
ASP CB  CG   sing N N 69  
ASP CB  HB2  sing N N 70  
ASP CB  HB3  sing N N 71  
ASP CG  OD1  doub N N 72  
ASP CG  OD2  sing N N 73  
ASP OD2 HD2  sing N N 74  
ASP OXT HXT  sing N N 75  
CYS N   CA   sing N N 76  
CYS N   H    sing N N 77  
CYS N   H2   sing N N 78  
CYS CA  C    sing N N 79  
CYS CA  CB   sing N N 80  
CYS CA  HA   sing N N 81  
CYS C   O    doub N N 82  
CYS C   OXT  sing N N 83  
CYS CB  SG   sing N N 84  
CYS CB  HB2  sing N N 85  
CYS CB  HB3  sing N N 86  
CYS SG  HG   sing N N 87  
CYS OXT HXT  sing N N 88  
EV2 N12 C10  sing N N 89  
EV2 C10 N8   doub Y N 90  
EV2 C10 C9   sing Y N 91  
EV2 N8  C6   sing Y N 92  
EV2 C6  C4   doub Y N 93  
EV2 C6  C5   sing Y N 94  
EV2 C4  C2   sing Y N 95  
EV2 C2  C1   doub Y N 96  
EV2 C9  N7   doub Y N 97  
EV2 C9  N11  sing N N 98  
EV2 N7  C5   sing Y N 99  
EV2 C5  C3   doub Y N 100 
EV2 C3  C1   sing Y N 101 
EV2 N11 C16  sing N N 102 
EV2 N11 C15  sing N N 103 
EV2 C16 C14  sing N N 104 
EV2 C14 C13  sing N N 105 
EV2 C13 C15  sing N N 106 
EV2 N12 HN12 sing N N 107 
EV2 N12 HN1A sing N N 108 
EV2 C4  H4   sing N N 109 
EV2 C2  H2   sing N N 110 
EV2 C3  H3   sing N N 111 
EV2 C1  H1   sing N N 112 
EV2 C16 H16  sing N N 113 
EV2 C16 H16A sing N N 114 
EV2 C14 H14  sing N N 115 
EV2 C14 H14A sing N N 116 
EV2 C13 H13  sing N N 117 
EV2 C13 H13A sing N N 118 
EV2 C15 H15  sing N N 119 
EV2 C15 H15A sing N N 120 
GLN N   CA   sing N N 121 
GLN N   H    sing N N 122 
GLN N   H2   sing N N 123 
GLN CA  C    sing N N 124 
GLN CA  CB   sing N N 125 
GLN CA  HA   sing N N 126 
GLN C   O    doub N N 127 
GLN C   OXT  sing N N 128 
GLN CB  CG   sing N N 129 
GLN CB  HB2  sing N N 130 
GLN CB  HB3  sing N N 131 
GLN CG  CD   sing N N 132 
GLN CG  HG2  sing N N 133 
GLN CG  HG3  sing N N 134 
GLN CD  OE1  doub N N 135 
GLN CD  NE2  sing N N 136 
GLN NE2 HE21 sing N N 137 
GLN NE2 HE22 sing N N 138 
GLN OXT HXT  sing N N 139 
GLU N   CA   sing N N 140 
GLU N   H    sing N N 141 
GLU N   H2   sing N N 142 
GLU CA  C    sing N N 143 
GLU CA  CB   sing N N 144 
GLU CA  HA   sing N N 145 
GLU C   O    doub N N 146 
GLU C   OXT  sing N N 147 
GLU CB  CG   sing N N 148 
GLU CB  HB2  sing N N 149 
GLU CB  HB3  sing N N 150 
GLU CG  CD   sing N N 151 
GLU CG  HG2  sing N N 152 
GLU CG  HG3  sing N N 153 
GLU CD  OE1  doub N N 154 
GLU CD  OE2  sing N N 155 
GLU OE2 HE2  sing N N 156 
GLU OXT HXT  sing N N 157 
GLY N   CA   sing N N 158 
GLY N   H    sing N N 159 
GLY N   H2   sing N N 160 
GLY CA  C    sing N N 161 
GLY CA  HA2  sing N N 162 
GLY CA  HA3  sing N N 163 
GLY C   O    doub N N 164 
GLY C   OXT  sing N N 165 
GLY OXT HXT  sing N N 166 
HIS N   CA   sing N N 167 
HIS N   H    sing N N 168 
HIS N   H2   sing N N 169 
HIS CA  C    sing N N 170 
HIS CA  CB   sing N N 171 
HIS CA  HA   sing N N 172 
HIS C   O    doub N N 173 
HIS C   OXT  sing N N 174 
HIS CB  CG   sing N N 175 
HIS CB  HB2  sing N N 176 
HIS CB  HB3  sing N N 177 
HIS CG  ND1  sing Y N 178 
HIS CG  CD2  doub Y N 179 
HIS ND1 CE1  doub Y N 180 
HIS ND1 HD1  sing N N 181 
HIS CD2 NE2  sing Y N 182 
HIS CD2 HD2  sing N N 183 
HIS CE1 NE2  sing Y N 184 
HIS CE1 HE1  sing N N 185 
HIS NE2 HE2  sing N N 186 
HIS OXT HXT  sing N N 187 
HOH O   H1   sing N N 188 
HOH O   H2   sing N N 189 
ILE N   CA   sing N N 190 
ILE N   H    sing N N 191 
ILE N   H2   sing N N 192 
ILE CA  C    sing N N 193 
ILE CA  CB   sing N N 194 
ILE CA  HA   sing N N 195 
ILE C   O    doub N N 196 
ILE C   OXT  sing N N 197 
ILE CB  CG1  sing N N 198 
ILE CB  CG2  sing N N 199 
ILE CB  HB   sing N N 200 
ILE CG1 CD1  sing N N 201 
ILE CG1 HG12 sing N N 202 
ILE CG1 HG13 sing N N 203 
ILE CG2 HG21 sing N N 204 
ILE CG2 HG22 sing N N 205 
ILE CG2 HG23 sing N N 206 
ILE CD1 HD11 sing N N 207 
ILE CD1 HD12 sing N N 208 
ILE CD1 HD13 sing N N 209 
ILE OXT HXT  sing N N 210 
LEU N   CA   sing N N 211 
LEU N   H    sing N N 212 
LEU N   H2   sing N N 213 
LEU CA  C    sing N N 214 
LEU CA  CB   sing N N 215 
LEU CA  HA   sing N N 216 
LEU C   O    doub N N 217 
LEU C   OXT  sing N N 218 
LEU CB  CG   sing N N 219 
LEU CB  HB2  sing N N 220 
LEU CB  HB3  sing N N 221 
LEU CG  CD1  sing N N 222 
LEU CG  CD2  sing N N 223 
LEU CG  HG   sing N N 224 
LEU CD1 HD11 sing N N 225 
LEU CD1 HD12 sing N N 226 
LEU CD1 HD13 sing N N 227 
LEU CD2 HD21 sing N N 228 
LEU CD2 HD22 sing N N 229 
LEU CD2 HD23 sing N N 230 
LEU OXT HXT  sing N N 231 
LYS N   CA   sing N N 232 
LYS N   H    sing N N 233 
LYS N   H2   sing N N 234 
LYS CA  C    sing N N 235 
LYS CA  CB   sing N N 236 
LYS CA  HA   sing N N 237 
LYS C   O    doub N N 238 
LYS C   OXT  sing N N 239 
LYS CB  CG   sing N N 240 
LYS CB  HB2  sing N N 241 
LYS CB  HB3  sing N N 242 
LYS CG  CD   sing N N 243 
LYS CG  HG2  sing N N 244 
LYS CG  HG3  sing N N 245 
LYS CD  CE   sing N N 246 
LYS CD  HD2  sing N N 247 
LYS CD  HD3  sing N N 248 
LYS CE  NZ   sing N N 249 
LYS CE  HE2  sing N N 250 
LYS CE  HE3  sing N N 251 
LYS NZ  HZ1  sing N N 252 
LYS NZ  HZ2  sing N N 253 
LYS NZ  HZ3  sing N N 254 
LYS OXT HXT  sing N N 255 
MET N   CA   sing N N 256 
MET N   H    sing N N 257 
MET N   H2   sing N N 258 
MET CA  C    sing N N 259 
MET CA  CB   sing N N 260 
MET CA  HA   sing N N 261 
MET C   O    doub N N 262 
MET C   OXT  sing N N 263 
MET CB  CG   sing N N 264 
MET CB  HB2  sing N N 265 
MET CB  HB3  sing N N 266 
MET CG  SD   sing N N 267 
MET CG  HG2  sing N N 268 
MET CG  HG3  sing N N 269 
MET SD  CE   sing N N 270 
MET CE  HE1  sing N N 271 
MET CE  HE2  sing N N 272 
MET CE  HE3  sing N N 273 
MET OXT HXT  sing N N 274 
PHE N   CA   sing N N 275 
PHE N   H    sing N N 276 
PHE N   H2   sing N N 277 
PHE CA  C    sing N N 278 
PHE CA  CB   sing N N 279 
PHE CA  HA   sing N N 280 
PHE C   O    doub N N 281 
PHE C   OXT  sing N N 282 
PHE CB  CG   sing N N 283 
PHE CB  HB2  sing N N 284 
PHE CB  HB3  sing N N 285 
PHE CG  CD1  doub Y N 286 
PHE CG  CD2  sing Y N 287 
PHE CD1 CE1  sing Y N 288 
PHE CD1 HD1  sing N N 289 
PHE CD2 CE2  doub Y N 290 
PHE CD2 HD2  sing N N 291 
PHE CE1 CZ   doub Y N 292 
PHE CE1 HE1  sing N N 293 
PHE CE2 CZ   sing Y N 294 
PHE CE2 HE2  sing N N 295 
PHE CZ  HZ   sing N N 296 
PHE OXT HXT  sing N N 297 
PRO N   CA   sing N N 298 
PRO N   CD   sing N N 299 
PRO N   H    sing N N 300 
PRO CA  C    sing N N 301 
PRO CA  CB   sing N N 302 
PRO CA  HA   sing N N 303 
PRO C   O    doub N N 304 
PRO C   OXT  sing N N 305 
PRO CB  CG   sing N N 306 
PRO CB  HB2  sing N N 307 
PRO CB  HB3  sing N N 308 
PRO CG  CD   sing N N 309 
PRO CG  HG2  sing N N 310 
PRO CG  HG3  sing N N 311 
PRO CD  HD2  sing N N 312 
PRO CD  HD3  sing N N 313 
PRO OXT HXT  sing N N 314 
SER N   CA   sing N N 315 
SER N   H    sing N N 316 
SER N   H2   sing N N 317 
SER CA  C    sing N N 318 
SER CA  CB   sing N N 319 
SER CA  HA   sing N N 320 
SER C   O    doub N N 321 
SER C   OXT  sing N N 322 
SER CB  OG   sing N N 323 
SER CB  HB2  sing N N 324 
SER CB  HB3  sing N N 325 
SER OG  HG   sing N N 326 
SER OXT HXT  sing N N 327 
SO4 S   O1   doub N N 328 
SO4 S   O2   doub N N 329 
SO4 S   O3   sing N N 330 
SO4 S   O4   sing N N 331 
THR N   CA   sing N N 332 
THR N   H    sing N N 333 
THR N   H2   sing N N 334 
THR CA  C    sing N N 335 
THR CA  CB   sing N N 336 
THR CA  HA   sing N N 337 
THR C   O    doub N N 338 
THR C   OXT  sing N N 339 
THR CB  OG1  sing N N 340 
THR CB  CG2  sing N N 341 
THR CB  HB   sing N N 342 
THR OG1 HG1  sing N N 343 
THR CG2 HG21 sing N N 344 
THR CG2 HG22 sing N N 345 
THR CG2 HG23 sing N N 346 
THR OXT HXT  sing N N 347 
TRP N   CA   sing N N 348 
TRP N   H    sing N N 349 
TRP N   H2   sing N N 350 
TRP CA  C    sing N N 351 
TRP CA  CB   sing N N 352 
TRP CA  HA   sing N N 353 
TRP C   O    doub N N 354 
TRP C   OXT  sing N N 355 
TRP CB  CG   sing N N 356 
TRP CB  HB2  sing N N 357 
TRP CB  HB3  sing N N 358 
TRP CG  CD1  doub Y N 359 
TRP CG  CD2  sing Y N 360 
TRP CD1 NE1  sing Y N 361 
TRP CD1 HD1  sing N N 362 
TRP CD2 CE2  doub Y N 363 
TRP CD2 CE3  sing Y N 364 
TRP NE1 CE2  sing Y N 365 
TRP NE1 HE1  sing N N 366 
TRP CE2 CZ2  sing Y N 367 
TRP CE3 CZ3  doub Y N 368 
TRP CE3 HE3  sing N N 369 
TRP CZ2 CH2  doub Y N 370 
TRP CZ2 HZ2  sing N N 371 
TRP CZ3 CH2  sing Y N 372 
TRP CZ3 HZ3  sing N N 373 
TRP CH2 HH2  sing N N 374 
TRP OXT HXT  sing N N 375 
TYR N   CA   sing N N 376 
TYR N   H    sing N N 377 
TYR N   H2   sing N N 378 
TYR CA  C    sing N N 379 
TYR CA  CB   sing N N 380 
TYR CA  HA   sing N N 381 
TYR C   O    doub N N 382 
TYR C   OXT  sing N N 383 
TYR CB  CG   sing N N 384 
TYR CB  HB2  sing N N 385 
TYR CB  HB3  sing N N 386 
TYR CG  CD1  doub Y N 387 
TYR CG  CD2  sing Y N 388 
TYR CD1 CE1  sing Y N 389 
TYR CD1 HD1  sing N N 390 
TYR CD2 CE2  doub Y N 391 
TYR CD2 HD2  sing N N 392 
TYR CE1 CZ   doub Y N 393 
TYR CE1 HE1  sing N N 394 
TYR CE2 CZ   sing Y N 395 
TYR CE2 HE2  sing N N 396 
TYR CZ  OH   sing N N 397 
TYR OH  HH   sing N N 398 
TYR OXT HXT  sing N N 399 
VAL N   CA   sing N N 400 
VAL N   H    sing N N 401 
VAL N   H2   sing N N 402 
VAL CA  C    sing N N 403 
VAL CA  CB   sing N N 404 
VAL CA  HA   sing N N 405 
VAL C   O    doub N N 406 
VAL C   OXT  sing N N 407 
VAL CB  CG1  sing N N 408 
VAL CB  CG2  sing N N 409 
VAL CB  HB   sing N N 410 
VAL CG1 HG11 sing N N 411 
VAL CG1 HG12 sing N N 412 
VAL CG1 HG13 sing N N 413 
VAL CG2 HG21 sing N N 414 
VAL CG2 HG22 sing N N 415 
VAL CG2 HG23 sing N N 416 
VAL OXT HXT  sing N N 417 
# 
_pdbx_audit_support.funding_organization   'University of Zurich' 
_pdbx_audit_support.country                Switzerland 
_pdbx_audit_support.grant_number           FK-16-032 
_pdbx_audit_support.ordinal                1 
# 
_pdbx_entity_instance_feature.ordinal        1 
_pdbx_entity_instance_feature.comp_id        EV2 
_pdbx_entity_instance_feature.asym_id        ? 
_pdbx_entity_instance_feature.seq_num        ? 
_pdbx_entity_instance_feature.auth_comp_id   EV2 
_pdbx_entity_instance_feature.auth_asym_id   ? 
_pdbx_entity_instance_feature.auth_seq_num   ? 
_pdbx_entity_instance_feature.feature_type   'SUBJECT OF INVESTIGATION' 
_pdbx_entity_instance_feature.details        ? 
# 
_atom_sites.entry_id                    6EQ6 
_atom_sites.fract_transf_matrix[1][1]   0.00627316 
_atom_sites.fract_transf_matrix[1][2]   0.01045765 
_atom_sites.fract_transf_matrix[1][3]   -0.01117097 
_atom_sites.fract_transf_matrix[2][1]   -0.01344138 
_atom_sites.fract_transf_matrix[2][2]   0.00629679 
_atom_sites.fract_transf_matrix[2][3]   -0.00165342 
_atom_sites.fract_transf_matrix[3][1]   0.00593962 
_atom_sites.fract_transf_matrix[3][2]   0.01797271 
_atom_sites.fract_transf_matrix[3][3]   0.02016051 
_atom_sites.fract_transf_vector[1]      -0.271432 
_atom_sites.fract_transf_vector[2]      0.201245 
_atom_sites.fract_transf_vector[3]      -0.754036 
# 
loop_
_atom_type.symbol 
C 
H 
N 
O 
S 
# 
loop_
_atom_site.group_PDB 
_atom_site.id 
_atom_site.type_symbol 
_atom_site.label_atom_id 
_atom_site.label_alt_id 
_atom_site.label_comp_id 
_atom_site.label_asym_id 
_atom_site.label_entity_id 
_atom_site.label_seq_id 
_atom_site.pdbx_PDB_ins_code 
_atom_site.Cartn_x 
_atom_site.Cartn_y 
_atom_site.Cartn_z 
_atom_site.occupancy 
_atom_site.B_iso_or_equiv 
_atom_site.pdbx_formal_charge 
_atom_site.auth_seq_id 
_atom_site.auth_comp_id 
_atom_site.auth_asym_id 
_atom_site.auth_atom_id 
_atom_site.pdbx_PDB_model_num 
ATOM   1    N N   . ALA A 1 29  ? 18.368  -5.265  8.911   1.00 45.77 ? 3   ALA A N   1 
ATOM   2    C CA  . ALA A 1 29  ? 18.103  -3.895  9.345   1.00 40.57 ? 3   ALA A CA  1 
ATOM   3    C C   . ALA A 1 29  ? 16.809  -3.330  8.755   1.00 35.40 ? 3   ALA A C   1 
ATOM   4    O O   . ALA A 1 29  ? 16.678  -2.117  8.591   1.00 32.67 ? 3   ALA A O   1 
ATOM   5    C CB  . ALA A 1 29  ? 19.269  -2.996  8.976   1.00 42.47 ? 3   ALA A CB  1 
ATOM   6    N N   . SER A 1 30  ? 15.853  -4.198  8.429   1.00 30.66 ? 4   SER A N   1 
ATOM   7    C CA  . SER A 1 30  ? 14.581  -3.727  7.902   1.00 32.28 ? 4   SER A CA  1 
ATOM   8    C C   . SER A 1 30  ? 13.450  -4.502  8.559   1.00 33.49 ? 4   SER A C   1 
ATOM   9    O O   . SER A 1 30  ? 13.645  -5.599  9.098   1.00 33.03 ? 4   SER A O   1 
ATOM   10   C CB  . SER A 1 30  ? 14.510  -3.843  6.372   1.00 31.90 ? 4   SER A CB  1 
ATOM   11   O OG  . SER A 1 30  ? 14.406  -5.188  5.941   1.00 40.17 ? 4   SER A OG  1 
ATOM   12   N N   . ARG A 1 31  ? 12.267  -3.898  8.542   1.00 27.02 ? 5   ARG A N   1 
ATOM   13   C CA  . ARG A 1 31  ? 11.061  -4.539  9.048   1.00 26.83 ? 5   ARG A CA  1 
ATOM   14   C C   . ARG A 1 31  ? 10.058  -4.730  7.920   1.00 28.65 ? 5   ARG A C   1 
ATOM   15   O O   . ARG A 1 31  ? 9.836   -3.822  7.108   1.00 23.67 ? 5   ARG A O   1 
ATOM   16   C CB  . ARG A 1 31  ? 10.422  -3.733  10.174  1.00 33.32 ? 5   ARG A CB  1 
ATOM   17   C CG  . ARG A 1 31  ? 9.476   -4.581  11.006  1.00 41.82 ? 5   ARG A CG  1 
ATOM   18   C CD  . ARG A 1 31  ? 9.085   -3.887  12.279  1.00 42.55 ? 5   ARG A CD  1 
ATOM   19   N NE  . ARG A 1 31  ? 8.414   -4.809  13.191  1.00 49.58 ? 5   ARG A NE  1 
ATOM   20   C CZ  . ARG A 1 31  ? 7.837   -4.437  14.327  1.00 52.76 ? 5   ARG A CZ  1 
ATOM   21   N NH1 . ARG A 1 31  ? 7.848   -3.157  14.676  1.00 44.33 ? 5   ARG A NH1 1 
ATOM   22   N N   . LEU A 1 32  ? 9.437   -5.908  7.891   1.00 23.61 ? 6   LEU A N   1 
ATOM   23   C CA  . LEU A 1 32  ? 8.524   -6.267  6.823   1.00 22.66 ? 6   LEU A CA  1 
ATOM   24   C C   . LEU A 1 32  ? 7.177   -5.570  6.989   1.00 26.20 ? 6   LEU A C   1 
ATOM   25   O O   . LEU A 1 32  ? 6.632   -5.479  8.095   1.00 27.88 ? 6   LEU A O   1 
ATOM   26   C CB  . LEU A 1 32  ? 8.321   -7.779  6.796   1.00 25.90 ? 6   LEU A CB  1 
ATOM   27   C CG  . LEU A 1 32  ? 9.520   -8.618  6.372   1.00 28.41 ? 6   LEU A CG  1 
ATOM   28   C CD1 . LEU A 1 32  ? 9.244   -10.088 6.635   1.00 29.11 ? 6   LEU A CD1 1 
ATOM   29   C CD2 . LEU A 1 32  ? 9.804   -8.364  4.880   1.00 26.42 ? 6   LEU A CD2 1 
ATOM   30   N N   . TYR A 1 33  ? 6.633   -5.104  5.871   1.00 21.51 ? 7   TYR A N   1 
ATOM   31   C CA  . TYR A 1 33  ? 5.301   -4.521  5.830   1.00 21.23 ? 7   TYR A CA  1 
ATOM   32   C C   . TYR A 1 33  ? 4.591   -4.986  4.568   1.00 22.41 ? 7   TYR A C   1 
ATOM   33   O O   . TYR A 1 33  ? 5.226   -5.306  3.557   1.00 19.82 ? 7   TYR A O   1 
ATOM   34   C CB  . TYR A 1 33  ? 5.345   -2.990  5.849   1.00 24.60 ? 7   TYR A CB  1 
ATOM   35   C CG  . TYR A 1 33  ? 5.670   -2.411  7.187   1.00 30.21 ? 7   TYR A CG  1 
ATOM   36   C CD1 . TYR A 1 33  ? 6.988   -2.270  7.600   1.00 33.60 ? 7   TYR A CD1 1 
ATOM   37   C CD2 . TYR A 1 33  ? 4.664   -1.998  8.047   1.00 30.66 ? 7   TYR A CD2 1 
ATOM   38   C CE1 . TYR A 1 33  ? 7.296   -1.741  8.842   1.00 36.07 ? 7   TYR A CE1 1 
ATOM   39   C CE2 . TYR A 1 33  ? 4.963   -1.467  9.290   1.00 36.23 ? 7   TYR A CE2 1 
ATOM   40   C CZ  . TYR A 1 33  ? 6.281   -1.343  9.683   1.00 40.74 ? 7   TYR A CZ  1 
ATOM   41   O OH  . TYR A 1 33  ? 6.582   -0.815  10.918  1.00 50.96 ? 7   TYR A OH  1 
ATOM   42   N N   . THR A 1 34  ? 3.265   -5.018  4.632   1.00 17.76 ? 8   THR A N   1 
ATOM   43   C CA  . THR A 1 34  ? 2.456   -5.338  3.475   1.00 16.65 ? 8   THR A CA  1 
ATOM   44   C C   . THR A 1 34  ? 1.591   -4.144  3.108   1.00 19.02 ? 8   THR A C   1 
ATOM   45   O O   . THR A 1 34  ? 1.284   -3.286  3.945   1.00 19.05 ? 8   THR A O   1 
ATOM   46   C CB  . THR A 1 34  ? 1.565   -6.569  3.706   1.00 25.32 ? 8   THR A CB  1 
ATOM   47   O OG1 . THR A 1 34  ? 0.697   -6.345  4.823   1.00 21.56 ? 8   THR A OG1 1 
ATOM   48   C CG2 . THR A 1 34  ? 2.421   -7.807  3.961   1.00 21.29 ? 8   THR A CG2 1 
ATOM   49   N N   . LEU A 1 35  ? 1.197   -4.110  1.842   1.00 18.70 ? 9   LEU A N   1 
ATOM   50   C CA  . LEU A 1 35  ? 0.349   -3.050  1.316   1.00 19.46 ? 9   LEU A CA  1 
ATOM   51   C C   . LEU A 1 35  ? -0.470  -3.670  0.200   1.00 19.19 ? 9   LEU A C   1 
ATOM   52   O O   . LEU A 1 35  ? 0.105   -4.251  -0.720  1.00 19.94 ? 9   LEU A O   1 
ATOM   53   C CB  . LEU A 1 35  ? 1.196   -1.886  0.805   1.00 20.65 ? 9   LEU A CB  1 
ATOM   54   C CG  . LEU A 1 35  ? 0.447   -0.693  0.214   1.00 22.19 ? 9   LEU A CG  1 
ATOM   55   C CD1 . LEU A 1 35  ? -0.465  -0.088  1.263   1.00 21.38 ? 9   LEU A CD1 1 
ATOM   56   C CD2 . LEU A 1 35  ? 1.420   0.350   -0.311  1.00 27.95 ? 9   LEU A CD2 1 
ATOM   57   N N   . VAL A 1 36  ? -1.797  -3.588  0.300   1.00 18.25 ? 10  VAL A N   1 
ATOM   58   C CA  . VAL A 1 36  ? -2.697  -4.278  -0.618  1.00 20.47 ? 10  VAL A CA  1 
ATOM   59   C C   . VAL A 1 36  ? -3.597  -3.249  -1.272  1.00 22.10 ? 10  VAL A C   1 
ATOM   60   O O   . VAL A 1 36  ? -4.232  -2.447  -0.582  1.00 18.77 ? 10  VAL A O   1 
ATOM   61   C CB  . VAL A 1 36  ? -3.543  -5.355  0.085   1.00 20.50 ? 10  VAL A CB  1 
ATOM   62   C CG1 . VAL A 1 36  ? -4.481  -5.991  -0.908  1.00 19.41 ? 10  VAL A CG1 1 
ATOM   63   C CG2 . VAL A 1 36  ? -2.653  -6.417  0.715   1.00 21.06 ? 10  VAL A CG2 1 
ATOM   64   N N   . LEU A 1 37  ? -3.639  -3.263  -2.598  1.00 18.55 ? 11  LEU A N   1 
ATOM   65   C CA  . LEU A 1 37  ? -4.504  -2.370  -3.356  1.00 18.03 ? 11  LEU A CA  1 
ATOM   66   C C   . LEU A 1 37  ? -5.591  -3.202  -4.014  1.00 21.31 ? 11  LEU A C   1 
ATOM   67   O O   . LEU A 1 37  ? -5.292  -4.101  -4.809  1.00 23.59 ? 11  LEU A O   1 
ATOM   68   C CB  . LEU A 1 37  ? -3.713  -1.600  -4.406  1.00 20.17 ? 11  LEU A CB  1 
ATOM   69   C CG  . LEU A 1 37  ? -2.786  -0.499  -3.885  1.00 23.00 ? 11  LEU A CG  1 
ATOM   70   C CD1 . LEU A 1 37  ? -3.502  0.430   -2.906  1.00 21.90 ? 11  LEU A CD1 1 
ATOM   71   C CD2 . LEU A 1 37  ? -1.561  -1.114  -3.265  1.00 23.62 ? 11  LEU A CD2 1 
ATOM   72   N N   . VAL A 1 38  ? -6.841  -2.907  -3.683  1.00 21.17 ? 12  VAL A N   1 
ATOM   73   C CA  . VAL A 1 38  ? -7.984  -3.505  -4.362  1.00 17.52 ? 12  VAL A CA  1 
ATOM   74   C C   . VAL A 1 38  ? -8.204  -2.695  -5.634  1.00 22.85 ? 12  VAL A C   1 
ATOM   75   O O   . VAL A 1 38  ? -8.724  -1.579  -5.586  1.00 19.37 ? 12  VAL A O   1 
ATOM   76   C CB  . VAL A 1 38  ? -9.231  -3.518  -3.482  1.00 21.12 ? 12  VAL A CB  1 
ATOM   77   C CG1 . VAL A 1 38  ? -10.430 -3.976  -4.288  1.00 25.77 ? 12  VAL A CG1 1 
ATOM   78   C CG2 . VAL A 1 38  ? -9.009  -4.446  -2.267  1.00 25.20 ? 12  VAL A CG2 1 
ATOM   79   N N   . LEU A 1 39  ? -7.827  -3.266  -6.771  1.00 23.42 ? 13  LEU A N   1 
ATOM   80   C CA  . LEU A 1 39  ? -7.843  -2.577  -8.058  1.00 27.98 ? 13  LEU A CA  1 
ATOM   81   C C   . LEU A 1 39  ? -8.805  -3.308  -8.981  1.00 28.04 ? 13  LEU A C   1 
ATOM   82   O O   . LEU A 1 39  ? -8.552  -4.455  -9.367  1.00 29.27 ? 13  LEU A O   1 
ATOM   83   C CB  . LEU A 1 39  ? -6.436  -2.525  -8.659  1.00 22.71 ? 13  LEU A CB  1 
ATOM   84   C CG  . LEU A 1 39  ? -6.232  -1.845  -10.021 1.00 32.75 ? 13  LEU A CG  1 
ATOM   85   C CD1 . LEU A 1 39  ? -6.772  -0.431  -9.999  1.00 28.45 ? 13  LEU A CD1 1 
ATOM   86   C CD2 . LEU A 1 39  ? -4.744  -1.838  -10.390 1.00 24.05 ? 13  LEU A CD2 1 
ATOM   87   N N   . GLN A 1 40  ? -9.898  -2.650  -9.333  1.00 27.22 ? 14  GLN A N   1 
ATOM   88   C CA  . GLN A 1 40  ? -10.840 -3.128  -10.331 1.00 29.08 ? 14  GLN A CA  1 
ATOM   89   C C   . GLN A 1 40  ? -10.659 -2.351  -11.629 1.00 30.04 ? 14  GLN A C   1 
ATOM   90   O O   . GLN A 1 40  ? -9.969  -1.330  -11.660 1.00 30.87 ? 14  GLN A O   1 
ATOM   91   C CB  . GLN A 1 40  ? -12.267 -2.997  -9.796  1.00 28.86 ? 14  GLN A CB  1 
ATOM   92   C CG  . GLN A 1 40  ? -12.512 -4.025  -8.696  1.00 36.94 ? 14  GLN A CG  1 
ATOM   93   C CD  . GLN A 1 40  ? -13.818 -3.855  -7.964  1.00 30.14 ? 14  GLN A CD  1 
ATOM   94   O OE1 . GLN A 1 40  ? -14.470 -2.828  -8.055  1.00 35.19 ? 14  GLN A OE1 1 
ATOM   95   N NE2 . GLN A 1 40  ? -14.193 -4.873  -7.201  1.00 34.61 ? 14  GLN A NE2 1 
ATOM   96   N N   . PRO A 1 41  ? -11.237 -2.821  -12.732 1.00 32.44 ? 15  PRO A N   1 
ATOM   97   C CA  . PRO A 1 41  ? -10.919 -2.209  -14.034 1.00 35.38 ? 15  PRO A CA  1 
ATOM   98   C C   . PRO A 1 41  ? -11.126 -0.700  -14.078 1.00 33.93 ? 15  PRO A C   1 
ATOM   99   O O   . PRO A 1 41  ? -10.338 -0.006  -14.730 1.00 38.83 ? 15  PRO A O   1 
ATOM   100  C CB  . PRO A 1 41  ? -11.853 -2.952  -15.000 1.00 37.58 ? 15  PRO A CB  1 
ATOM   101  C CG  . PRO A 1 41  ? -12.046 -4.300  -14.354 1.00 32.89 ? 15  PRO A CG  1 
ATOM   102  C CD  . PRO A 1 41  ? -12.132 -3.987  -12.876 1.00 39.11 ? 15  PRO A CD  1 
ATOM   103  N N   . GLN A 1 42  ? -12.133 -0.154  -13.393 1.00 30.21 ? 16  GLN A N   1 
ATOM   104  C CA  . GLN A 1 42  ? -12.391 1.280   -13.467 1.00 33.17 ? 16  GLN A CA  1 
ATOM   105  C C   . GLN A 1 42  ? -12.156 2.043   -12.167 1.00 32.28 ? 16  GLN A C   1 
ATOM   106  O O   . GLN A 1 42  ? -12.224 3.280   -12.180 1.00 29.30 ? 16  GLN A O   1 
ATOM   107  C CB  . GLN A 1 42  ? -13.836 1.534   -13.931 1.00 39.98 ? 16  GLN A CB  1 
ATOM   108  N N   . ARG A 1 43  ? -11.871 1.360   -11.056 1.00 24.69 ? 17  ARG A N   1 
ATOM   109  C CA  . ARG A 1 43  ? -11.774 2.025   -9.764  1.00 25.36 ? 17  ARG A CA  1 
ATOM   110  C C   . ARG A 1 43  ? -10.731 1.325   -8.899  1.00 23.13 ? 17  ARG A C   1 
ATOM   111  O O   . ARG A 1 43  ? -10.370 0.172   -9.142  1.00 24.45 ? 17  ARG A O   1 
ATOM   112  C CB  . ARG A 1 43  ? -13.132 2.049   -9.047  1.00 29.42 ? 17  ARG A CB  1 
ATOM   113  C CG  . ARG A 1 43  ? -13.751 0.676   -8.791  1.00 29.78 ? 17  ARG A CG  1 
ATOM   114  C CD  . ARG A 1 43  ? -15.174 0.786   -8.195  1.00 31.20 ? 17  ARG A CD  1 
ATOM   115  N NE  . ARG A 1 43  ? -15.676 -0.526  -7.759  1.00 40.38 ? 17  ARG A NE  1 
ATOM   116  C CZ  . ARG A 1 43  ? -16.769 -0.724  -7.022  1.00 32.24 ? 17  ARG A CZ  1 
ATOM   117  N NH1 . ARG A 1 43  ? -17.503 0.303   -6.614  1.00 34.72 ? 17  ARG A NH1 1 
ATOM   118  N NH2 . ARG A 1 43  ? -17.126 -1.957  -6.687  1.00 38.01 ? 17  ARG A NH2 1 
ATOM   119  N N   . VAL A 1 44  ? -10.247 2.048   -7.885  1.00 21.55 ? 18  VAL A N   1 
ATOM   120  C CA  . VAL A 1 44  ? -9.349  1.507   -6.866  1.00 21.01 ? 18  VAL A CA  1 
ATOM   121  C C   . VAL A 1 44  ? -9.848  1.929   -5.487  1.00 19.19 ? 18  VAL A C   1 
ATOM   122  O O   . VAL A 1 44  ? -10.357 3.044   -5.310  1.00 16.68 ? 18  VAL A O   1 
ATOM   123  C CB  . VAL A 1 44  ? -7.892  1.983   -7.075  1.00 20.06 ? 18  VAL A CB  1 
ATOM   124  C CG1 . VAL A 1 44  ? -7.806  3.487   -6.996  1.00 19.90 ? 18  VAL A CG1 1 
ATOM   125  C CG2 . VAL A 1 44  ? -6.974  1.342   -6.028  1.00 20.91 ? 18  VAL A CG2 1 
ATOM   126  N N   . LEU A 1 45  ? -9.670  1.051   -4.504  1.00 18.53 ? 19  LEU A N   1 
ATOM   127  C CA  . LEU A 1 45  ? -10.102 1.313   -3.131  1.00 17.26 ? 19  LEU A CA  1 
ATOM   128  C C   . LEU A 1 45  ? -8.938  1.866   -2.328  1.00 16.48 ? 19  LEU A C   1 
ATOM   129  O O   . LEU A 1 45  ? -7.858  1.269   -2.298  1.00 20.82 ? 19  LEU A O   1 
ATOM   130  C CB  . LEU A 1 45  ? -10.628 0.032   -2.471  1.00 16.13 ? 19  LEU A CB  1 
ATOM   131  C CG  . LEU A 1 45  ? -11.257 0.151   -1.084  1.00 19.51 ? 19  LEU A CG  1 
ATOM   132  C CD1 . LEU A 1 45  ? -12.559 0.955   -1.154  1.00 17.83 ? 19  LEU A CD1 1 
ATOM   133  C CD2 . LEU A 1 45  ? -11.503 -1.268  -0.478  1.00 18.22 ? 19  LEU A CD2 1 
ATOM   134  N N   . LEU A 1 46  ? -9.155  2.999   -1.679  1.00 15.36 ? 20  LEU A N   1 
ATOM   135  C CA  . LEU A 1 46  ? -8.181  3.551   -0.752  1.00 17.75 ? 20  LEU A CA  1 
ATOM   136  C C   . LEU A 1 46  ? -8.875  3.787   0.590   1.00 19.73 ? 20  LEU A C   1 
ATOM   137  O O   . LEU A 1 46  ? -10.096 3.909   0.668   1.00 20.87 ? 20  LEU A O   1 
ATOM   138  C CB  . LEU A 1 46  ? -7.557  4.857   -1.289  1.00 15.15 ? 20  LEU A CB  1 
ATOM   139  C CG  . LEU A 1 46  ? -6.760  4.673   -2.596  1.00 17.20 ? 20  LEU A CG  1 
ATOM   140  C CD1 . LEU A 1 46  ? -6.472  6.010   -3.340  1.00 15.11 ? 20  LEU A CD1 1 
ATOM   141  C CD2 . LEU A 1 46  ? -5.459  3.909   -2.325  1.00 18.79 ? 20  LEU A CD2 1 
ATOM   142  N N   . GLY A 1 47  ? -8.086  3.864   1.645   1.00 18.16 ? 21  GLY A N   1 
ATOM   143  C CA  . GLY A 1 47  ? -8.639  4.180   2.953   1.00 21.39 ? 21  GLY A CA  1 
ATOM   144  C C   . GLY A 1 47  ? -7.957  5.371   3.592   1.00 22.91 ? 21  GLY A C   1 
ATOM   145  O O   . GLY A 1 47  ? -6.726  5.501   3.545   1.00 21.35 ? 21  GLY A O   1 
ATOM   146  N N   . MET A 1 48  ? -8.753  6.267   4.164   1.00 20.30 ? 22  MET A N   1 
ATOM   147  C CA  . MET A 1 48  ? -8.235  7.428   4.879   1.00 25.99 ? 22  MET A CA  1 
ATOM   148  C C   . MET A 1 48  ? -8.047  7.068   6.350   1.00 29.90 ? 22  MET A C   1 
ATOM   149  O O   . MET A 1 48  ? -9.012  6.724   7.040   1.00 24.59 ? 22  MET A O   1 
ATOM   150  C CB  . MET A 1 48  ? -9.182  8.615   4.724   1.00 26.42 ? 22  MET A CB  1 
ATOM   151  C CG  . MET A 1 48  ? -8.942  9.771   5.705   1.00 33.71 ? 22  MET A CG  1 
ATOM   152  S SD  . MET A 1 48  ? -7.315  10.526  5.535   1.00 40.60 ? 22  MET A SD  1 
ATOM   153  C CE  . MET A 1 48  ? -7.517  11.399  3.972   1.00 33.34 ? 22  MET A CE  1 
ATOM   154  N N   . LYS A 1 49  ? -6.801  7.105   6.813   1.00 32.38 ? 23  LYS A N   1 
ATOM   155  C CA  . LYS A 1 49  ? -6.507  6.877   8.219   1.00 32.13 ? 23  LYS A CA  1 
ATOM   156  C C   . LYS A 1 49  ? -7.022  8.045   9.056   1.00 38.89 ? 23  LYS A C   1 
ATOM   157  O O   . LYS A 1 49  ? -6.744  9.210   8.754   1.00 39.43 ? 23  LYS A O   1 
ATOM   158  C CB  . LYS A 1 49  ? -5.000  6.713   8.413   1.00 41.47 ? 23  LYS A CB  1 
ATOM   159  C CG  . LYS A 1 49  ? -4.600  6.081   9.731   1.00 43.25 ? 23  LYS A CG  1 
ATOM   160  C CD  . LYS A 1 49  ? -4.821  4.573   9.714   1.00 43.55 ? 23  LYS A CD  1 
ATOM   161  C CE  . LYS A 1 49  ? -4.254  3.939   10.975  1.00 44.02 ? 23  LYS A CE  1 
ATOM   162  N NZ  . LYS A 1 49  ? -2.870  4.431   11.257  1.00 38.66 ? 23  LYS A NZ  1 
ATOM   163  N N   . LYS A 1 50  ? -7.779  7.744   10.108  1.00 38.12 ? 24  LYS A N   1 
ATOM   164  C CA  . LYS A 1 50  ? -8.296  8.791   10.982  1.00 33.62 ? 24  LYS A CA  1 
ATOM   165  C C   . LYS A 1 50  ? -7.351  9.118   12.135  1.00 38.56 ? 24  LYS A C   1 
ATOM   166  O O   . LYS A 1 50  ? -7.659  10.000  12.939  1.00 43.77 ? 24  LYS A O   1 
ATOM   167  C CB  . LYS A 1 50  ? -9.674  8.398   11.524  1.00 37.58 ? 24  LYS A CB  1 
ATOM   168  C CG  . LYS A 1 50  ? -10.752 8.234   10.444  1.00 38.10 ? 24  LYS A CG  1 
ATOM   169  C CD  . LYS A 1 50  ? -12.070 7.760   11.059  1.00 40.70 ? 24  LYS A CD  1 
ATOM   170  C CE  . LYS A 1 50  ? -12.973 7.098   10.026  1.00 33.50 ? 24  LYS A CE  1 
ATOM   171  N N   . ARG A 1 51  ? -6.208  8.447   12.230  1.00 39.05 ? 25  ARG A N   1 
ATOM   172  C CA  . ARG A 1 51  ? -5.230  8.744   13.270  1.00 41.63 ? 25  ARG A CA  1 
ATOM   173  C C   . ARG A 1 51  ? -4.127  7.700   13.188  1.00 45.60 ? 25  ARG A C   1 
ATOM   174  O O   . ARG A 1 51  ? -4.253  6.694   12.483  1.00 41.09 ? 25  ARG A O   1 
ATOM   175  N N   . GLY A 1 52  ? -3.037  7.953   13.926  1.00 47.70 ? 26  GLY A N   1 
ATOM   176  C CA  . GLY A 1 52  ? -1.874  7.086   13.893  1.00 45.29 ? 26  GLY A CA  1 
ATOM   177  C C   . GLY A 1 52  ? -1.149  7.175   12.560  1.00 50.65 ? 26  GLY A C   1 
ATOM   178  O O   . GLY A 1 52  ? -1.331  8.112   11.778  1.00 55.66 ? 26  GLY A O   1 
ATOM   179  N N   . PHE A 1 53  ? -0.306  6.174   12.307  1.00 50.39 ? 27  PHE A N   1 
ATOM   180  C CA  . PHE A 1 53  ? 0.443   6.075   11.058  1.00 51.53 ? 27  PHE A CA  1 
ATOM   181  C C   . PHE A 1 53  ? -0.444  6.372   9.854   1.00 48.43 ? 27  PHE A C   1 
ATOM   182  O O   . PHE A 1 53  ? -1.402  5.643   9.582   1.00 45.71 ? 27  PHE A O   1 
ATOM   183  C CB  . PHE A 1 53  ? 1.043   4.670   10.926  1.00 50.55 ? 27  PHE A CB  1 
ATOM   184  C CG  . PHE A 1 53  ? 2.053   4.538   9.815   1.00 52.58 ? 27  PHE A CG  1 
ATOM   185  C CD1 . PHE A 1 53  ? 2.769   5.637   9.375   1.00 54.72 ? 27  PHE A CD1 1 
ATOM   186  C CD2 . PHE A 1 53  ? 2.280   3.310   9.209   1.00 54.31 ? 27  PHE A CD2 1 
ATOM   187  C CE1 . PHE A 1 53  ? 3.701   5.516   8.353   1.00 53.03 ? 27  PHE A CE1 1 
ATOM   188  C CE2 . PHE A 1 53  ? 3.211   3.179   8.183   1.00 46.88 ? 27  PHE A CE2 1 
ATOM   189  C CZ  . PHE A 1 53  ? 3.923   4.283   7.757   1.00 50.15 ? 27  PHE A CZ  1 
ATOM   190  N N   . GLY A 1 54  ? -0.133  7.453   9.137   1.00 48.47 ? 28  GLY A N   1 
ATOM   191  C CA  . GLY A 1 54  ? -0.849  7.774   7.918   1.00 38.97 ? 28  GLY A CA  1 
ATOM   192  C C   . GLY A 1 54  ? -2.136  8.554   8.081   1.00 43.73 ? 28  GLY A C   1 
ATOM   193  O O   . GLY A 1 54  ? -2.948  8.584   7.154   1.00 47.52 ? 28  GLY A O   1 
ATOM   194  N N   . ALA A 1 55  ? -2.361  9.191   9.224   1.00 43.68 ? 29  ALA A N   1 
ATOM   195  C CA  . ALA A 1 55  ? -3.589  9.953   9.388   1.00 46.04 ? 29  ALA A CA  1 
ATOM   196  C C   . ALA A 1 55  ? -3.656  11.089  8.373   1.00 43.47 ? 29  ALA A C   1 
ATOM   197  O O   . ALA A 1 55  ? -2.656  11.756  8.097   1.00 45.49 ? 29  ALA A O   1 
ATOM   198  C CB  . ALA A 1 55  ? -3.692  10.510  10.810  1.00 44.45 ? 29  ALA A CB  1 
ATOM   199  N N   . GLY A 1 56  ? -4.843  11.311  7.817   1.00 38.22 ? 30  GLY A N   1 
ATOM   200  C CA  . GLY A 1 56  ? -5.047  12.403  6.887   1.00 44.30 ? 30  GLY A CA  1 
ATOM   201  C C   . GLY A 1 56  ? -4.549  12.180  5.470   1.00 40.54 ? 30  GLY A C   1 
ATOM   202  O O   . GLY A 1 56  ? -4.651  13.103  4.650   1.00 44.86 ? 30  GLY A O   1 
ATOM   203  N N   . ARG A 1 57  ? -4.013  11.001  5.152   1.00 36.04 ? 31  ARG A N   1 
ATOM   204  C CA  . ARG A 1 57  ? -3.664  10.629  3.788   1.00 30.46 ? 31  ARG A CA  1 
ATOM   205  C C   . ARG A 1 57  ? -4.442  9.391   3.359   1.00 30.91 ? 31  ARG A C   1 
ATOM   206  O O   . ARG A 1 57  ? -4.846  8.578   4.187   1.00 29.69 ? 31  ARG A O   1 
ATOM   207  C CB  . ARG A 1 57  ? -2.168  10.350  3.654   1.00 30.78 ? 31  ARG A CB  1 
ATOM   208  C CG  . ARG A 1 57  ? -1.275  11.536  3.993   1.00 35.05 ? 31  ARG A CG  1 
ATOM   209  C CD  . ARG A 1 57  ? 0.113   11.028  4.320   1.00 39.85 ? 31  ARG A CD  1 
ATOM   210  N NE  . ARG A 1 57  ? 0.970   12.051  4.910   1.00 49.93 ? 31  ARG A NE  1 
ATOM   211  C CZ  . ARG A 1 57  ? 1.655   12.947  4.206   1.00 47.55 ? 31  ARG A CZ  1 
ATOM   212  N NH1 . ARG A 1 57  ? 1.580   12.957  2.883   1.00 39.14 ? 31  ARG A NH1 1 
ATOM   213  N NH2 . ARG A 1 57  ? 2.418   13.835  4.832   1.00 54.10 ? 31  ARG A NH2 1 
ATOM   214  N N   . TRP A 1 58  ? -4.654  9.248   2.049   1.00 20.72 ? 32  TRP A N   1 
ATOM   215  C CA  . TRP A 1 58  ? -5.267  8.043   1.502   1.00 20.63 ? 32  TRP A CA  1 
ATOM   216  C C   . TRP A 1 58  ? -4.191  6.985   1.316   1.00 22.45 ? 32  TRP A C   1 
ATOM   217  O O   . TRP A 1 58  ? -3.119  7.277   0.781   1.00 25.06 ? 32  TRP A O   1 
ATOM   218  C CB  . TRP A 1 58  ? -5.985  8.335   0.182   1.00 22.04 ? 32  TRP A CB  1 
ATOM   219  C CG  . TRP A 1 58  ? -7.141  9.285   0.358   1.00 21.75 ? 32  TRP A CG  1 
ATOM   220  C CD1 . TRP A 1 58  ? -7.126  10.649  0.196   1.00 22.30 ? 32  TRP A CD1 1 
ATOM   221  C CD2 . TRP A 1 58  ? -8.473  8.940   0.765   1.00 18.96 ? 32  TRP A CD2 1 
ATOM   222  N NE1 . TRP A 1 58  ? -8.385  11.169  0.464   1.00 22.82 ? 32  TRP A NE1 1 
ATOM   223  C CE2 . TRP A 1 58  ? -9.222  10.139  0.821   1.00 21.17 ? 32  TRP A CE2 1 
ATOM   224  C CE3 . TRP A 1 58  ? -9.105  7.726   1.093   1.00 19.54 ? 32  TRP A CE3 1 
ATOM   225  C CZ2 . TRP A 1 58  ? -10.575 10.160  1.178   1.00 22.16 ? 32  TRP A CZ2 1 
ATOM   226  C CZ3 . TRP A 1 58  ? -10.453 7.751   1.460   1.00 20.41 ? 32  TRP A CZ3 1 
ATOM   227  C CH2 . TRP A 1 58  ? -11.168 8.961   1.500   1.00 25.24 ? 32  TRP A CH2 1 
ATOM   228  N N   . ASN A 1 59  ? -4.479  5.767   1.792   1.00 24.32 ? 33  ASN A N   1 
ATOM   229  C CA  . ASN A 1 59  ? -3.527  4.667   1.919   1.00 24.98 ? 33  ASN A CA  1 
ATOM   230  C C   . ASN A 1 59  ? -4.123  3.390   1.339   1.00 24.38 ? 33  ASN A C   1 
ATOM   231  O O   . ASN A 1 59  ? -5.338  3.195   1.359   1.00 18.61 ? 33  ASN A O   1 
ATOM   232  C CB  . ASN A 1 59  ? -3.184  4.367   3.404   1.00 29.03 ? 33  ASN A CB  1 
ATOM   233  C CG  . ASN A 1 59  ? -2.431  5.494   4.092   1.00 31.22 ? 33  ASN A CG  1 
ATOM   234  O OD1 . ASN A 1 59  ? -1.212  5.535   4.063   1.00 39.37 ? 33  ASN A OD1 1 
ATOM   235  N ND2 . ASN A 1 59  ? -3.161  6.385   4.759   1.00 38.90 ? 33  ASN A ND2 1 
ATOM   236  N N   . GLY A 1 60  ? -3.258  2.500   0.860   1.00 22.86 ? 34  GLY A N   1 
ATOM   237  C CA  . GLY A 1 60  ? -3.644  1.111   0.721   1.00 19.11 ? 34  GLY A CA  1 
ATOM   238  C C   . GLY A 1 60  ? -3.775  0.475   2.102   1.00 20.73 ? 34  GLY A C   1 
ATOM   239  O O   . GLY A 1 60  ? -3.521  1.095   3.133   1.00 21.19 ? 34  GLY A O   1 
ATOM   240  N N   . PHE A 1 61  ? -4.164  -0.795  2.119   1.00 16.75 ? 35  PHE A N   1 
ATOM   241  C CA  . PHE A 1 61  ? -4.385  -1.524  3.365   1.00 15.13 ? 35  PHE A CA  1 
ATOM   242  C C   . PHE A 1 61  ? -3.206  -2.435  3.681   1.00 21.09 ? 35  PHE A C   1 
ATOM   243  O O   . PHE A 1 61  ? -2.748  -3.181  2.815   1.00 22.70 ? 35  PHE A O   1 
ATOM   244  C CB  . PHE A 1 61  ? -5.667  -2.341  3.265   1.00 16.11 ? 35  PHE A CB  1 
ATOM   245  C CG  . PHE A 1 61  ? -6.860  -1.504  2.969   1.00 20.10 ? 35  PHE A CG  1 
ATOM   246  C CD1 . PHE A 1 61  ? -7.483  -0.787  3.983   1.00 20.44 ? 35  PHE A CD1 1 
ATOM   247  C CD2 . PHE A 1 61  ? -7.337  -1.402  1.679   1.00 19.65 ? 35  PHE A CD2 1 
ATOM   248  C CE1 . PHE A 1 61  ? -8.581  -0.004  3.705   1.00 23.06 ? 35  PHE A CE1 1 
ATOM   249  C CE2 . PHE A 1 61  ? -8.434  -0.618  1.391   1.00 22.93 ? 35  PHE A CE2 1 
ATOM   250  C CZ  . PHE A 1 61  ? -9.054  0.085   2.398   1.00 18.83 ? 35  PHE A CZ  1 
ATOM   251  N N   . GLY A 1 62  ? -2.734  -2.399  4.916   1.00 23.57 ? 36  GLY A N   1 
ATOM   252  C CA  . GLY A 1 62  ? -1.601  -3.237  5.262   1.00 26.39 ? 36  GLY A CA  1 
ATOM   253  C C   . GLY A 1 62  ? -1.095  -2.941  6.653   1.00 26.40 ? 36  GLY A C   1 
ATOM   254  O O   . GLY A 1 62  ? -1.741  -2.251  7.448   1.00 25.24 ? 36  GLY A O   1 
ATOM   255  N N   . GLY A 1 63  ? 0.096   -3.469  6.929   1.00 24.08 ? 37  GLY A N   1 
ATOM   256  C CA  . GLY A 1 63  ? 0.655   -3.429  8.256   1.00 25.63 ? 37  GLY A CA  1 
ATOM   257  C C   . GLY A 1 63  ? 1.776   -4.454  8.376   1.00 27.00 ? 37  GLY A C   1 
ATOM   258  O O   . GLY A 1 63  ? 2.221   -5.037  7.386   1.00 20.24 ? 37  GLY A O   1 
ATOM   259  N N   . LYS A 1 64  ? 2.210   -4.650  9.614   1.00 24.44 ? 38  LYS A N   1 
ATOM   260  C CA  . LYS A 1 64  ? 3.355   -5.504  9.882   1.00 24.95 ? 38  LYS A CA  1 
ATOM   261  C C   . LYS A 1 64  ? 2.981   -6.975  9.722   1.00 23.28 ? 38  LYS A C   1 
ATOM   262  O O   . LYS A 1 64  ? 1.820   -7.367  9.833   1.00 28.54 ? 38  LYS A O   1 
ATOM   263  C CB  . LYS A 1 64  ? 3.888   -5.255  11.293  1.00 31.77 ? 38  LYS A CB  1 
ATOM   264  C CG  . LYS A 1 64  ? 4.543   -3.893  11.497  1.00 34.18 ? 38  LYS A CG  1 
ATOM   265  N N   . VAL A 1 65  ? 3.991   -7.788  9.474   1.00 29.32 ? 39  VAL A N   1 
ATOM   266  C CA  . VAL A 1 65  ? 3.853   -9.235  9.347   1.00 22.56 ? 39  VAL A CA  1 
ATOM   267  C C   . VAL A 1 65  ? 4.212   -9.882  10.679  1.00 29.49 ? 39  VAL A C   1 
ATOM   268  O O   . VAL A 1 65  ? 5.171   -9.464  11.352  1.00 26.11 ? 39  VAL A O   1 
ATOM   269  C CB  . VAL A 1 65  ? 4.764   -9.770  8.221   1.00 27.77 ? 39  VAL A CB  1 
ATOM   270  C CG1 . VAL A 1 65  ? 4.538   -11.267 8.012   1.00 23.48 ? 39  VAL A CG1 1 
ATOM   271  C CG2 . VAL A 1 65  ? 4.540   -9.003  6.924   1.00 26.85 ? 39  VAL A CG2 1 
ATOM   272  N N   . GLN A 1 66  ? 3.473   -10.924 11.044  1.00 26.91 ? 40  GLN A N   1 
ATOM   273  C CA  . GLN A 1 66  ? 3.651   -11.614 12.315  1.00 28.56 ? 40  GLN A CA  1 
ATOM   274  C C   . GLN A 1 66  ? 4.729   -12.695 12.215  1.00 26.13 ? 40  GLN A C   1 
ATOM   275  O O   . GLN A 1 66  ? 5.020   -13.228 11.140  1.00 23.74 ? 40  GLN A O   1 
ATOM   276  C CB  . GLN A 1 66  ? 2.321   -12.242 12.764  1.00 33.57 ? 40  GLN A CB  1 
ATOM   277  C CG  . GLN A 1 66  ? 1.199   -11.214 12.985  1.00 35.38 ? 40  GLN A CG  1 
ATOM   278  C CD  . GLN A 1 66  ? -0.150  -11.830 13.342  1.00 41.34 ? 40  GLN A CD  1 
ATOM   279  O OE1 . GLN A 1 66  ? -0.265  -13.028 13.615  1.00 44.26 ? 40  GLN A OE1 1 
ATOM   280  N NE2 . GLN A 1 66  ? -1.186  -10.997 13.335  1.00 46.89 ? 40  GLN A NE2 1 
ATOM   281  N N   . GLU A 1 67  ? 5.317   -13.024 13.365  1.00 29.97 ? 41  GLU A N   1 
ATOM   282  C CA  . GLU A 1 67  ? 6.215   -14.169 13.437  1.00 26.89 ? 41  GLU A CA  1 
ATOM   283  C C   . GLU A 1 67  ? 5.475   -15.433 13.010  1.00 24.20 ? 41  GLU A C   1 
ATOM   284  O O   . GLU A 1 67  ? 4.305   -15.638 13.357  1.00 25.87 ? 41  GLU A O   1 
ATOM   285  C CB  . GLU A 1 67  ? 6.781   -14.310 14.863  1.00 27.56 ? 41  GLU A CB  1 
ATOM   286  C CG  . GLU A 1 67  ? 7.665   -13.132 15.280  1.00 29.38 ? 41  GLU A CG  1 
ATOM   287  C CD  . GLU A 1 67  ? 8.164   -13.187 16.725  1.00 43.05 ? 41  GLU A CD  1 
ATOM   288  O OE1 . GLU A 1 67  ? 7.699   -14.053 17.502  1.00 36.16 ? 41  GLU A OE1 1 
ATOM   289  O OE2 . GLU A 1 67  ? 9.029   -12.349 17.085  1.00 40.61 ? 41  GLU A OE2 1 
ATOM   290  N N   . GLY A 1 68  ? 6.150   -16.266 12.219  1.00 22.06 ? 42  GLY A N   1 
ATOM   291  C CA  . GLY A 1 68  ? 5.561   -17.505 11.751  1.00 27.26 ? 42  GLY A CA  1 
ATOM   292  C C   . GLY A 1 68  ? 4.511   -17.352 10.675  1.00 29.11 ? 42  GLY A C   1 
ATOM   293  O O   . GLY A 1 68  ? 3.841   -18.334 10.344  1.00 27.58 ? 42  GLY A O   1 
ATOM   294  N N   . GLU A 1 69  ? 4.352   -16.154 10.118  1.00 25.01 ? 43  GLU A N   1 
ATOM   295  C CA  . GLU A 1 69  ? 3.332   -15.855 9.122   1.00 26.52 ? 43  GLU A CA  1 
ATOM   296  C C   . GLU A 1 69  ? 4.034   -15.493 7.818   1.00 26.37 ? 43  GLU A C   1 
ATOM   297  O O   . GLU A 1 69  ? 4.977   -14.696 7.827   1.00 26.08 ? 43  GLU A O   1 
ATOM   298  C CB  . GLU A 1 69  ? 2.442   -14.706 9.622   1.00 27.26 ? 43  GLU A CB  1 
ATOM   299  C CG  . GLU A 1 69  ? 1.693   -13.896 8.556   1.00 31.55 ? 43  GLU A CG  1 
ATOM   300  C CD  . GLU A 1 69  ? 0.767   -12.826 9.155   1.00 28.37 ? 43  GLU A CD  1 
ATOM   301  O OE1 . GLU A 1 69  ? -0.448  -13.070 9.273   1.00 31.62 ? 43  GLU A OE1 1 
ATOM   302  O OE2 . GLU A 1 69  ? 1.260   -11.743 9.531   1.00 28.12 ? 43  GLU A OE2 1 
ATOM   303  N N   . THR A 1 70  ? 3.615   -16.099 6.708   1.00 26.13 ? 44  THR A N   1 
ATOM   304  C CA  . THR A 1 70  ? 4.216   -15.700 5.440   1.00 26.03 ? 44  THR A CA  1 
ATOM   305  C C   . THR A 1 70  ? 3.732   -14.304 5.058   1.00 26.03 ? 44  THR A C   1 
ATOM   306  O O   . THR A 1 70  ? 2.754   -13.780 5.602   1.00 22.76 ? 44  THR A O   1 
ATOM   307  C CB  . THR A 1 70  ? 3.899   -16.687 4.310   1.00 28.05 ? 44  THR A CB  1 
ATOM   308  O OG1 . THR A 1 70  ? 2.495   -16.685 4.021   1.00 31.68 ? 44  THR A OG1 1 
ATOM   309  C CG2 . THR A 1 70  ? 4.351   -18.105 4.672   1.00 31.55 ? 44  THR A CG2 1 
ATOM   310  N N   . ILE A 1 71  ? 4.448   -13.688 4.119   1.00 25.83 ? 45  ILE A N   1 
ATOM   311  C CA  . ILE A 1 71  ? 4.116   -12.325 3.722   1.00 26.76 ? 45  ILE A CA  1 
ATOM   312  C C   . ILE A 1 71  ? 2.726   -12.282 3.083   1.00 24.28 ? 45  ILE A C   1 
ATOM   313  O O   . ILE A 1 71  ? 1.907   -11.408 3.387   1.00 26.05 ? 45  ILE A O   1 
ATOM   314  C CB  . ILE A 1 71  ? 5.206   -11.763 2.793   1.00 25.77 ? 45  ILE A CB  1 
ATOM   315  C CG1 . ILE A 1 71  ? 6.546   -11.728 3.531   1.00 32.87 ? 45  ILE A CG1 1 
ATOM   316  C CG2 . ILE A 1 71  ? 4.846   -10.352 2.316   1.00 28.92 ? 45  ILE A CG2 1 
ATOM   317  C CD1 . ILE A 1 71  ? 7.686   -11.183 2.722   1.00 31.41 ? 45  ILE A CD1 1 
ATOM   318  N N   . GLU A 1 72  ? 2.438   -13.238 2.197   1.00 29.10 ? 46  GLU A N   1 
ATOM   319  C CA  . GLU A 1 72  ? 1.130   -13.285 1.545   1.00 26.80 ? 46  GLU A CA  1 
ATOM   320  C C   . GLU A 1 72  ? 0.011   -13.470 2.558   1.00 27.42 ? 46  GLU A C   1 
ATOM   321  O O   . GLU A 1 72  ? -1.081  -12.896 2.407   1.00 22.90 ? 46  GLU A O   1 
ATOM   322  C CB  . GLU A 1 72  ? 1.105   -14.416 0.515   1.00 32.66 ? 46  GLU A CB  1 
ATOM   323  N N   . ASP A 1 73  ? 0.248   -14.296 3.584   1.00 24.91 ? 47  ASP A N   1 
ATOM   324  C CA  . ASP A 1 73  ? -0.752  -14.462 4.631   1.00 26.09 ? 47  ASP A CA  1 
ATOM   325  C C   . ASP A 1 73  ? -0.928  -13.174 5.430   1.00 23.41 ? 47  ASP A C   1 
ATOM   326  O O   . ASP A 1 73  ? -2.057  -12.789 5.761   1.00 24.15 ? 47  ASP A O   1 
ATOM   327  C CB  . ASP A 1 73  ? -0.367  -15.636 5.555   1.00 28.50 ? 47  ASP A CB  1 
ATOM   328  C CG  . ASP A 1 73  ? -0.469  -17.007 4.859   1.00 35.62 ? 47  ASP A CG  1 
ATOM   329  O OD1 . ASP A 1 73  ? -1.384  -17.204 4.035   1.00 39.29 ? 47  ASP A OD1 1 
ATOM   330  O OD2 . ASP A 1 73  ? 0.363   -17.904 5.147   1.00 41.43 ? 47  ASP A OD2 1 
ATOM   331  N N   . GLY A 1 74  ? 0.170   -12.484 5.747   1.00 22.91 ? 48  GLY A N   1 
ATOM   332  C CA  . GLY A 1 74  ? 0.036   -11.204 6.430   1.00 23.83 ? 48  GLY A CA  1 
ATOM   333  C C   . GLY A 1 74  ? -0.776  -10.202 5.627   1.00 22.75 ? 48  GLY A C   1 
ATOM   334  O O   . GLY A 1 74  ? -1.586  -9.448  6.177   1.00 24.15 ? 48  GLY A O   1 
ATOM   335  N N   . ALA A 1 75  ? -0.578  -10.183 4.314   1.00 20.24 ? 49  ALA A N   1 
ATOM   336  C CA  . ALA A 1 75  ? -1.313  -9.247  3.466   1.00 23.73 ? 49  ALA A CA  1 
ATOM   337  C C   . ALA A 1 75  ? -2.803  -9.576  3.433   1.00 24.06 ? 49  ALA A C   1 
ATOM   338  O O   . ALA A 1 75  ? -3.651  -8.675  3.514   1.00 24.29 ? 49  ALA A O   1 
ATOM   339  C CB  . ALA A 1 75  ? -0.719  -9.264  2.055   1.00 22.31 ? 49  ALA A CB  1 
ATOM   340  N N   . ARG A 1 76  ? -3.147  -10.860 3.323   1.00 23.39 ? 50  ARG A N   1 
ATOM   341  C CA  . ARG A 1 76  ? -4.557  -11.232 3.317   1.00 23.47 ? 50  ARG A CA  1 
ATOM   342  C C   . ARG A 1 76  ? -5.223  -10.808 4.619   1.00 25.34 ? 50  ARG A C   1 
ATOM   343  O O   . ARG A 1 76  ? -6.297  -10.190 4.616   1.00 22.42 ? 50  ARG A O   1 
ATOM   344  C CB  . ARG A 1 76  ? -4.690  -12.739 3.084   1.00 25.95 ? 50  ARG A CB  1 
ATOM   345  C CG  . ARG A 1 76  ? -6.121  -13.241 2.930   1.00 35.44 ? 50  ARG A CG  1 
ATOM   346  C CD  . ARG A 1 76  ? -6.142  -14.737 2.602   1.00 40.98 ? 50  ARG A CD  1 
ATOM   347  N NE  . ARG A 1 76  ? -4.933  -15.146 1.877   1.00 44.96 ? 50  ARG A NE  1 
ATOM   348  C CZ  . ARG A 1 76  ? -4.835  -15.226 0.556   1.00 40.00 ? 50  ARG A CZ  1 
ATOM   349  N NH1 . ARG A 1 76  ? -5.871  -14.933 -0.217  1.00 45.28 ? 50  ARG A NH1 1 
ATOM   350  N NH2 . ARG A 1 76  ? -3.694  -15.603 0.001   1.00 46.26 ? 50  ARG A NH2 1 
ATOM   351  N N   . ARG A 1 77  ? -4.575  -11.113 5.750   1.00 23.34 ? 51  ARG A N   1 
ATOM   352  C CA  . ARG A 1 77  ? -5.110  -10.746 7.057   1.00 29.18 ? 51  ARG A CA  1 
ATOM   353  C C   . ARG A 1 77  ? -5.256  -9.233  7.191   1.00 25.58 ? 51  ARG A C   1 
ATOM   354  O O   . ARG A 1 77  ? -6.300  -8.737  7.620   1.00 26.74 ? 51  ARG A O   1 
ATOM   355  C CB  . ARG A 1 77  ? -4.209  -11.305 8.168   1.00 29.44 ? 51  ARG A CB  1 
ATOM   356  C CG  . ARG A 1 77  ? -4.540  -10.796 9.581   1.00 32.44 ? 51  ARG A CG  1 
ATOM   357  C CD  . ARG A 1 77  ? -3.557  -11.342 10.630  1.00 33.53 ? 51  ARG A CD  1 
ATOM   358  N NE  . ARG A 1 77  ? -2.173  -10.988 10.310  1.00 33.08 ? 51  ARG A NE  1 
ATOM   359  C CZ  . ARG A 1 77  ? -1.650  -9.782  10.519  1.00 33.69 ? 51  ARG A CZ  1 
ATOM   360  N NH1 . ARG A 1 77  ? -2.393  -8.825  11.061  1.00 33.35 ? 51  ARG A NH1 1 
ATOM   361  N NH2 . ARG A 1 77  ? -0.388  -9.528  10.190  1.00 32.08 ? 51  ARG A NH2 1 
ATOM   362  N N   . GLU A 1 78  ? -4.213  -8.481  6.824   1.00 23.53 ? 52  GLU A N   1 
ATOM   363  C CA  . GLU A 1 78  ? -4.274  -7.025  6.941   1.00 25.77 ? 52  GLU A CA  1 
ATOM   364  C C   . GLU A 1 78  ? -5.399  -6.436  6.096   1.00 25.51 ? 52  GLU A C   1 
ATOM   365  O O   . GLU A 1 78  ? -6.114  -5.535  6.551   1.00 25.33 ? 52  GLU A O   1 
ATOM   366  C CB  . GLU A 1 78  ? -2.933  -6.393  6.540   1.00 24.25 ? 52  GLU A CB  1 
ATOM   367  C CG  . GLU A 1 78  ? -1.883  -6.436  7.638   1.00 32.89 ? 52  GLU A CG  1 
ATOM   368  C CD  . GLU A 1 78  ? -2.398  -5.872  8.947   1.00 37.35 ? 52  GLU A CD  1 
ATOM   369  O OE1 . GLU A 1 78  ? -1.990  -4.756  9.335   1.00 44.63 ? 52  GLU A OE1 1 
ATOM   370  O OE2 . GLU A 1 78  ? -3.236  -6.541  9.585   1.00 45.99 ? 52  GLU A OE2 1 
ATOM   371  N N   . LEU A 1 79  ? -5.559  -6.902  4.858   1.00 21.18 ? 53  LEU A N   1 
ATOM   372  C CA  . LEU A 1 79  ? -6.661  -6.396  4.043   1.00 21.99 ? 53  LEU A CA  1 
ATOM   373  C C   . LEU A 1 79  ? -8.001  -6.685  4.709   1.00 28.38 ? 53  LEU A C   1 
ATOM   374  O O   . LEU A 1 79  ? -8.856  -5.801  4.826   1.00 25.42 ? 53  LEU A O   1 
ATOM   375  C CB  . LEU A 1 79  ? -6.624  -7.007  2.645   1.00 26.84 ? 53  LEU A CB  1 
ATOM   376  C CG  . LEU A 1 79  ? -7.817  -6.566  1.790   1.00 27.52 ? 53  LEU A CG  1 
ATOM   377  C CD1 . LEU A 1 79  ? -7.611  -5.144  1.259   1.00 21.84 ? 53  LEU A CD1 1 
ATOM   378  C CD2 . LEU A 1 79  ? -8.065  -7.540  0.665   1.00 28.85 ? 53  LEU A CD2 1 
ATOM   379  N N   . GLN A 1 80  ? -8.194  -7.923  5.171   1.00 26.94 ? 54  GLN A N   1 
ATOM   380  C CA  . GLN A 1 80  ? -9.486  -8.297  5.727   1.00 27.06 ? 54  GLN A CA  1 
ATOM   381  C C   . GLN A 1 80  ? -9.774  -7.536  7.012   1.00 27.84 ? 54  GLN A C   1 
ATOM   382  O O   . GLN A 1 80  ? -10.892 -7.049  7.209   1.00 28.96 ? 54  GLN A O   1 
ATOM   383  C CB  . GLN A 1 80  ? -9.545  -9.810  5.946   1.00 29.61 ? 54  GLN A CB  1 
ATOM   384  C CG  . GLN A 1 80  ? -9.359  -10.607 4.644   1.00 31.65 ? 54  GLN A CG  1 
ATOM   385  C CD  . GLN A 1 80  ? -9.310  -12.110 4.869   1.00 38.54 ? 54  GLN A CD  1 
ATOM   386  O OE1 . GLN A 1 80  ? -9.050  -12.581 5.980   1.00 42.66 ? 54  GLN A OE1 1 
ATOM   387  N NE2 . GLN A 1 80  ? -9.557  -12.872 3.808   1.00 40.94 ? 54  GLN A NE2 1 
ATOM   388  N N   . GLU A 1 81  ? -8.765  -7.380  7.877   1.00 29.93 ? 55  GLU A N   1 
ATOM   389  C CA  . GLU A 1 81  ? -8.971  -6.719  9.166   1.00 30.91 ? 55  GLU A CA  1 
ATOM   390  C C   . GLU A 1 81  ? -9.274  -5.235  9.009   1.00 30.91 ? 55  GLU A C   1 
ATOM   391  O O   . GLU A 1 81  ? -10.076 -4.677  9.773   1.00 29.71 ? 55  GLU A O   1 
ATOM   392  C CB  . GLU A 1 81  ? -7.739  -6.905  10.056  1.00 30.52 ? 55  GLU A CB  1 
ATOM   393  C CG  . GLU A 1 81  ? -7.341  -8.357  10.264  1.00 36.12 ? 55  GLU A CG  1 
ATOM   394  C CD  . GLU A 1 81  ? -8.521  -9.235  10.645  1.00 45.33 ? 55  GLU A CD  1 
ATOM   395  O OE1 . GLU A 1 81  ? -9.468  -8.719  11.289  1.00 46.75 ? 55  GLU A OE1 1 
ATOM   396  O OE2 . GLU A 1 81  ? -8.504  -10.439 10.287  1.00 48.84 ? 55  GLU A OE2 1 
ATOM   397  N N   . GLU A 1 82  ? -8.615  -4.570  8.056   1.00 24.44 ? 56  GLU A N   1 
ATOM   398  C CA  . GLU A 1 82  ? -8.707  -3.118  7.922   1.00 24.24 ? 56  GLU A CA  1 
ATOM   399  C C   . GLU A 1 82  ? -9.840  -2.664  7.018   1.00 27.48 ? 56  GLU A C   1 
ATOM   400  O O   . GLU A 1 82  ? -10.389 -1.579  7.234   1.00 31.48 ? 56  GLU A O   1 
ATOM   401  C CB  . GLU A 1 82  ? -7.395  -2.547  7.372   1.00 26.23 ? 56  GLU A CB  1 
ATOM   402  C CG  . GLU A 1 82  ? -6.227  -2.730  8.336   1.00 29.55 ? 56  GLU A CG  1 
ATOM   403  C CD  . GLU A 1 82  ? -4.946  -2.096  7.849   1.00 32.55 ? 56  GLU A CD  1 
ATOM   404  O OE1 . GLU A 1 82  ? -4.948  -1.489  6.756   1.00 27.97 ? 56  GLU A OE1 1 
ATOM   405  O OE2 . GLU A 1 82  ? -3.929  -2.216  8.566   1.00 38.39 ? 56  GLU A OE2 1 
ATOM   406  N N   . SER A 1 83  ? -10.177 -3.433  5.989   1.00 23.60 ? 57  SER A N   1 
ATOM   407  C CA  . SER A 1 83  ? -11.217 -3.036  5.059   1.00 24.86 ? 57  SER A CA  1 
ATOM   408  C C   . SER A 1 83  ? -12.510 -3.816  5.227   1.00 28.54 ? 57  SER A C   1 
ATOM   409  O O   . SER A 1 83  ? -13.534 -3.402  4.677   1.00 29.95 ? 57  SER A O   1 
ATOM   410  C CB  . SER A 1 83  ? -10.736 -3.206  3.618   1.00 21.10 ? 57  SER A CB  1 
ATOM   411  O OG  . SER A 1 83  ? -10.786 -4.565  3.250   1.00 21.79 ? 57  SER A OG  1 
ATOM   412  N N   . GLY A 1 84  ? -12.489 -4.943  5.932   1.00 25.11 ? 58  GLY A N   1 
ATOM   413  C CA  . GLY A 1 84  ? -13.650 -5.805  6.002   1.00 32.06 ? 58  GLY A CA  1 
ATOM   414  C C   . GLY A 1 84  ? -13.877 -6.702  4.798   1.00 31.49 ? 58  GLY A C   1 
ATOM   415  O O   . GLY A 1 84  ? -14.798 -7.524  4.827   1.00 29.33 ? 58  GLY A O   1 
ATOM   416  N N   . LEU A 1 85  ? -13.074 -6.575  3.745   1.00 30.03 ? 59  LEU A N   1 
ATOM   417  C CA  . LEU A 1 85  ? -13.240 -7.404  2.560   1.00 30.10 ? 59  LEU A CA  1 
ATOM   418  C C   . LEU A 1 85  ? -12.589 -8.773  2.738   1.00 30.81 ? 59  LEU A C   1 
ATOM   419  O O   . LEU A 1 85  ? -11.606 -8.935  3.468   1.00 32.55 ? 59  LEU A O   1 
ATOM   420  C CB  . LEU A 1 85  ? -12.632 -6.722  1.339   1.00 31.96 ? 59  LEU A CB  1 
ATOM   421  C CG  . LEU A 1 85  ? -13.102 -5.310  1.004   1.00 24.73 ? 59  LEU A CG  1 
ATOM   422  C CD1 . LEU A 1 85  ? -12.207 -4.718  -0.085  1.00 23.97 ? 59  LEU A CD1 1 
ATOM   423  C CD2 . LEU A 1 85  ? -14.556 -5.325  0.565   1.00 26.89 ? 59  LEU A CD2 1 
ATOM   424  N N   . THR A 1 86  ? -13.147 -9.759  2.041   1.00 31.15 ? 60  THR A N   1 
ATOM   425  C CA  . THR A 1 86  ? -12.555 -11.083 1.910   1.00 32.78 ? 60  THR A CA  1 
ATOM   426  C C   . THR A 1 86  ? -11.932 -11.208 0.530   1.00 32.84 ? 60  THR A C   1 
ATOM   427  O O   . THR A 1 86  ? -12.585 -10.912 -0.475  1.00 33.94 ? 60  THR A O   1 
ATOM   428  C CB  . THR A 1 86  ? -13.611 -12.176 2.089   1.00 35.54 ? 60  THR A CB  1 
ATOM   429  O OG1 . THR A 1 86  ? -14.212 -12.056 3.382   1.00 35.35 ? 60  THR A OG1 1 
ATOM   430  C CG2 . THR A 1 86  ? -12.974 -13.547 1.944   1.00 34.11 ? 60  THR A CG2 1 
ATOM   431  N N   . VAL A 1 87  ? -10.689 -11.665 0.467   1.00 37.08 ? 61  VAL A N   1 
ATOM   432  C CA  . VAL A 1 87  ? -9.983  -11.752 -0.808  1.00 36.37 ? 61  VAL A CA  1 
ATOM   433  C C   . VAL A 1 87  ? -9.681  -13.208 -1.132  1.00 42.49 ? 61  VAL A C   1 
ATOM   434  O O   . VAL A 1 87  ? -9.225  -13.972 -0.271  1.00 41.77 ? 61  VAL A O   1 
ATOM   435  C CB  . VAL A 1 87  ? -8.694  -10.907 -0.814  1.00 38.18 ? 61  VAL A CB  1 
ATOM   436  C CG1 . VAL A 1 87  ? -7.725  -11.374 0.261   1.00 37.67 ? 61  VAL A CG1 1 
ATOM   437  C CG2 . VAL A 1 87  ? -8.041  -10.950 -2.185  1.00 43.21 ? 61  VAL A CG2 1 
ATOM   438  N N   . ASP A 1 88  ? -9.947  -13.588 -2.381  1.00 39.75 ? 62  ASP A N   1 
ATOM   439  C CA  . ASP A 1 88  ? -9.442  -14.848 -2.903  1.00 45.64 ? 62  ASP A CA  1 
ATOM   440  C C   . ASP A 1 88  ? -7.967  -14.693 -3.246  1.00 44.60 ? 62  ASP A C   1 
ATOM   441  O O   . ASP A 1 88  ? -7.100  -14.807 -2.374  1.00 45.53 ? 62  ASP A O   1 
ATOM   442  C CB  . ASP A 1 88  ? -10.241 -15.286 -4.133  1.00 44.69 ? 62  ASP A CB  1 
ATOM   443  N N   . ALA A 1 89  ? -7.678  -14.393 -4.507  1.00 42.05 ? 63  ALA A N   1 
ATOM   444  C CA  . ALA A 1 89  ? -6.319  -14.416 -5.021  1.00 41.41 ? 63  ALA A CA  1 
ATOM   445  C C   . ALA A 1 89  ? -5.652  -13.056 -4.850  1.00 35.53 ? 63  ALA A C   1 
ATOM   446  O O   . ALA A 1 89  ? -6.236  -12.024 -5.200  1.00 34.12 ? 63  ALA A O   1 
ATOM   447  C CB  . ALA A 1 89  ? -6.328  -14.820 -6.495  1.00 41.33 ? 63  ALA A CB  1 
ATOM   448  N N   . LEU A 1 90  ? -4.439  -13.061 -4.299  1.00 32.28 ? 64  LEU A N   1 
ATOM   449  C CA  . LEU A 1 90  ? -3.587  -11.883 -4.230  1.00 32.30 ? 64  LEU A CA  1 
ATOM   450  C C   . LEU A 1 90  ? -2.402  -12.071 -5.158  1.00 35.57 ? 64  LEU A C   1 
ATOM   451  O O   . LEU A 1 90  ? -1.819  -13.159 -5.220  1.00 35.56 ? 64  LEU A O   1 
ATOM   452  C CB  . LEU A 1 90  ? -3.059  -11.628 -2.817  1.00 32.44 ? 64  LEU A CB  1 
ATOM   453  C CG  . LEU A 1 90  ? -3.959  -10.971 -1.779  1.00 31.16 ? 64  LEU A CG  1 
ATOM   454  C CD1 . LEU A 1 90  ? -3.249  -10.973 -0.448  1.00 31.89 ? 64  LEU A CD1 1 
ATOM   455  C CD2 . LEU A 1 90  ? -4.315  -9.558  -2.181  1.00 30.13 ? 64  LEU A CD2 1 
ATOM   456  N N   . HIS A 1 91  ? -2.032  -11.005 -5.854  1.00 26.05 ? 65  HIS A N   1 
ATOM   457  C CA  . HIS A 1 91  ? -0.907  -11.016 -6.775  1.00 33.28 ? 65  HIS A CA  1 
ATOM   458  C C   . HIS A 1 91  ? 0.164   -10.081 -6.241  1.00 28.01 ? 65  HIS A C   1 
ATOM   459  O O   . HIS A 1 91  ? -0.128  -8.931  -5.906  1.00 24.81 ? 65  HIS A O   1 
ATOM   460  C CB  . HIS A 1 91  ? -1.342  -10.587 -8.178  1.00 30.47 ? 65  HIS A CB  1 
ATOM   461  C CG  . HIS A 1 91  ? -2.427  -11.443 -8.749  1.00 37.72 ? 65  HIS A CG  1 
ATOM   462  N ND1 . HIS A 1 91  ? -2.206  -12.734 -9.177  1.00 46.26 ? 65  HIS A ND1 1 
ATOM   463  C CD2 . HIS A 1 91  ? -3.748  -11.206 -8.933  1.00 42.16 ? 65  HIS A CD2 1 
ATOM   464  C CE1 . HIS A 1 91  ? -3.341  -13.253 -9.612  1.00 46.89 ? 65  HIS A CE1 1 
ATOM   465  N NE2 . HIS A 1 91  ? -4.292  -12.347 -9.474  1.00 48.82 ? 65  HIS A NE2 1 
ATOM   466  N N   . LYS A 1 92  ? 1.395   -10.577 -6.155  1.00 26.49 ? 66  LYS A N   1 
ATOM   467  C CA  . LYS A 1 92  ? 2.513   -9.754  -5.714  1.00 25.75 ? 66  LYS A CA  1 
ATOM   468  C C   . LYS A 1 92  ? 2.918   -8.857  -6.873  1.00 20.75 ? 66  LYS A C   1 
ATOM   469  O O   . LYS A 1 92  ? 3.223   -9.352  -7.960  1.00 31.02 ? 66  LYS A O   1 
ATOM   470  C CB  . LYS A 1 92  ? 3.681   -10.632 -5.265  1.00 27.14 ? 66  LYS A CB  1 
ATOM   471  N N   . VAL A 1 93  ? 2.896   -7.544  -6.672  1.00 23.28 ? 67  VAL A N   1 
ATOM   472  C CA  . VAL A 1 93  ? 3.195   -6.627  -7.763  1.00 20.01 ? 67  VAL A CA  1 
ATOM   473  C C   . VAL A 1 93  ? 4.455   -5.797  -7.523  1.00 25.66 ? 67  VAL A C   1 
ATOM   474  O O   . VAL A 1 93  ? 5.044   -5.306  -8.501  1.00 24.84 ? 67  VAL A O   1 
ATOM   475  C CB  . VAL A 1 93  ? 1.997   -5.707  -8.095  1.00 26.27 ? 67  VAL A CB  1 
ATOM   476  C CG1 . VAL A 1 93  ? 0.848   -6.515  -8.681  1.00 29.72 ? 67  VAL A CG1 1 
ATOM   477  C CG2 . VAL A 1 93  ? 1.528   -4.933  -6.891  1.00 21.95 ? 67  VAL A CG2 1 
ATOM   478  N N   . GLY A 1 94  ? 4.904   -5.643  -6.281  1.00 19.26 ? 68  GLY A N   1 
ATOM   479  C CA  . GLY A 1 94  ? 6.098   -4.843  -6.079  1.00 20.34 ? 68  GLY A CA  1 
ATOM   480  C C   . GLY A 1 94  ? 6.696   -4.993  -4.699  1.00 21.54 ? 68  GLY A C   1 
ATOM   481  O O   . GLY A 1 94  ? 6.109   -5.590  -3.788  1.00 19.84 ? 68  GLY A O   1 
ATOM   482  N N   . GLN A 1 95  ? 7.899   -4.445  -4.567  1.00 19.93 ? 69  GLN A N   1 
ATOM   483  C CA  . GLN A 1 95  ? 8.595   -4.377  -3.291  1.00 25.31 ? 69  GLN A CA  1 
ATOM   484  C C   . GLN A 1 95  ? 9.268   -3.018  -3.215  1.00 23.71 ? 69  GLN A C   1 
ATOM   485  O O   . GLN A 1 95  ? 10.038  -2.665  -4.116  1.00 21.53 ? 69  GLN A O   1 
ATOM   486  C CB  . GLN A 1 95  ? 9.629   -5.502  -3.137  1.00 26.05 ? 69  GLN A CB  1 
ATOM   487  C CG  . GLN A 1 95  ? 10.273  -5.545  -1.746  1.00 29.80 ? 69  GLN A CG  1 
ATOM   488  C CD  . GLN A 1 95  ? 11.196  -6.735  -1.548  1.00 30.41 ? 69  GLN A CD  1 
ATOM   489  O OE1 . GLN A 1 95  ? 11.105  -7.734  -2.260  1.00 35.51 ? 69  GLN A OE1 1 
ATOM   490  N NE2 . GLN A 1 95  ? 12.094  -6.631  -0.578  1.00 30.91 ? 69  GLN A NE2 1 
ATOM   491  N N   . ILE A 1 96  ? 8.985   -2.272  -2.146  1.00 18.34 ? 70  ILE A N   1 
ATOM   492  C CA  . ILE A 1 96  ? 9.491   -0.916  -1.955  1.00 22.48 ? 70  ILE A CA  1 
ATOM   493  C C   . ILE A 1 96  ? 10.155  -0.820  -0.586  1.00 23.12 ? 70  ILE A C   1 
ATOM   494  O O   . ILE A 1 96  ? 9.540   -1.162  0.430   1.00 20.74 ? 70  ILE A O   1 
ATOM   495  C CB  . ILE A 1 96  ? 8.366   0.131   -2.058  1.00 25.13 ? 70  ILE A CB  1 
ATOM   496  C CG1 . ILE A 1 96  ? 7.694   0.080   -3.430  1.00 31.63 ? 70  ILE A CG1 1 
ATOM   497  C CG2 . ILE A 1 96  ? 8.914   1.535   -1.800  1.00 23.57 ? 70  ILE A CG2 1 
ATOM   498  C CD1 . ILE A 1 96  ? 6.603   1.101   -3.585  1.00 29.26 ? 70  ILE A CD1 1 
ATOM   499  N N   . VAL A 1 97  ? 11.393  -0.327  -0.551  1.00 19.33 ? 71  VAL A N   1 
ATOM   500  C CA  . VAL A 1 97  ? 12.129  -0.121  0.698   1.00 22.71 ? 71  VAL A CA  1 
ATOM   501  C C   . VAL A 1 97  ? 12.110  1.364   1.039   1.00 23.55 ? 71  VAL A C   1 
ATOM   502  O O   . VAL A 1 97  ? 12.442  2.204   0.194   1.00 26.50 ? 71  VAL A O   1 
ATOM   503  C CB  . VAL A 1 97  ? 13.576  -0.636  0.597   1.00 29.10 ? 71  VAL A CB  1 
ATOM   504  C CG1 . VAL A 1 97  ? 14.362  -0.299  1.879   1.00 23.93 ? 71  VAL A CG1 1 
ATOM   505  C CG2 . VAL A 1 97  ? 13.597  -2.135  0.335   1.00 26.06 ? 71  VAL A CG2 1 
ATOM   506  N N   . PHE A 1 98  ? 11.712  1.699   2.264   1.00 19.69 ? 72  PHE A N   1 
ATOM   507  C CA  . PHE A 1 98  ? 11.696  3.092   2.701   1.00 20.91 ? 72  PHE A CA  1 
ATOM   508  C C   . PHE A 1 98  ? 12.794  3.317   3.727   1.00 22.27 ? 72  PHE A C   1 
ATOM   509  O O   . PHE A 1 98  ? 12.933  2.538   4.675   1.00 20.73 ? 72  PHE A O   1 
ATOM   510  C CB  . PHE A 1 98  ? 10.337  3.488   3.291   1.00 21.78 ? 72  PHE A CB  1 
ATOM   511  C CG  . PHE A 1 98  ? 9.217   3.474   2.292   1.00 23.02 ? 72  PHE A CG  1 
ATOM   512  C CD1 . PHE A 1 98  ? 8.921   4.604   1.545   1.00 26.30 ? 72  PHE A CD1 1 
ATOM   513  C CD2 . PHE A 1 98  ? 8.461   2.334   2.101   1.00 22.86 ? 72  PHE A CD2 1 
ATOM   514  C CE1 . PHE A 1 98  ? 7.886   4.601   0.626   1.00 23.61 ? 72  PHE A CE1 1 
ATOM   515  C CE2 . PHE A 1 98  ? 7.420   2.319   1.179   1.00 27.69 ? 72  PHE A CE2 1 
ATOM   516  C CZ  . PHE A 1 98  ? 7.130   3.451   0.439   1.00 23.13 ? 72  PHE A CZ  1 
ATOM   517  N N   . GLU A 1 99  ? 13.576  4.374   3.526   1.00 17.39 ? 73  GLU A N   1 
ATOM   518  C CA  . GLU A 1 99  ? 14.572  4.818   4.491   1.00 21.08 ? 73  GLU A CA  1 
ATOM   519  C C   . GLU A 1 99  ? 14.216  6.214   4.974   1.00 23.30 ? 73  GLU A C   1 
ATOM   520  O O   . GLU A 1 99  ? 13.955  7.108   4.160   1.00 25.04 ? 73  GLU A O   1 
ATOM   521  C CB  . GLU A 1 99  ? 15.980  4.856   3.900   1.00 23.94 ? 73  GLU A CB  1 
ATOM   522  C CG  . GLU A 1 99  ? 16.931  5.607   4.841   1.00 24.82 ? 73  GLU A CG  1 
ATOM   523  C CD  . GLU A 1 99  ? 18.298  5.856   4.261   1.00 29.25 ? 73  GLU A CD  1 
ATOM   524  O OE1 . GLU A 1 99  ? 18.726  5.093   3.370   1.00 29.55 ? 73  GLU A OE1 1 
ATOM   525  O OE2 . GLU A 1 99  ? 18.940  6.829   4.715   1.00 32.01 ? 73  GLU A OE2 1 
ATOM   526  N N   . PHE A 1 100 ? 14.234  6.405   6.287   1.00 22.04 ? 74  PHE A N   1 
ATOM   527  C CA  . PHE A 1 100 ? 13.978  7.701   6.908   1.00 22.43 ? 74  PHE A CA  1 
ATOM   528  C C   . PHE A 1 100 ? 15.281  8.159   7.547   1.00 27.30 ? 74  PHE A C   1 
ATOM   529  O O   . PHE A 1 100 ? 15.739  7.561   8.528   1.00 23.78 ? 74  PHE A O   1 
ATOM   530  C CB  . PHE A 1 100 ? 12.829  7.602   7.916   1.00 29.58 ? 74  PHE A CB  1 
ATOM   531  C CG  . PHE A 1 100 ? 11.514  7.246   7.275   1.00 27.96 ? 74  PHE A CG  1 
ATOM   532  C CD1 . PHE A 1 100 ? 10.714  8.227   6.740   1.00 30.76 ? 74  PHE A CD1 1 
ATOM   533  C CD2 . PHE A 1 100 ? 11.116  5.923   7.154   1.00 30.43 ? 74  PHE A CD2 1 
ATOM   534  C CE1 . PHE A 1 100 ? 9.520   7.906   6.120   1.00 31.78 ? 74  PHE A CE1 1 
ATOM   535  C CE2 . PHE A 1 100 ? 9.924   5.593   6.543   1.00 32.30 ? 74  PHE A CE2 1 
ATOM   536  C CZ  . PHE A 1 100 ? 9.125   6.589   6.020   1.00 29.87 ? 74  PHE A CZ  1 
ATOM   537  N N   . VAL A 1 101 ? 15.891  9.201   6.968   1.00 23.86 ? 75  VAL A N   1 
ATOM   538  C CA  . VAL A 1 101 ? 17.193  9.661   7.435   1.00 29.23 ? 75  VAL A CA  1 
ATOM   539  C C   . VAL A 1 101 ? 17.173  9.785   8.949   1.00 29.62 ? 75  VAL A C   1 
ATOM   540  O O   . VAL A 1 101 ? 16.253  10.370  9.527   1.00 33.23 ? 75  VAL A O   1 
ATOM   541  C CB  . VAL A 1 101 ? 17.566  10.994  6.758   1.00 38.97 ? 75  VAL A CB  1 
ATOM   542  N N   . GLY A 1 102 ? 18.168  9.191   9.603   1.00 36.20 ? 76  GLY A N   1 
ATOM   543  C CA  . GLY A 1 102 ? 18.252  9.219   11.045  1.00 36.09 ? 76  GLY A CA  1 
ATOM   544  C C   . GLY A 1 102 ? 17.596  8.046   11.747  1.00 37.63 ? 76  GLY A C   1 
ATOM   545  O O   . GLY A 1 102 ? 17.942  7.759   12.896  1.00 40.92 ? 76  GLY A O   1 
ATOM   546  N N   . GLU A 1 103 ? 16.653  7.351   11.082  1.00 30.60 ? 77  GLU A N   1 
ATOM   547  C CA  . GLU A 1 103 ? 15.992  6.231   11.729  1.00 29.86 ? 77  GLU A CA  1 
ATOM   548  C C   . GLU A 1 103 ? 16.652  4.933   11.310  1.00 27.94 ? 77  GLU A C   1 
ATOM   549  O O   . GLU A 1 103 ? 16.745  4.654   10.106  1.00 27.30 ? 77  GLU A O   1 
ATOM   550  C CB  . GLU A 1 103 ? 14.509  6.199   11.376  1.00 33.63 ? 77  GLU A CB  1 
ATOM   551  C CG  . GLU A 1 103 ? 13.792  7.459   11.796  1.00 40.13 ? 77  GLU A CG  1 
ATOM   552  C CD  . GLU A 1 103 ? 12.306  7.417   11.528  1.00 45.80 ? 77  GLU A CD  1 
ATOM   553  O OE1 . GLU A 1 103 ? 11.751  6.307   11.368  1.00 48.78 ? 77  GLU A OE1 1 
ATOM   554  O OE2 . GLU A 1 103 ? 11.696  8.507   11.470  1.00 49.77 ? 77  GLU A OE2 1 
ATOM   555  N N   . PRO A 1 104 ? 17.116  4.127   12.270  1.00 27.71 ? 78  PRO A N   1 
ATOM   556  C CA  . PRO A 1 104 ? 17.887  2.927   11.910  1.00 25.90 ? 78  PRO A CA  1 
ATOM   557  C C   . PRO A 1 104 ? 17.095  1.912   11.122  1.00 25.05 ? 78  PRO A C   1 
ATOM   558  O O   . PRO A 1 104 ? 17.675  1.216   10.288  1.00 23.91 ? 78  PRO A O   1 
ATOM   559  C CB  . PRO A 1 104 ? 18.307  2.356   13.276  1.00 25.81 ? 78  PRO A CB  1 
ATOM   560  C CG  . PRO A 1 104 ? 17.304  2.921   14.246  1.00 32.05 ? 78  PRO A CG  1 
ATOM   561  C CD  . PRO A 1 104 ? 17.028  4.309   13.728  1.00 29.13 ? 78  PRO A CD  1 
ATOM   562  N N   . GLU A 1 105 ? 15.798  1.781   11.379  1.00 21.55 ? 79  GLU A N   1 
ATOM   563  C CA  . GLU A 1 105 ? 15.003  0.700   10.808  1.00 21.07 ? 79  GLU A CA  1 
ATOM   564  C C   . GLU A 1 105 ? 14.483  1.104   9.425   1.00 22.87 ? 79  GLU A C   1 
ATOM   565  O O   . GLU A 1 105 ? 13.798  2.121   9.289   1.00 22.59 ? 79  GLU A O   1 
ATOM   566  C CB  . GLU A 1 105 ? 13.852  0.377   11.758  1.00 32.22 ? 79  GLU A CB  1 
ATOM   567  C CG  . GLU A 1 105 ? 13.166  -0.953  11.567  1.00 33.64 ? 79  GLU A CG  1 
ATOM   568  C CD  . GLU A 1 105 ? 12.195  -1.226  12.709  1.00 41.40 ? 79  GLU A CD  1 
ATOM   569  O OE1 . GLU A 1 105 ? 12.666  -1.509  13.832  1.00 49.48 ? 79  GLU A OE1 1 
ATOM   570  O OE2 . GLU A 1 105 ? 10.969  -1.119  12.499  1.00 42.88 ? 79  GLU A OE2 1 
ATOM   571  N N   . LEU A 1 106 ? 14.816  0.313   8.406   1.00 25.42 ? 80  LEU A N   1 
ATOM   572  C CA  . LEU A 1 106 ? 14.210  0.456   7.081   1.00 23.27 ? 80  LEU A CA  1 
ATOM   573  C C   . LEU A 1 106 ? 12.841  -0.226  7.059   1.00 26.90 ? 80  LEU A C   1 
ATOM   574  O O   . LEU A 1 106 ? 12.588  -1.157  7.827   1.00 23.84 ? 80  LEU A O   1 
ATOM   575  C CB  . LEU A 1 106 ? 15.109  -0.166  6.009   1.00 23.93 ? 80  LEU A CB  1 
ATOM   576  C CG  . LEU A 1 106 ? 16.550  0.346   5.883   1.00 27.09 ? 80  LEU A CG  1 
ATOM   577  C CD1 . LEU A 1 106 ? 17.375  -0.563  4.982   1.00 30.12 ? 80  LEU A CD1 1 
ATOM   578  C CD2 . LEU A 1 106 ? 16.547  1.762   5.345   1.00 24.43 ? 80  LEU A CD2 1 
ATOM   579  N N   . MET A 1 107 ? 11.947  0.256   6.191   1.00 20.33 ? 81  MET A N   1 
ATOM   580  C CA  . MET A 1 107 ? 10.639  -0.373  5.986   1.00 22.58 ? 81  MET A CA  1 
ATOM   581  C C   . MET A 1 107 ? 10.657  -1.097  4.649   1.00 24.29 ? 81  MET A C   1 
ATOM   582  O O   . MET A 1 107 ? 10.765  -0.457  3.600   1.00 22.68 ? 81  MET A O   1 
ATOM   583  C CB  . MET A 1 107 ? 9.489   0.644   5.989   1.00 25.01 ? 81  MET A CB  1 
ATOM   584  C CG  . MET A 1 107 ? 9.349   1.522   7.198   1.00 26.41 ? 81  MET A CG  1 
ATOM   585  S SD  . MET A 1 107 ? 7.903   2.601   7.019   1.00 48.01 ? 81  MET A SD  1 
ATOM   586  C CE  . MET A 1 107 ? 6.585   1.431   6.690   1.00 35.13 ? 81  MET A CE  1 
ATOM   587  N N   . ASP A 1 108 ? 10.520  -2.420  4.681   1.00 23.45 ? 82  ASP A N   1 
ATOM   588  C CA  . ASP A 1 108 ? 10.533  -3.240  3.471   1.00 22.83 ? 82  ASP A CA  1 
ATOM   589  C C   . ASP A 1 108 ? 9.079   -3.583  3.133   1.00 23.71 ? 82  ASP A C   1 
ATOM   590  O O   . ASP A 1 108 ? 8.495   -4.499  3.722   1.00 20.45 ? 82  ASP A O   1 
ATOM   591  C CB  . ASP A 1 108 ? 11.384  -4.485  3.702   1.00 25.92 ? 82  ASP A CB  1 
ATOM   592  C CG  . ASP A 1 108 ? 11.355  -5.440  2.537   1.00 33.20 ? 82  ASP A CG  1 
ATOM   593  O OD1 . ASP A 1 108 ? 11.027  -5.001  1.411   1.00 31.81 ? 82  ASP A OD1 1 
ATOM   594  O OD2 . ASP A 1 108 ? 11.640  -6.643  2.755   1.00 34.57 ? 82  ASP A OD2 1 
ATOM   595  N N   . VAL A 1 109 ? 8.486   -2.842  2.197   1.00 20.40 ? 83  VAL A N   1 
ATOM   596  C CA  . VAL A 1 109 ? 7.047   -2.939  1.935   1.00 20.42 ? 83  VAL A CA  1 
ATOM   597  C C   . VAL A 1 109 ? 6.804   -3.845  0.737   1.00 20.15 ? 83  VAL A C   1 
ATOM   598  O O   . VAL A 1 109 ? 7.285   -3.575  -0.369  1.00 21.98 ? 83  VAL A O   1 
ATOM   599  C CB  . VAL A 1 109 ? 6.426   -1.552  1.709   1.00 21.27 ? 83  VAL A CB  1 
ATOM   600  C CG1 . VAL A 1 109 ? 4.929   -1.686  1.406   1.00 19.13 ? 83  VAL A CG1 1 
ATOM   601  C CG2 . VAL A 1 109 ? 6.665   -0.657  2.920   1.00 23.76 ? 83  VAL A CG2 1 
ATOM   602  N N   . HIS A 1 110 ? 6.032   -4.901  0.947   1.00 20.51 ? 84  HIS A N   1 
ATOM   603  C CA  . HIS A 1 110 ? 5.669   -5.842  -0.100  1.00 17.53 ? 84  HIS A CA  1 
ATOM   604  C C   . HIS A 1 110 ? 4.250   -5.507  -0.553  1.00 22.07 ? 84  HIS A C   1 
ATOM   605  O O   . HIS A 1 110 ? 3.313   -5.512  0.264   1.00 17.23 ? 84  HIS A O   1 
ATOM   606  C CB  . HIS A 1 110 ? 5.795   -7.283  0.405   1.00 19.70 ? 84  HIS A CB  1 
ATOM   607  C CG  . HIS A 1 110 ? 7.216   -7.687  0.667   1.00 24.80 ? 84  HIS A CG  1 
ATOM   608  N ND1 . HIS A 1 110 ? 7.898   -8.587  -0.124  1.00 23.25 ? 84  HIS A ND1 1 
ATOM   609  C CD2 . HIS A 1 110 ? 8.102   -7.254  1.595   1.00 21.72 ? 84  HIS A CD2 1 
ATOM   610  C CE1 . HIS A 1 110 ? 9.139   -8.706  0.320   1.00 25.58 ? 84  HIS A CE1 1 
ATOM   611  N NE2 . HIS A 1 110 ? 9.288   -7.909  1.364   1.00 20.11 ? 84  HIS A NE2 1 
ATOM   612  N N   . VAL A 1 111 ? 4.119   -5.151  -1.834  1.00 17.84 ? 85  VAL A N   1 
ATOM   613  C CA  . VAL A 1 111 ? 2.893   -4.601  -2.405  1.00 19.16 ? 85  VAL A CA  1 
ATOM   614  C C   . VAL A 1 111 ? 2.175   -5.694  -3.173  1.00 18.13 ? 85  VAL A C   1 
ATOM   615  O O   . VAL A 1 111 ? 2.790   -6.419  -3.969  1.00 19.35 ? 85  VAL A O   1 
ATOM   616  C CB  . VAL A 1 111 ? 3.187   -3.399  -3.323  1.00 17.76 ? 85  VAL A CB  1 
ATOM   617  C CG1 . VAL A 1 111 ? 1.897   -2.776  -3.822  1.00 17.75 ? 85  VAL A CG1 1 
ATOM   618  C CG2 . VAL A 1 111 ? 4.056   -2.362  -2.605  1.00 17.78 ? 85  VAL A CG2 1 
ATOM   619  N N   . PHE A 1 112 ? 0.863   -5.783  -2.961  1.00 17.58 ? 86  PHE A N   1 
ATOM   620  C CA  . PHE A 1 112 ? 0.011   -6.798  -3.560  1.00 18.88 ? 86  PHE A CA  1 
ATOM   621  C C   . PHE A 1 112 ? -1.180  -6.134  -4.232  1.00 21.81 ? 86  PHE A C   1 
ATOM   622  O O   . PHE A 1 112 ? -1.632  -5.070  -3.802  1.00 21.32 ? 86  PHE A O   1 
ATOM   623  C CB  . PHE A 1 112 ? -0.502  -7.785  -2.509  1.00 19.92 ? 86  PHE A CB  1 
ATOM   624  C CG  . PHE A 1 112 ? 0.559   -8.641  -1.912  1.00 22.21 ? 86  PHE A CG  1 
ATOM   625  C CD1 . PHE A 1 112 ? 1.296   -8.193  -0.829  1.00 21.54 ? 86  PHE A CD1 1 
ATOM   626  C CD2 . PHE A 1 112 ? 0.807   -9.908  -2.416  1.00 22.52 ? 86  PHE A CD2 1 
ATOM   627  C CE1 . PHE A 1 112 ? 2.281   -8.989  -0.269  1.00 21.88 ? 86  PHE A CE1 1 
ATOM   628  C CE2 . PHE A 1 112 ? 1.778   -10.709 -1.852  1.00 25.28 ? 86  PHE A CE2 1 
ATOM   629  C CZ  . PHE A 1 112 ? 2.516   -10.252 -0.777  1.00 21.94 ? 86  PHE A CZ  1 
ATOM   630  N N   . CYS A 1 113 ? -1.686  -6.774  -5.290  1.00 18.53 ? 87  CYS A N   1 
ATOM   631  C CA  . CYS A 1 113 ? -2.899  -6.346  -5.969  1.00 26.60 ? 87  CYS A CA  1 
ATOM   632  C C   . CYS A 1 113 ? -3.941  -7.455  -5.962  1.00 28.96 ? 87  CYS A C   1 
ATOM   633  O O   . CYS A 1 113 ? -3.606  -8.646  -5.983  1.00 25.74 ? 87  CYS A O   1 
ATOM   634  C CB  . CYS A 1 113 ? -2.602  -5.952  -7.411  1.00 33.00 ? 87  CYS A CB  1 
ATOM   635  S SG  . CYS A 1 113 ? -3.460  -4.498  -7.880  1.00 53.36 ? 87  CYS A SG  1 
ATOM   636  N N   . THR A 1 114 ? -5.216  -7.057  -5.962  1.00 26.65 ? 88  THR A N   1 
ATOM   637  C CA  . THR A 1 114 ? -6.292  -8.018  -6.127  1.00 30.97 ? 88  THR A CA  1 
ATOM   638  C C   . THR A 1 114 ? -7.495  -7.364  -6.789  1.00 37.50 ? 88  THR A C   1 
ATOM   639  O O   . THR A 1 114 ? -7.794  -6.187  -6.559  1.00 34.98 ? 88  THR A O   1 
ATOM   640  C CB  . THR A 1 114 ? -6.731  -8.622  -4.794  1.00 34.12 ? 88  THR A CB  1 
ATOM   641  O OG1 . THR A 1 114 ? -7.787  -9.556  -5.041  1.00 37.73 ? 88  THR A OG1 1 
ATOM   642  C CG2 . THR A 1 114 ? -7.239  -7.530  -3.866  1.00 28.92 ? 88  THR A CG2 1 
ATOM   643  N N   . ASP A 1 115 ? -8.192  -8.152  -7.609  1.00 38.95 ? 89  ASP A N   1 
ATOM   644  C CA  . ASP A 1 115 ? -9.471  -7.755  -8.186  1.00 37.59 ? 89  ASP A CA  1 
ATOM   645  C C   . ASP A 1 115 ? -10.591 -8.704  -7.802  1.00 43.12 ? 89  ASP A C   1 
ATOM   646  O O   . ASP A 1 115 ? -11.723 -8.524  -8.262  1.00 51.21 ? 89  ASP A O   1 
ATOM   647  C CB  . ASP A 1 115 ? -9.375  -7.679  -9.715  1.00 42.50 ? 89  ASP A CB  1 
ATOM   648  N N   . SER A 1 116 ? -10.308 -9.702  -6.977  1.00 40.66 ? 90  SER A N   1 
ATOM   649  C CA  . SER A 1 116 ? -11.251 -10.754 -6.618  1.00 40.52 ? 90  SER A CA  1 
ATOM   650  C C   . SER A 1 116 ? -11.526 -10.629 -5.123  1.00 37.84 ? 90  SER A C   1 
ATOM   651  O O   . SER A 1 116 ? -10.800 -11.182 -4.296  1.00 39.72 ? 90  SER A O   1 
ATOM   652  C CB  . SER A 1 116 ? -10.677 -12.119 -6.959  1.00 47.16 ? 90  SER A CB  1 
ATOM   653  O OG  . SER A 1 116 ? -9.572  -12.412 -6.112  1.00 46.53 ? 90  SER A OG  1 
ATOM   654  N N   . ILE A 1 117 ? -12.580 -9.896  -4.782  1.00 33.00 ? 91  ILE A N   1 
ATOM   655  C CA  . ILE A 1 117 ? -12.944 -9.640  -3.396  1.00 34.08 ? 91  ILE A CA  1 
ATOM   656  C C   . ILE A 1 117 ? -14.402 -10.024 -3.184  1.00 36.43 ? 91  ILE A C   1 
ATOM   657  O O   . ILE A 1 117 ? -15.201 -10.082 -4.122  1.00 37.05 ? 91  ILE A O   1 
ATOM   658  C CB  . ILE A 1 117 ? -12.732 -8.163  -3.013  1.00 35.35 ? 91  ILE A CB  1 
ATOM   659  C CG1 . ILE A 1 117 ? -13.459 -7.264  -4.020  1.00 32.92 ? 91  ILE A CG1 1 
ATOM   660  C CG2 . ILE A 1 117 ? -11.240 -7.823  -2.934  1.00 36.10 ? 91  ILE A CG2 1 
ATOM   661  C CD1 . ILE A 1 117 ? -13.914 -5.964  -3.449  1.00 30.78 ? 91  ILE A CD1 1 
ATOM   662  N N   . GLN A 1 118 ? -14.750 -10.264 -1.925  1.00 32.94 ? 92  GLN A N   1 
ATOM   663  C CA  . GLN A 1 118 ? -16.135 -10.464 -1.522  1.00 36.16 ? 92  GLN A CA  1 
ATOM   664  C C   . GLN A 1 118 ? -16.454 -9.513  -0.379  1.00 31.53 ? 92  GLN A C   1 
ATOM   665  O O   . GLN A 1 118 ? -15.640 -9.339  0.530   1.00 31.69 ? 92  GLN A O   1 
ATOM   666  C CB  . GLN A 1 118 ? -16.394 -11.911 -1.089  1.00 33.01 ? 92  GLN A CB  1 
ATOM   667  C CG  . GLN A 1 118 ? -15.988 -12.948 -2.118  1.00 37.66 ? 92  GLN A CG  1 
ATOM   668  C CD  . GLN A 1 118 ? -15.992 -14.361 -1.548  1.00 42.30 ? 92  GLN A CD  1 
ATOM   669  O OE1 . GLN A 1 118 ? -14.948 -15.017 -1.453  1.00 46.94 ? 92  GLN A OE1 1 
ATOM   670  N NE2 . GLN A 1 118 ? -17.170 -14.832 -1.163  1.00 33.85 ? 92  GLN A NE2 1 
ATOM   671  N N   . GLY A 1 119 ? -17.622 -8.898  -0.430  1.00 31.86 ? 93  GLY A N   1 
ATOM   672  C CA  . GLY A 1 119 ? -18.080 -8.044  0.641   1.00 28.98 ? 93  GLY A CA  1 
ATOM   673  C C   . GLY A 1 119 ? -18.053 -6.575  0.248   1.00 29.95 ? 93  GLY A C   1 
ATOM   674  O O   . GLY A 1 119 ? -17.761 -6.200  -0.893  1.00 33.40 ? 93  GLY A O   1 
ATOM   675  N N   . THR A 1 120 ? -18.388 -5.743  1.231   1.00 29.81 ? 94  THR A N   1 
ATOM   676  C CA  . THR A 1 120 ? -18.417 -4.297  1.124   1.00 32.49 ? 94  THR A CA  1 
ATOM   677  C C   . THR A 1 120 ? -17.455 -3.687  2.137   1.00 29.14 ? 94  THR A C   1 
ATOM   678  O O   . THR A 1 120 ? -17.468 -4.086  3.307   1.00 27.55 ? 94  THR A O   1 
ATOM   679  C CB  . THR A 1 120 ? -19.828 -3.764  1.377   1.00 36.61 ? 94  THR A CB  1 
ATOM   680  O OG1 . THR A 1 120 ? -20.637 -3.994  0.216   1.00 41.64 ? 94  THR A OG1 1 
ATOM   681  C CG2 . THR A 1 120 ? -19.785 -2.267  1.713   1.00 32.43 ? 94  THR A CG2 1 
ATOM   682  N N   . PRO A 1 121 ? -16.630 -2.725  1.742   1.00 27.28 ? 95  PRO A N   1 
ATOM   683  C CA  . PRO A 1 121 ? -15.681 -2.151  2.702   1.00 24.35 ? 95  PRO A CA  1 
ATOM   684  C C   . PRO A 1 121 ? -16.429 -1.515  3.860   1.00 30.24 ? 95  PRO A C   1 
ATOM   685  O O   . PRO A 1 121 ? -17.522 -0.972  3.691   1.00 29.80 ? 95  PRO A O   1 
ATOM   686  C CB  . PRO A 1 121 ? -14.919 -1.103  1.879   1.00 28.07 ? 95  PRO A CB  1 
ATOM   687  C CG  . PRO A 1 121 ? -15.355 -1.306  0.444   1.00 28.96 ? 95  PRO A CG  1 
ATOM   688  C CD  . PRO A 1 121 ? -16.686 -1.966  0.488   1.00 25.20 ? 95  PRO A CD  1 
ATOM   689  N N   . VAL A 1 122 ? -15.831 -1.602  5.044   1.00 29.76 ? 96  VAL A N   1 
ATOM   690  C CA  . VAL A 1 122 ? -16.429 -1.156  6.299   1.00 27.07 ? 96  VAL A CA  1 
ATOM   691  C C   . VAL A 1 122 ? -15.690 0.081   6.788   1.00 27.02 ? 96  VAL A C   1 
ATOM   692  O O   . VAL A 1 122 ? -14.459 0.093   6.826   1.00 26.63 ? 96  VAL A O   1 
ATOM   693  C CB  . VAL A 1 122 ? -16.340 -2.271  7.365   1.00 27.78 ? 96  VAL A CB  1 
ATOM   694  C CG1 . VAL A 1 122 ? -16.933 -1.794  8.670   1.00 33.56 ? 96  VAL A CG1 1 
ATOM   695  C CG2 . VAL A 1 122 ? -17.006 -3.550  6.872   1.00 34.33 ? 96  VAL A CG2 1 
ATOM   696  N N   . GLU A 1 123 ? -16.423 1.108   7.192   1.00 24.39 ? 97  GLU A N   1 
ATOM   697  C CA  . GLU A 1 123 ? -15.772 2.237   7.848   1.00 25.41 ? 97  GLU A CA  1 
ATOM   698  C C   . GLU A 1 123 ? -15.733 1.994   9.351   1.00 28.72 ? 97  GLU A C   1 
ATOM   699  O O   . GLU A 1 123 ? -16.747 1.628   9.948   1.00 28.76 ? 97  GLU A O   1 
ATOM   700  C CB  . GLU A 1 123 ? -16.488 3.547   7.552   1.00 26.63 ? 97  GLU A CB  1 
ATOM   701  C CG  . GLU A 1 123 ? -15.952 4.716   8.362   1.00 30.45 ? 97  GLU A CG  1 
ATOM   702  C CD  . GLU A 1 123 ? -16.435 6.034   7.813   1.00 32.56 ? 97  GLU A CD  1 
ATOM   703  O OE1 . GLU A 1 123 ? -17.056 5.997   6.732   1.00 37.77 ? 97  GLU A OE1 1 
ATOM   704  O OE2 . GLU A 1 123 ? -16.196 7.092   8.448   1.00 34.04 ? 97  GLU A OE2 1 
ATOM   705  N N   . SER A 1 124 ? -14.567 2.187   9.953   1.00 28.01 ? 98  SER A N   1 
ATOM   706  C CA  . SER A 1 124 ? -14.359 1.959   11.375  1.00 28.54 ? 98  SER A CA  1 
ATOM   707  C C   . SER A 1 124 ? -13.862 3.242   12.026  1.00 31.47 ? 98  SER A C   1 
ATOM   708  O O   . SER A 1 124 ? -13.751 4.292   11.384  1.00 29.20 ? 98  SER A O   1 
ATOM   709  C CB  . SER A 1 124 ? -13.362 0.819   11.601  1.00 31.79 ? 98  SER A CB  1 
ATOM   710  O OG  . SER A 1 124 ? -12.144 1.095   10.916  1.00 28.54 ? 98  SER A OG  1 
ATOM   711  N N   A ASP A 1 125 ? -13.558 3.146   13.323  0.44 31.38 ? 99  ASP A N   1 
ATOM   712  N N   B ASP A 1 125 ? -13.559 3.146   13.324  0.56 31.40 ? 99  ASP A N   1 
ATOM   713  C CA  A ASP A 1 125 ? -12.969 4.274   14.036  0.44 32.71 ? 99  ASP A CA  1 
ATOM   714  C CA  B ASP A 1 125 ? -12.971 4.274   14.035  0.56 32.73 ? 99  ASP A CA  1 
ATOM   715  C C   A ASP A 1 125 ? -11.596 4.643   13.493  0.44 32.27 ? 99  ASP A C   1 
ATOM   716  C C   B ASP A 1 125 ? -11.598 4.643   13.490  0.56 32.28 ? 99  ASP A C   1 
ATOM   717  O O   A ASP A 1 125 ? -11.173 5.793   13.641  0.44 31.24 ? 99  ASP A O   1 
ATOM   718  O O   B ASP A 1 125 ? -11.178 5.794   13.635  0.56 31.22 ? 99  ASP A O   1 
ATOM   719  C CB  A ASP A 1 125 ? -12.862 3.960   15.534  0.44 30.48 ? 99  ASP A CB  1 
ATOM   720  C CB  B ASP A 1 125 ? -12.861 3.961   15.533  0.56 30.45 ? 99  ASP A CB  1 
ATOM   721  C CG  A ASP A 1 125 ? -11.897 2.813   15.828  0.44 34.51 ? 99  ASP A CG  1 
ATOM   722  C CG  B ASP A 1 125 ? -11.898 2.814   15.827  0.56 34.54 ? 99  ASP A CG  1 
ATOM   723  O OD1 . ASP A 1 125 ? -11.872 1.832   15.048  1.00 32.45 ? 99  ASP A OD1 1 
ATOM   724  O OD2 . ASP A 1 125 ? -11.161 2.889   16.840  1.00 37.61 ? 99  ASP A OD2 1 
ATOM   725  N N   . GLU A 1 126 ? -10.892 3.697   12.872  1.00 29.22 ? 100 GLU A N   1 
ATOM   726  C CA  . GLU A 1 126 ? -9.533  3.926   12.405  1.00 29.68 ? 100 GLU A CA  1 
ATOM   727  C C   . GLU A 1 126 ? -9.425  4.250   10.920  1.00 32.36 ? 100 GLU A C   1 
ATOM   728  O O   . GLU A 1 126 ? -8.468  4.923   10.520  1.00 28.55 ? 100 GLU A O   1 
ATOM   729  C CB  . GLU A 1 126 ? -8.660  2.697   12.688  1.00 31.67 ? 100 GLU A CB  1 
ATOM   730  N N   . MET A 1 127 ? -10.353 3.788   10.088  1.00 28.38 ? 101 MET A N   1 
ATOM   731  C CA  . MET A 1 127 ? -10.160 3.842   8.644   1.00 30.42 ? 101 MET A CA  1 
ATOM   732  C C   . MET A 1 127 ? -11.464 4.207   7.942   1.00 27.81 ? 101 MET A C   1 
ATOM   733  O O   . MET A 1 127 ? -12.536 3.710   8.303   1.00 28.89 ? 101 MET A O   1 
ATOM   734  C CB  . MET A 1 127 ? -9.632  2.485   8.129   1.00 31.88 ? 101 MET A CB  1 
ATOM   735  C CG  . MET A 1 127 ? -9.105  2.490   6.693   1.00 33.73 ? 101 MET A CG  1 
ATOM   736  S SD  . MET A 1 127 ? -7.341  2.843   6.601   1.00 51.20 ? 101 MET A SD  1 
ATOM   737  C CE  . MET A 1 127 ? -6.657  1.306   7.220   1.00 39.58 ? 101 MET A CE  1 
ATOM   738  N N   . ARG A 1 128 ? -11.370 5.068   6.934   1.00 24.58 ? 102 ARG A N   1 
ATOM   739  C CA  . ARG A 1 128 ? -12.525 5.463   6.126   1.00 26.91 ? 102 ARG A CA  1 
ATOM   740  C C   . ARG A 1 128 ? -12.293 5.082   4.662   1.00 23.24 ? 102 ARG A C   1 
ATOM   741  O O   . ARG A 1 128 ? -11.619 5.821   3.923   1.00 23.76 ? 102 ARG A O   1 
ATOM   742  C CB  . ARG A 1 128 ? -12.775 6.966   6.278   1.00 29.22 ? 102 ARG A CB  1 
ATOM   743  C CG  . ARG A 1 128 ? -13.789 7.572   5.315   1.00 30.79 ? 102 ARG A CG  1 
ATOM   744  C CD  . ARG A 1 128 ? -14.179 9.004   5.747   1.00 31.25 ? 102 ARG A CD  1 
ATOM   745  N NE  . ARG A 1 128 ? -13.121 10.000  5.543   1.00 29.89 ? 102 ARG A NE  1 
ATOM   746  C CZ  . ARG A 1 128 ? -13.018 10.766  4.457   1.00 29.92 ? 102 ARG A CZ  1 
ATOM   747  N NH1 . ARG A 1 128 ? -13.902 10.644  3.469   1.00 27.25 ? 102 ARG A NH1 1 
ATOM   748  N NH2 . ARG A 1 128 ? -12.034 11.656  4.354   1.00 31.08 ? 102 ARG A NH2 1 
ATOM   749  N N   . PRO A 1 129 ? -12.840 3.958   4.196   1.00 25.28 ? 103 PRO A N   1 
ATOM   750  C CA  . PRO A 1 129 ? -12.604 3.526   2.811   1.00 23.44 ? 103 PRO A CA  1 
ATOM   751  C C   . PRO A 1 129 ? -13.456 4.278   1.799   1.00 25.95 ? 103 PRO A C   1 
ATOM   752  O O   . PRO A 1 129 ? -14.585 4.681   2.082   1.00 26.08 ? 103 PRO A O   1 
ATOM   753  C CB  . PRO A 1 129 ? -12.997 2.043   2.850   1.00 24.27 ? 103 PRO A CB  1 
ATOM   754  C CG  . PRO A 1 129 ? -14.110 2.032   3.866   1.00 30.56 ? 103 PRO A CG  1 
ATOM   755  C CD  . PRO A 1 129 ? -13.607 2.955   4.953   1.00 27.93 ? 103 PRO A CD  1 
ATOM   756  N N   A CYS A 1 130 ? -12.912 4.403   0.589   0.37 20.73 ? 104 CYS A N   1 
ATOM   757  N N   B CYS A 1 130 ? -12.881 4.499   0.611   0.63 20.42 ? 104 CYS A N   1 
ATOM   758  C CA  A CYS A 1 130 ? -13.612 5.099   -0.478  0.37 22.73 ? 104 CYS A CA  1 
ATOM   759  C CA  B CYS A 1 130 ? -13.582 5.137   -0.498  0.63 22.82 ? 104 CYS A CA  1 
ATOM   760  C C   A CYS A 1 130 ? -13.053 4.654   -1.822  0.37 21.74 ? 104 CYS A C   1 
ATOM   761  C C   B CYS A 1 130 ? -13.049 4.586   -1.812  0.63 21.66 ? 104 CYS A C   1 
ATOM   762  O O   A CYS A 1 130 ? -11.836 4.541   -1.982  0.37 18.56 ? 104 CYS A O   1 
ATOM   763  O O   B CYS A 1 130 ? -11.846 4.351   -1.945  0.63 18.38 ? 104 CYS A O   1 
ATOM   764  C CB  A CYS A 1 130 ? -13.472 6.614   -0.309  0.37 24.78 ? 104 CYS A CB  1 
ATOM   765  C CB  B CYS A 1 130 ? -13.407 6.664   -0.499  0.63 24.71 ? 104 CYS A CB  1 
ATOM   766  S SG  A CYS A 1 130 ? -14.372 7.556   -1.509  0.37 26.98 ? 104 CYS A SG  1 
ATOM   767  S SG  B CYS A 1 130 ? -14.339 7.541   0.750   0.63 30.71 ? 104 CYS A SG  1 
ATOM   768  N N   . TRP A 1 131 ? -13.948 4.390   -2.775  1.00 21.54 ? 105 TRP A N   1 
ATOM   769  C CA  . TRP A 1 131 ? -13.550 4.033   -4.132  1.00 20.50 ? 105 TRP A CA  1 
ATOM   770  C C   . TRP A 1 131 ? -13.181 5.290   -4.919  1.00 25.50 ? 105 TRP A C   1 
ATOM   771  O O   . TRP A 1 131 ? -13.795 6.346   -4.752  1.00 25.34 ? 105 TRP A O   1 
ATOM   772  C CB  . TRP A 1 131 ? -14.683 3.294   -4.855  1.00 25.48 ? 105 TRP A CB  1 
ATOM   773  C CG  . TRP A 1 131 ? -14.998 1.917   -4.308  1.00 22.16 ? 105 TRP A CG  1 
ATOM   774  C CD1 . TRP A 1 131 ? -16.016 1.581   -3.472  1.00 25.50 ? 105 TRP A CD1 1 
ATOM   775  C CD2 . TRP A 1 131 ? -14.288 0.704   -4.582  1.00 22.07 ? 105 TRP A CD2 1 
ATOM   776  N NE1 . TRP A 1 131 ? -15.990 0.238   -3.208  1.00 28.48 ? 105 TRP A NE1 1 
ATOM   777  C CE2 . TRP A 1 131 ? -14.935 -0.325  -3.876  1.00 26.97 ? 105 TRP A CE2 1 
ATOM   778  C CE3 . TRP A 1 131 ? -13.170 0.391   -5.362  1.00 22.44 ? 105 TRP A CE3 1 
ATOM   779  C CZ2 . TRP A 1 131 ? -14.497 -1.641  -3.912  1.00 24.03 ? 105 TRP A CZ2 1 
ATOM   780  C CZ3 . TRP A 1 131 ? -12.732 -0.915  -5.402  1.00 24.44 ? 105 TRP A CZ3 1 
ATOM   781  C CH2 . TRP A 1 131 ? -13.401 -1.921  -4.682  1.00 26.50 ? 105 TRP A CH2 1 
ATOM   782  N N   . PHE A 1 132 ? -12.168 5.172   -5.785  1.00 22.27 ? 106 PHE A N   1 
ATOM   783  C CA  . PHE A 1 132 ? -11.730 6.282   -6.632  1.00 21.88 ? 106 PHE A CA  1 
ATOM   784  C C   . PHE A 1 132 ? -11.646 5.799   -8.076  1.00 24.72 ? 106 PHE A C   1 
ATOM   785  O O   . PHE A 1 132 ? -10.948 4.825   -8.366  1.00 23.09 ? 106 PHE A O   1 
ATOM   786  C CB  . PHE A 1 132 ? -10.365 6.841   -6.183  1.00 21.08 ? 106 PHE A CB  1 
ATOM   787  C CG  . PHE A 1 132 ? -10.376 7.476   -4.815  1.00 23.60 ? 106 PHE A CG  1 
ATOM   788  C CD1 . PHE A 1 132 ? -10.229 6.700   -3.674  1.00 22.52 ? 106 PHE A CD1 1 
ATOM   789  C CD2 . PHE A 1 132 ? -10.556 8.844   -4.672  1.00 24.02 ? 106 PHE A CD2 1 
ATOM   790  C CE1 . PHE A 1 132 ? -10.248 7.282   -2.409  1.00 23.07 ? 106 PHE A CE1 1 
ATOM   791  C CE2 . PHE A 1 132 ? -10.576 9.428   -3.419  1.00 25.89 ? 106 PHE A CE2 1 
ATOM   792  C CZ  . PHE A 1 132 ? -10.420 8.645   -2.287  1.00 22.61 ? 106 PHE A CZ  1 
ATOM   793  N N   . GLN A 1 133 ? -12.358 6.474   -8.977  1.00 28.56 ? 107 GLN A N   1 
ATOM   794  C CA  . GLN A 1 133 ? -12.126 6.285   -10.406 1.00 32.30 ? 107 GLN A CA  1 
ATOM   795  C C   . GLN A 1 133 ? -10.658 6.518   -10.732 1.00 27.02 ? 107 GLN A C   1 
ATOM   796  O O   . GLN A 1 133 ? -9.989  7.348   -10.116 1.00 22.15 ? 107 GLN A O   1 
ATOM   797  C CB  . GLN A 1 133 ? -12.988 7.252   -11.226 1.00 31.26 ? 107 GLN A CB  1 
ATOM   798  C CG  . GLN A 1 133 ? -14.429 7.294   -10.797 1.00 38.31 ? 107 GLN A CG  1 
ATOM   799  C CD  . GLN A 1 133 ? -15.123 5.973   -11.020 1.00 43.83 ? 107 GLN A CD  1 
ATOM   800  O OE1 . GLN A 1 133 ? -15.201 5.491   -12.149 1.00 53.12 ? 107 GLN A OE1 1 
ATOM   801  N NE2 . GLN A 1 133 ? -15.617 5.365   -9.943  1.00 43.58 ? 107 GLN A NE2 1 
ATOM   802  N N   . LEU A 1 134 ? -10.163 5.796   -11.735 1.00 27.97 ? 108 LEU A N   1 
ATOM   803  C CA  . LEU A 1 134 ? -8.722  5.775   -11.963 1.00 34.55 ? 108 LEU A CA  1 
ATOM   804  C C   . LEU A 1 134 ? -8.184  7.157   -12.307 1.00 34.33 ? 108 LEU A C   1 
ATOM   805  O O   . LEU A 1 134 ? -7.053  7.488   -11.931 1.00 37.67 ? 108 LEU A O   1 
ATOM   806  C CB  . LEU A 1 134 ? -8.379  4.744   -13.044 1.00 33.03 ? 108 LEU A CB  1 
ATOM   807  C CG  . LEU A 1 134 ? -8.802  3.343   -12.590 1.00 31.68 ? 108 LEU A CG  1 
ATOM   808  C CD1 . LEU A 1 134 ? -8.450  2.269   -13.601 1.00 41.06 ? 108 LEU A CD1 1 
ATOM   809  C CD2 . LEU A 1 134 ? -8.178  3.034   -11.239 1.00 31.64 ? 108 LEU A CD2 1 
ATOM   810  N N   . ASP A 1 135 ? -8.982  7.995   -12.972 1.00 33.75 ? 109 ASP A N   1 
ATOM   811  C CA  . ASP A 1 135 ? -8.537  9.350   -13.285 1.00 35.55 ? 109 ASP A CA  1 
ATOM   812  C C   . ASP A 1 135 ? -8.577  10.294  -12.090 1.00 37.49 ? 109 ASP A C   1 
ATOM   813  O O   . ASP A 1 135 ? -8.037  11.403  -12.179 1.00 39.64 ? 109 ASP A O   1 
ATOM   814  C CB  . ASP A 1 135 ? -9.383  9.949   -14.410 1.00 41.87 ? 109 ASP A CB  1 
ATOM   815  C CG  . ASP A 1 135 ? -9.031  9.382   -15.761 1.00 44.42 ? 109 ASP A CG  1 
ATOM   816  O OD1 . ASP A 1 135 ? -7.946  8.774   -15.883 1.00 44.06 ? 109 ASP A OD1 1 
ATOM   817  O OD2 . ASP A 1 135 ? -9.830  9.558   -16.703 1.00 47.42 ? 109 ASP A OD2 1 
ATOM   818  N N   . GLN A 1 136 ? -9.203  9.899   -10.990 1.00 31.62 ? 110 GLN A N   1 
ATOM   819  C CA  . GLN A 1 136 ? -9.406  10.782  -9.852  1.00 30.75 ? 110 GLN A CA  1 
ATOM   820  C C   . GLN A 1 136 ? -8.638  10.298  -8.622  1.00 30.95 ? 110 GLN A C   1 
ATOM   821  O O   . GLN A 1 136 ? -9.041  10.558  -7.488  1.00 27.86 ? 110 GLN A O   1 
ATOM   822  C CB  . GLN A 1 136 ? -10.902 10.917  -9.562  1.00 38.25 ? 110 GLN A CB  1 
ATOM   823  C CG  . GLN A 1 136 ? -11.658 11.674  -10.675 1.00 43.54 ? 110 GLN A CG  1 
ATOM   824  C CD  . GLN A 1 136 ? -13.173 11.606  -10.533 1.00 54.19 ? 110 GLN A CD  1 
ATOM   825  O OE1 . GLN A 1 136 ? -13.716 11.706  -9.431  1.00 53.59 ? 110 GLN A OE1 1 
ATOM   826  N NE2 . GLN A 1 136 ? -13.864 11.423  -11.657 1.00 50.90 ? 110 GLN A NE2 1 
ATOM   827  N N   . ILE A 1 137 ? -7.533  9.591   -8.836  1.00 29.01 ? 111 ILE A N   1 
ATOM   828  C CA  . ILE A 1 137 ? -6.665  9.208   -7.710  1.00 28.03 ? 111 ILE A CA  1 
ATOM   829  C C   . ILE A 1 137 ? -6.212  10.467  -6.989  1.00 29.70 ? 111 ILE A C   1 
ATOM   830  O O   . ILE A 1 137 ? -5.663  11.388  -7.634  1.00 26.33 ? 111 ILE A O   1 
ATOM   831  C CB  . ILE A 1 137 ? -5.447  8.409   -8.202  1.00 29.64 ? 111 ILE A CB  1 
ATOM   832  C CG1 . ILE A 1 137 ? -5.865  7.243   -9.094  1.00 37.08 ? 111 ILE A CG1 1 
ATOM   833  C CG2 . ILE A 1 137 ? -4.611  7.945   -7.026  1.00 25.65 ? 111 ILE A CG2 1 
ATOM   834  C CD1 . ILE A 1 137 ? -6.943  6.390   -8.493  1.00 32.17 ? 111 ILE A CD1 1 
ATOM   835  N N   . PRO A 1 138 ? -6.391  10.567  -5.667  1.00 23.08 ? 112 PRO A N   1 
ATOM   836  C CA  . PRO A 1 138 ? -6.109  11.824  -4.935  1.00 25.62 ? 112 PRO A CA  1 
ATOM   837  C C   . PRO A 1 138 ? -4.638  11.978  -4.561  1.00 23.06 ? 112 PRO A C   1 
ATOM   838  O O   . PRO A 1 138 ? -4.238  11.986  -3.389  1.00 22.31 ? 112 PRO A O   1 
ATOM   839  C CB  . PRO A 1 138 ? -7.016  11.691  -3.709  1.00 27.75 ? 112 PRO A CB  1 
ATOM   840  C CG  . PRO A 1 138 ? -7.020  10.202  -3.434  1.00 24.88 ? 112 PRO A CG  1 
ATOM   841  C CD  . PRO A 1 138 ? -6.951  9.523   -4.790  1.00 24.97 ? 112 PRO A CD  1 
ATOM   842  N N   . PHE A 1 139 ? -3.793  12.145  -5.579  1.00 24.81 ? 113 PHE A N   1 
ATOM   843  C CA  . PHE A 1 139 ? -2.355  12.103  -5.347  1.00 26.30 ? 113 PHE A CA  1 
ATOM   844  C C   . PHE A 1 139 ? -1.884  13.211  -4.414  1.00 23.84 ? 113 PHE A C   1 
ATOM   845  O O   . PHE A 1 139 ? -0.868  13.049  -3.729  1.00 25.89 ? 113 PHE A O   1 
ATOM   846  C CB  . PHE A 1 139 ? -1.600  12.181  -6.679  1.00 26.81 ? 113 PHE A CB  1 
ATOM   847  C CG  . PHE A 1 139 ? -1.622  10.904  -7.471  1.00 26.09 ? 113 PHE A CG  1 
ATOM   848  C CD1 . PHE A 1 139 ? -0.881  9.813   -7.062  1.00 28.11 ? 113 PHE A CD1 1 
ATOM   849  C CD2 . PHE A 1 139 ? -2.385  10.798  -8.626  1.00 29.23 ? 113 PHE A CD2 1 
ATOM   850  C CE1 . PHE A 1 139 ? -0.890  8.637   -7.791  1.00 29.68 ? 113 PHE A CE1 1 
ATOM   851  C CE2 . PHE A 1 139 ? -2.406  9.622   -9.360  1.00 30.11 ? 113 PHE A CE2 1 
ATOM   852  C CZ  . PHE A 1 139 ? -1.656  8.543   -8.947  1.00 30.30 ? 113 PHE A CZ  1 
ATOM   853  N N   . LYS A 1 140 ? -2.588  14.344  -4.373  1.00 23.43 ? 114 LYS A N   1 
ATOM   854  C CA  . LYS A 1 140 ? -2.169  15.426  -3.488  1.00 26.87 ? 114 LYS A CA  1 
ATOM   855  C C   . LYS A 1 140 ? -2.409  15.093  -2.027  1.00 25.55 ? 114 LYS A C   1 
ATOM   856  O O   . LYS A 1 140 ? -1.811  15.729  -1.149  1.00 25.45 ? 114 LYS A O   1 
ATOM   857  C CB  . LYS A 1 140 ? -2.890  16.731  -3.832  1.00 31.34 ? 114 LYS A CB  1 
ATOM   858  N N   . ASP A 1 141 ? -3.248  14.100  -1.740  1.00 24.94 ? 115 ASP A N   1 
ATOM   859  C CA  . ASP A 1 141 ? -3.530  13.709  -0.364  1.00 22.57 ? 115 ASP A CA  1 
ATOM   860  C C   . ASP A 1 141 ? -3.053  12.289  -0.077  1.00 24.03 ? 115 ASP A C   1 
ATOM   861  O O   . ASP A 1 141 ? -3.610  11.596  0.783   1.00 22.79 ? 115 ASP A O   1 
ATOM   862  C CB  . ASP A 1 141 ? -5.023  13.846  -0.067  1.00 24.45 ? 115 ASP A CB  1 
ATOM   863  C CG  . ASP A 1 141 ? -5.322  13.829  1.419   1.00 32.08 ? 115 ASP A CG  1 
ATOM   864  O OD1 . ASP A 1 141 ? -4.402  14.105  2.232   1.00 39.12 ? 115 ASP A OD1 1 
ATOM   865  O OD2 . ASP A 1 141 ? -6.480  13.541  1.779   1.00 39.78 ? 115 ASP A OD2 1 
ATOM   866  N N   . MET A 1 142 ? -2.025  11.849  -0.797  1.00 24.53 ? 116 MET A N   1 
ATOM   867  C CA  . MET A 1 142 ? -1.377  10.563  -0.602  1.00 27.55 ? 116 MET A CA  1 
ATOM   868  C C   . MET A 1 142 ? 0.102   10.815  -0.296  1.00 28.35 ? 116 MET A C   1 
ATOM   869  O O   . MET A 1 142 ? 0.559   11.958  -0.214  1.00 31.40 ? 116 MET A O   1 
ATOM   870  C CB  . MET A 1 142 ? -1.572  9.672   -1.834  1.00 23.36 ? 116 MET A CB  1 
ATOM   871  C CG  . MET A 1 142 ? -3.014  9.226   -2.089  1.00 20.17 ? 116 MET A CG  1 
ATOM   872  S SD  . MET A 1 142 ? -3.313  8.692   -3.788  1.00 22.23 ? 116 MET A SD  1 
ATOM   873  C CE  . MET A 1 142 ? -2.469  7.105   -3.835  1.00 27.08 ? 116 MET A CE  1 
ATOM   874  N N   . TRP A 1 143 ? 0.846   9.756   -0.149  1.00 24.78 ? 117 TRP A N   1 
ATOM   875  C CA  . TRP A 1 143 ? 2.256   9.931   0.157   1.00 25.15 ? 117 TRP A CA  1 
ATOM   876  C C   . TRP A 1 143 ? 3.027   10.327  -1.107  1.00 21.30 ? 117 TRP A C   1 
ATOM   877  O O   . TRP A 1 143 ? 2.642   9.959   -2.216  1.00 21.30 ? 117 TRP A O   1 
ATOM   878  C CB  . TRP A 1 143 ? 2.826   8.644   0.735   1.00 25.86 ? 117 TRP A CB  1 
ATOM   879  C CG  . TRP A 1 143 ? 2.082   8.165   1.943   1.00 29.66 ? 117 TRP A CG  1 
ATOM   880  C CD1 . TRP A 1 143 ? 1.097   7.224   1.978   1.00 32.16 ? 117 TRP A CD1 1 
ATOM   881  C CD2 . TRP A 1 143 ? 2.254   8.619   3.286   1.00 34.48 ? 117 TRP A CD2 1 
ATOM   882  N NE1 . TRP A 1 143 ? 0.644   7.055   3.266   1.00 34.16 ? 117 TRP A NE1 1 
ATOM   883  C CE2 . TRP A 1 143 ? 1.344   7.899   4.089   1.00 39.00 ? 117 TRP A CE2 1 
ATOM   884  C CE3 . TRP A 1 143 ? 3.089   9.559   3.891   1.00 38.05 ? 117 TRP A CE3 1 
ATOM   885  C CZ2 . TRP A 1 143 ? 1.250   8.093   5.464   1.00 42.44 ? 117 TRP A CZ2 1 
ATOM   886  C CZ3 . TRP A 1 143 ? 2.992   9.749   5.259   1.00 45.17 ? 117 TRP A CZ3 1 
ATOM   887  C CH2 . TRP A 1 143 ? 2.079   9.020   6.029   1.00 43.62 ? 117 TRP A CH2 1 
ATOM   888  N N   . PRO A 1 144 ? 4.120   11.081  -0.975  1.00 24.73 ? 118 PRO A N   1 
ATOM   889  C CA  . PRO A 1 144 ? 4.793   11.570  -2.194  1.00 23.01 ? 118 PRO A CA  1 
ATOM   890  C C   . PRO A 1 144 ? 5.322   10.450  -3.094  1.00 21.52 ? 118 PRO A C   1 
ATOM   891  O O   . PRO A 1 144 ? 5.353   10.619  -4.324  1.00 22.86 ? 118 PRO A O   1 
ATOM   892  C CB  . PRO A 1 144 ? 5.922   12.459  -1.647  1.00 24.77 ? 118 PRO A CB  1 
ATOM   893  C CG  . PRO A 1 144 ? 5.975   12.218  -0.187  1.00 26.86 ? 118 PRO A CG  1 
ATOM   894  C CD  . PRO A 1 144 ? 4.661   11.685  0.250   1.00 25.44 ? 118 PRO A CD  1 
ATOM   895  N N   . ASP A 1 145 ? 5.719   9.305   -2.529  1.00 16.52 ? 119 ASP A N   1 
ATOM   896  C CA  . ASP A 1 145 ? 6.187   8.195   -3.365  1.00 18.97 ? 119 ASP A CA  1 
ATOM   897  C C   . ASP A 1 145 ? 5.086   7.626   -4.256  1.00 19.58 ? 119 ASP A C   1 
ATOM   898  O O   . ASP A 1 145 ? 5.387   7.078   -5.324  1.00 20.97 ? 119 ASP A O   1 
ATOM   899  C CB  . ASP A 1 145 ? 6.765   7.065   -2.498  1.00 19.11 ? 119 ASP A CB  1 
ATOM   900  C CG  . ASP A 1 145 ? 5.823   6.657   -1.352  1.00 19.23 ? 119 ASP A CG  1 
ATOM   901  O OD1 . ASP A 1 145 ? 5.634   7.472   -0.442  1.00 22.06 ? 119 ASP A OD1 1 
ATOM   902  O OD2 . ASP A 1 145 ? 5.288   5.527   -1.350  1.00 22.66 ? 119 ASP A OD2 1 
ATOM   903  N N   . ASP A 1 146 ? 3.815   7.716   -3.832  1.00 18.81 ? 120 ASP A N   1 
ATOM   904  C CA  . ASP A 1 146 ? 2.723   7.100   -4.595  1.00 19.09 ? 120 ASP A CA  1 
ATOM   905  C C   . ASP A 1 146 ? 2.668   7.644   -6.021  1.00 21.22 ? 120 ASP A C   1 
ATOM   906  O O   . ASP A 1 146 ? 2.321   6.915   -6.962  1.00 18.71 ? 120 ASP A O   1 
ATOM   907  C CB  . ASP A 1 146 ? 1.379   7.343   -3.908  1.00 19.00 ? 120 ASP A CB  1 
ATOM   908  C CG  . ASP A 1 146 ? 1.197   6.529   -2.629  1.00 24.23 ? 120 ASP A CG  1 
ATOM   909  O OD1 . ASP A 1 146 ? 1.589   5.351   -2.579  1.00 24.98 ? 120 ASP A OD1 1 
ATOM   910  O OD2 . ASP A 1 146 ? 0.616   7.073   -1.677  1.00 25.12 ? 120 ASP A OD2 1 
ATOM   911  N N   . SER A 1 147 ? 2.992   8.928   -6.193  1.00 20.93 ? 121 SER A N   1 
ATOM   912  C CA  . SER A 1 147 ? 2.961   9.544   -7.515  1.00 23.27 ? 121 SER A CA  1 
ATOM   913  C C   . SER A 1 147 ? 3.929   8.871   -8.475  1.00 26.59 ? 121 SER A C   1 
ATOM   914  O O   . SER A 1 147 ? 3.768   8.998   -9.695  1.00 29.05 ? 121 SER A O   1 
ATOM   915  C CB  . SER A 1 147 ? 3.284   11.043  -7.416  1.00 23.60 ? 121 SER A CB  1 
ATOM   916  O OG  . SER A 1 147 ? 2.222   11.766  -6.802  1.00 29.41 ? 121 SER A OG  1 
ATOM   917  N N   . TYR A 1 148 ? 4.923   8.147   -7.957  1.00 24.92 ? 122 TYR A N   1 
ATOM   918  C CA  . TYR A 1 148 ? 5.947   7.523   -8.784  1.00 22.80 ? 122 TYR A CA  1 
ATOM   919  C C   . TYR A 1 148 ? 5.612   6.084   -9.154  1.00 23.20 ? 122 TYR A C   1 
ATOM   920  O O   . TYR A 1 148 ? 5.738   5.703   -10.321 1.00 23.62 ? 122 TYR A O   1 
ATOM   921  C CB  . TYR A 1 148 ? 7.302   7.561   -8.074  1.00 20.49 ? 122 TYR A CB  1 
ATOM   922  C CG  . TYR A 1 148 ? 7.934   8.935   -8.016  1.00 27.24 ? 122 TYR A CG  1 
ATOM   923  C CD1 . TYR A 1 148 ? 8.674   9.426   -9.091  1.00 31.70 ? 122 TYR A CD1 1 
ATOM   924  C CD2 . TYR A 1 148 ? 7.804   9.732   -6.882  1.00 25.10 ? 122 TYR A CD2 1 
ATOM   925  C CE1 . TYR A 1 148 ? 9.258   10.690  -9.045  1.00 33.83 ? 122 TYR A CE1 1 
ATOM   926  C CE2 . TYR A 1 148 ? 8.387   10.990  -6.819  1.00 29.18 ? 122 TYR A CE2 1 
ATOM   927  C CZ  . TYR A 1 148 ? 9.114   11.463  -7.904  1.00 37.43 ? 122 TYR A CZ  1 
ATOM   928  O OH  . TYR A 1 148 ? 9.693   12.712  -7.855  1.00 36.13 ? 122 TYR A OH  1 
ATOM   929  N N   . TRP A 1 149 ? 5.226   5.262   -8.175  1.00 17.86 ? 123 TRP A N   1 
ATOM   930  C CA  . TRP A 1 149 ? 5.008   3.849   -8.434  1.00 20.47 ? 123 TRP A CA  1 
ATOM   931  C C   . TRP A 1 149 ? 3.549   3.484   -8.672  1.00 23.85 ? 123 TRP A C   1 
ATOM   932  O O   . TRP A 1 149 ? 3.273   2.496   -9.365  1.00 23.83 ? 123 TRP A O   1 
ATOM   933  C CB  . TRP A 1 149 ? 5.581   3.009   -7.282  1.00 19.55 ? 123 TRP A CB  1 
ATOM   934  C CG  . TRP A 1 149 ? 4.996   3.238   -5.907  1.00 21.94 ? 123 TRP A CG  1 
ATOM   935  C CD1 . TRP A 1 149 ? 5.497   4.054   -4.919  1.00 19.13 ? 123 TRP A CD1 1 
ATOM   936  C CD2 . TRP A 1 149 ? 3.839   2.596   -5.346  1.00 21.03 ? 123 TRP A CD2 1 
ATOM   937  N NE1 . TRP A 1 149 ? 4.708   3.972   -3.793  1.00 19.19 ? 123 TRP A NE1 1 
ATOM   938  C CE2 . TRP A 1 149 ? 3.690   3.083   -4.024  1.00 20.04 ? 123 TRP A CE2 1 
ATOM   939  C CE3 . TRP A 1 149 ? 2.914   1.668   -5.832  1.00 19.89 ? 123 TRP A CE3 1 
ATOM   940  C CZ2 . TRP A 1 149 ? 2.656   2.669   -3.185  1.00 21.06 ? 123 TRP A CZ2 1 
ATOM   941  C CZ3 . TRP A 1 149 ? 1.880   1.261   -4.999  1.00 23.81 ? 123 TRP A CZ3 1 
ATOM   942  C CH2 . TRP A 1 149 ? 1.760   1.765   -3.686  1.00 21.69 ? 123 TRP A CH2 1 
ATOM   943  N N   . PHE A 1 150 ? 2.609   4.248   -8.129  1.00 22.06 ? 124 PHE A N   1 
ATOM   944  C CA  . PHE A 1 150 ? 1.202   3.965   -8.379  1.00 24.07 ? 124 PHE A CA  1 
ATOM   945  C C   . PHE A 1 150 ? 0.875   3.859   -9.862  1.00 24.79 ? 124 PHE A C   1 
ATOM   946  O O   . PHE A 1 150 ? 0.151   2.924   -10.240 1.00 28.33 ? 124 PHE A O   1 
ATOM   947  C CB  . PHE A 1 150 ? 0.344   5.033   -7.686  1.00 25.99 ? 124 PHE A CB  1 
ATOM   948  C CG  . PHE A 1 150 ? -0.912  4.502   -7.060  1.00 27.89 ? 124 PHE A CG  1 
ATOM   949  C CD1 . PHE A 1 150 ? -0.890  3.947   -5.791  1.00 33.86 ? 124 PHE A CD1 1 
ATOM   950  C CD2 . PHE A 1 150 ? -2.120  4.580   -7.730  1.00 30.95 ? 124 PHE A CD2 1 
ATOM   951  C CE1 . PHE A 1 150 ? -2.049  3.463   -5.213  1.00 31.83 ? 124 PHE A CE1 1 
ATOM   952  C CE2 . PHE A 1 150 ? -3.279  4.099   -7.157  1.00 36.30 ? 124 PHE A CE2 1 
ATOM   953  C CZ  . PHE A 1 150 ? -3.242  3.540   -5.904  1.00 29.64 ? 124 PHE A CZ  1 
ATOM   954  N N   . PRO A 1 151 ? 1.368   4.740   -10.741 1.00 26.08 ? 125 PRO A N   1 
ATOM   955  C CA  . PRO A 1 151 ? 1.081   4.565   -12.170 1.00 25.60 ? 125 PRO A CA  1 
ATOM   956  C C   . PRO A 1 151 ? 1.574   3.241   -12.726 1.00 28.72 ? 125 PRO A C   1 
ATOM   957  O O   . PRO A 1 151 ? 0.939   2.690   -13.634 1.00 31.72 ? 125 PRO A O   1 
ATOM   958  C CB  . PRO A 1 151 ? 1.802   5.757   -12.823 1.00 29.01 ? 125 PRO A CB  1 
ATOM   959  C CG  . PRO A 1 151 ? 1.913   6.765   -11.751 1.00 25.81 ? 125 PRO A CG  1 
ATOM   960  C CD  . PRO A 1 151 ? 2.113   5.986   -10.480 1.00 25.99 ? 125 PRO A CD  1 
ATOM   961  N N   . LEU A 1 152 ? 2.699   2.714   -12.235 1.00 23.23 ? 126 LEU A N   1 
ATOM   962  C CA  . LEU A 1 152 ? 3.144   1.401   -12.695 1.00 23.40 ? 126 LEU A CA  1 
ATOM   963  C C   . LEU A 1 152 ? 2.143   0.329   -12.290 1.00 27.64 ? 126 LEU A C   1 
ATOM   964  O O   . LEU A 1 152 ? 1.783   -0.543  -13.089 1.00 25.84 ? 126 LEU A O   1 
ATOM   965  C CB  . LEU A 1 152 ? 4.527   1.072   -12.126 1.00 23.67 ? 126 LEU A CB  1 
ATOM   966  C CG  . LEU A 1 152 ? 5.671   2.029   -12.459 1.00 26.03 ? 126 LEU A CG  1 
ATOM   967  C CD1 . LEU A 1 152 ? 6.965   1.561   -11.818 1.00 24.52 ? 126 LEU A CD1 1 
ATOM   968  C CD2 . LEU A 1 152 ? 5.841   2.123   -13.949 1.00 32.37 ? 126 LEU A CD2 1 
ATOM   969  N N   . LEU A 1 153 ? 1.690   0.378   -11.042 1.00 25.10 ? 127 LEU A N   1 
ATOM   970  C CA  . LEU A 1 153 ? 0.700   -0.588  -10.590 1.00 27.40 ? 127 LEU A CA  1 
ATOM   971  C C   . LEU A 1 153 ? -0.536  -0.539  -11.470 1.00 27.38 ? 127 LEU A C   1 
ATOM   972  O O   . LEU A 1 153 ? -1.071  -1.580  -11.858 1.00 31.32 ? 127 LEU A O   1 
ATOM   973  C CB  . LEU A 1 153 ? 0.328   -0.322  -9.134  1.00 24.58 ? 127 LEU A CB  1 
ATOM   974  C CG  . LEU A 1 153 ? -0.744  -1.294  -8.633  1.00 37.17 ? 127 LEU A CG  1 
ATOM   975  C CD1 . LEU A 1 153 ? -0.186  -2.708  -8.658  1.00 30.84 ? 127 LEU A CD1 1 
ATOM   976  C CD2 . LEU A 1 153 ? -1.227  -0.929  -7.243  1.00 36.94 ? 127 LEU A CD2 1 
ATOM   977  N N   . LEU A 1 154 ? -0.985  0.666   -11.822 1.00 25.34 ? 128 LEU A N   1 
ATOM   978  C CA  . LEU A 1 154 ? -2.247  0.792   -12.547 1.00 30.56 ? 128 LEU A CA  1 
ATOM   979  C C   . LEU A 1 154 ? -2.169  0.202   -13.947 1.00 33.53 ? 128 LEU A C   1 
ATOM   980  O O   . LEU A 1 154 ? -3.202  -0.199  -14.495 1.00 38.50 ? 128 LEU A O   1 
ATOM   981  C CB  . LEU A 1 154 ? -2.686  2.254   -12.612 1.00 27.37 ? 128 LEU A CB  1 
ATOM   982  C CG  . LEU A 1 154 ? -3.169  2.845   -11.283 1.00 25.99 ? 128 LEU A CG  1 
ATOM   983  C CD1 . LEU A 1 154 ? -3.707  4.254   -11.471 1.00 32.61 ? 128 LEU A CD1 1 
ATOM   984  C CD2 . LEU A 1 154 ? -4.213  1.948   -10.619 1.00 33.84 ? 128 LEU A CD2 1 
ATOM   985  N N   . GLN A 1 155 ? -0.980  0.136   -14.555 1.00 29.52 ? 129 GLN A N   1 
ATOM   986  C CA  . GLN A 1 155 ? -0.856  -0.528  -15.849 1.00 35.41 ? 129 GLN A CA  1 
ATOM   987  C C   . GLN A 1 155 ? -0.230  -1.915  -15.734 1.00 32.88 ? 129 GLN A C   1 
ATOM   988  O O   . GLN A 1 155 ? 0.436   -2.374  -16.664 1.00 41.04 ? 129 GLN A O   1 
ATOM   989  C CB  . GLN A 1 155 ? -0.095  0.339   -16.856 1.00 39.23 ? 129 GLN A CB  1 
ATOM   990  C CG  . GLN A 1 155 ? 1.230   0.937   -16.421 1.00 38.09 ? 129 GLN A CG  1 
ATOM   991  C CD  . GLN A 1 155 ? 1.840   1.809   -17.525 1.00 41.63 ? 129 GLN A CD  1 
ATOM   992  O OE1 . GLN A 1 155 ? 2.006   3.021   -17.358 1.00 42.13 ? 129 GLN A OE1 1 
ATOM   993  N NE2 . GLN A 1 155 ? 2.167   1.193   -18.660 1.00 40.35 ? 129 GLN A NE2 1 
ATOM   994  N N   . LYS A 1 156 ? -0.453  -2.598  -14.613 1.00 31.06 ? 130 LYS A N   1 
ATOM   995  C CA  . LYS A 1 156 ? -0.128  -4.017  -14.454 1.00 35.90 ? 130 LYS A CA  1 
ATOM   996  C C   . LYS A 1 156 ? 1.370   -4.298  -14.573 1.00 34.89 ? 130 LYS A C   1 
ATOM   997  O O   . LYS A 1 156 ? 1.781   -5.397  -14.967 1.00 33.06 ? 130 LYS A O   1 
ATOM   998  C CB  . LYS A 1 156 ? -0.914  -4.874  -15.454 1.00 38.42 ? 130 LYS A CB  1 
ATOM   999  C CG  . LYS A 1 156 ? -2.437  -4.722  -15.371 1.00 36.50 ? 130 LYS A CG  1 
ATOM   1000 N N   . LYS A 1 157 ? 2.207   -3.330  -14.232 1.00 28.74 ? 131 LYS A N   1 
ATOM   1001 C CA  . LYS A 1 157 ? 3.647   -3.531  -14.247 1.00 28.67 ? 131 LYS A CA  1 
ATOM   1002 C C   . LYS A 1 157 ? 4.111   -3.882  -12.840 1.00 36.25 ? 131 LYS A C   1 
ATOM   1003 O O   . LYS A 1 157 ? 3.501   -3.461  -11.850 1.00 36.90 ? 131 LYS A O   1 
ATOM   1004 C CB  . LYS A 1 157 ? 4.375   -2.286  -14.761 1.00 34.11 ? 131 LYS A CB  1 
ATOM   1005 C CG  . LYS A 1 157 ? 4.017   -1.925  -16.202 1.00 34.78 ? 131 LYS A CG  1 
ATOM   1006 C CD  . LYS A 1 157 ? 4.916   -0.806  -16.733 1.00 39.77 ? 131 LYS A CD  1 
ATOM   1007 N N   . LYS A 1 158 ? 5.157   -4.685  -12.755 1.00 27.68 ? 132 LYS A N   1 
ATOM   1008 C CA  . LYS A 1 158 ? 5.780   -5.006  -11.482 1.00 26.11 ? 132 LYS A CA  1 
ATOM   1009 C C   . LYS A 1 158 ? 7.030   -4.154  -11.327 1.00 27.73 ? 132 LYS A C   1 
ATOM   1010 O O   . LYS A 1 158 ? 7.637   -3.736  -12.320 1.00 28.45 ? 132 LYS A O   1 
ATOM   1011 C CB  . LYS A 1 158 ? 6.123   -6.488  -11.408 1.00 28.22 ? 132 LYS A CB  1 
ATOM   1012 C CG  . LYS A 1 158 ? 4.905   -7.400  -11.494 1.00 33.74 ? 132 LYS A CG  1 
ATOM   1013 C CD  . LYS A 1 158 ? 5.326   -8.866  -11.414 1.00 38.71 ? 132 LYS A CD  1 
ATOM   1014 C CE  . LYS A 1 158 ? 4.154   -9.811  -11.662 1.00 44.11 ? 132 LYS A CE  1 
ATOM   1015 N NZ  . LYS A 1 158 ? 3.091   -9.691  -10.619 1.00 44.52 ? 132 LYS A NZ  1 
ATOM   1016 N N   . PHE A 1 159 ? 7.409   -3.883  -10.079 1.00 21.73 ? 133 PHE A N   1 
ATOM   1017 C CA  . PHE A 1 159 ? 8.460   -2.910  -9.825  1.00 22.52 ? 133 PHE A CA  1 
ATOM   1018 C C   . PHE A 1 159 ? 9.202   -3.227  -8.534  1.00 23.75 ? 133 PHE A C   1 
ATOM   1019 O O   . PHE A 1 159 ? 8.654   -3.828  -7.604  1.00 20.60 ? 133 PHE A O   1 
ATOM   1020 C CB  . PHE A 1 159 ? 7.878   -1.491  -9.740  1.00 19.83 ? 133 PHE A CB  1 
ATOM   1021 C CG  . PHE A 1 159 ? 6.730   -1.374  -8.758  1.00 23.94 ? 133 PHE A CG  1 
ATOM   1022 C CD1 . PHE A 1 159 ? 5.435   -1.650  -9.152  1.00 23.24 ? 133 PHE A CD1 1 
ATOM   1023 C CD2 . PHE A 1 159 ? 6.960   -1.001  -7.442  1.00 23.50 ? 133 PHE A CD2 1 
ATOM   1024 C CE1 . PHE A 1 159 ? 4.375   -1.546  -8.260  1.00 24.59 ? 133 PHE A CE1 1 
ATOM   1025 C CE2 . PHE A 1 159 ? 5.919   -0.885  -6.551  1.00 23.95 ? 133 PHE A CE2 1 
ATOM   1026 C CZ  . PHE A 1 159 ? 4.612   -1.171  -6.963  1.00 20.31 ? 133 PHE A CZ  1 
ATOM   1027 N N   . HIS A 1 160 ? 10.453  -2.772  -8.485  1.00 22.38 ? 134 HIS A N   1 
ATOM   1028 C CA  . HIS A 1 160 ? 11.262  -2.708  -7.280  1.00 23.67 ? 134 HIS A CA  1 
ATOM   1029 C C   . HIS A 1 160 ? 11.685  -1.262  -7.077  1.00 26.55 ? 134 HIS A C   1 
ATOM   1030 O O   . HIS A 1 160 ? 12.093  -0.589  -8.028  1.00 23.28 ? 134 HIS A O   1 
ATOM   1031 C CB  . HIS A 1 160 ? 12.506  -3.589  -7.375  1.00 22.78 ? 134 HIS A CB  1 
ATOM   1032 C CG  . HIS A 1 160 ? 12.244  -5.037  -7.105  1.00 27.51 ? 134 HIS A CG  1 
ATOM   1033 N ND1 . HIS A 1 160 ? 13.214  -6.007  -7.255  1.00 36.09 ? 134 HIS A ND1 1 
ATOM   1034 C CD2 . HIS A 1 160 ? 11.129  -5.681  -6.685  1.00 26.47 ? 134 HIS A CD2 1 
ATOM   1035 C CE1 . HIS A 1 160 ? 12.702  -7.187  -6.946  1.00 32.43 ? 134 HIS A CE1 1 
ATOM   1036 N NE2 . HIS A 1 160 ? 11.438  -7.016  -6.600  1.00 32.29 ? 134 HIS A NE2 1 
ATOM   1037 N N   . GLY A 1 161 ? 11.588  -0.779  -5.844  1.00 22.18 ? 135 GLY A N   1 
ATOM   1038 C CA  . GLY A 1 161 ? 11.814  0.633   -5.603  1.00 27.15 ? 135 GLY A CA  1 
ATOM   1039 C C   . GLY A 1 161 ? 12.470  0.899   -4.271  1.00 25.28 ? 135 GLY A C   1 
ATOM   1040 O O   . GLY A 1 161 ? 12.424  0.083   -3.339  1.00 21.69 ? 135 GLY A O   1 
ATOM   1041 N N   . TYR A 1 162 ? 13.054  2.087   -4.181  1.00 21.55 ? 136 TYR A N   1 
ATOM   1042 C CA  . TYR A 1 162 ? 13.736  2.538   -2.981  1.00 22.33 ? 136 TYR A CA  1 
ATOM   1043 C C   . TYR A 1 162 ? 13.547  4.041   -2.886  1.00 26.84 ? 136 TYR A C   1 
ATOM   1044 O O   . TYR A 1 162 ? 13.727  4.757   -3.883  1.00 23.02 ? 136 TYR A O   1 
ATOM   1045 C CB  . TYR A 1 162 ? 15.229  2.178   -3.012  1.00 21.61 ? 136 TYR A CB  1 
ATOM   1046 C CG  . TYR A 1 162 ? 16.046  2.954   -1.998  1.00 25.97 ? 136 TYR A CG  1 
ATOM   1047 C CD1 . TYR A 1 162 ? 16.214  2.486   -0.705  1.00 33.96 ? 136 TYR A CD1 1 
ATOM   1048 C CD2 . TYR A 1 162 ? 16.639  4.169   -2.338  1.00 36.80 ? 136 TYR A CD2 1 
ATOM   1049 C CE1 . TYR A 1 162 ? 16.950  3.205   0.228   1.00 37.65 ? 136 TYR A CE1 1 
ATOM   1050 C CE2 . TYR A 1 162 ? 17.372  4.893   -1.418  1.00 34.44 ? 136 TYR A CE2 1 
ATOM   1051 C CZ  . TYR A 1 162 ? 17.525  4.405   -0.136  1.00 38.93 ? 136 TYR A CZ  1 
ATOM   1052 O OH  . TYR A 1 162 ? 18.263  5.129   0.785   1.00 45.29 ? 136 TYR A OH  1 
ATOM   1053 N N   . PHE A 1 163 ? 13.183  4.509   -1.695  1.00 20.27 ? 137 PHE A N   1 
ATOM   1054 C CA  . PHE A 1 163 ? 12.888  5.912   -1.440  1.00 21.27 ? 137 PHE A CA  1 
ATOM   1055 C C   . PHE A 1 163 ? 13.535  6.349   -0.135  1.00 27.04 ? 137 PHE A C   1 
ATOM   1056 O O   . PHE A 1 163 ? 13.307  5.730   0.915   1.00 22.53 ? 137 PHE A O   1 
ATOM   1057 C CB  . PHE A 1 163 ? 11.378  6.164   -1.362  1.00 24.44 ? 137 PHE A CB  1 
ATOM   1058 C CG  . PHE A 1 163 ? 10.674  6.028   -2.682  1.00 22.59 ? 137 PHE A CG  1 
ATOM   1059 C CD1 . PHE A 1 163 ? 10.211  4.794   -3.108  1.00 19.73 ? 137 PHE A CD1 1 
ATOM   1060 C CD2 . PHE A 1 163 ? 10.483  7.139   -3.498  1.00 21.21 ? 137 PHE A CD2 1 
ATOM   1061 C CE1 . PHE A 1 163 ? 9.577   4.661   -4.324  1.00 23.56 ? 137 PHE A CE1 1 
ATOM   1062 C CE2 . PHE A 1 163 ? 9.853   7.014   -4.715  1.00 24.02 ? 137 PHE A CE2 1 
ATOM   1063 C CZ  . PHE A 1 163 ? 9.390   5.767   -5.129  1.00 23.37 ? 137 PHE A CZ  1 
ATOM   1064 N N   . LYS A 1 164 ? 14.321  7.419   -0.197  1.00 20.64 ? 138 LYS A N   1 
ATOM   1065 C CA  . LYS A 1 164 ? 14.940  8.019   0.980   1.00 25.16 ? 138 LYS A CA  1 
ATOM   1066 C C   . LYS A 1 164 ? 14.168  9.282   1.336   1.00 23.80 ? 138 LYS A C   1 
ATOM   1067 O O   . LYS A 1 164 ? 14.097  10.221  0.525   1.00 25.58 ? 138 LYS A O   1 
ATOM   1068 C CB  . LYS A 1 164 ? 16.420  8.341   0.729   1.00 25.87 ? 138 LYS A CB  1 
ATOM   1069 C CG  . LYS A 1 164 ? 17.145  8.854   1.963   1.00 30.88 ? 138 LYS A CG  1 
ATOM   1070 C CD  . LYS A 1 164 ? 18.637  9.044   1.704   1.00 31.48 ? 138 LYS A CD  1 
ATOM   1071 N N   . PHE A 1 165 ? 13.595  9.301   2.538   1.00 20.73 ? 139 PHE A N   1 
ATOM   1072 C CA  . PHE A 1 165 ? 12.791  10.401  3.044   1.00 24.85 ? 139 PHE A CA  1 
ATOM   1073 C C   . PHE A 1 165 ? 13.531  11.183  4.120   1.00 30.27 ? 139 PHE A C   1 
ATOM   1074 O O   . PHE A 1 165 ? 14.293  10.623  4.913   1.00 28.69 ? 139 PHE A O   1 
ATOM   1075 C CB  . PHE A 1 165 ? 11.473  9.902   3.641   1.00 26.55 ? 139 PHE A CB  1 
ATOM   1076 C CG  . PHE A 1 165 ? 10.422  9.616   2.621   1.00 27.05 ? 139 PHE A CG  1 
ATOM   1077 C CD1 . PHE A 1 165 ? 10.413  8.419   1.936   1.00 27.54 ? 139 PHE A CD1 1 
ATOM   1078 C CD2 . PHE A 1 165 ? 9.447   10.548  2.338   1.00 31.43 ? 139 PHE A CD2 1 
ATOM   1079 C CE1 . PHE A 1 165 ? 9.445   8.150   0.983   1.00 24.73 ? 139 PHE A CE1 1 
ATOM   1080 C CE2 . PHE A 1 165 ? 8.478   10.279  1.386   1.00 33.68 ? 139 PHE A CE2 1 
ATOM   1081 C CZ  . PHE A 1 165 ? 8.487   9.068   0.709   1.00 28.09 ? 139 PHE A CZ  1 
ATOM   1082 N N   . GLN A 1 166 ? 13.279  12.487  4.147   1.00 26.78 ? 140 GLN A N   1 
ATOM   1083 C CA  . GLN A 1 166 ? 13.590  13.333  5.294   1.00 34.44 ? 140 GLN A CA  1 
ATOM   1084 C C   . GLN A 1 166 ? 12.259  13.861  5.807   1.00 38.81 ? 140 GLN A C   1 
ATOM   1085 O O   . GLN A 1 166 ? 11.614  14.677  5.139   1.00 38.46 ? 140 GLN A O   1 
ATOM   1086 C CB  . GLN A 1 166 ? 14.539  14.470  4.920   1.00 40.96 ? 140 GLN A CB  1 
ATOM   1087 C CG  . GLN A 1 166 ? 15.079  15.269  6.112   1.00 41.05 ? 140 GLN A CG  1 
ATOM   1088 C CD  . GLN A 1 166 ? 16.261  16.153  5.726   1.00 47.11 ? 140 GLN A CD  1 
ATOM   1089 O OE1 . GLN A 1 166 ? 17.266  15.669  5.202   1.00 48.94 ? 140 GLN A OE1 1 
ATOM   1090 N NE2 . GLN A 1 166 ? 16.138  17.451  5.973   1.00 46.19 ? 140 GLN A NE2 1 
ATOM   1091 N N   . GLY A 1 167 ? 11.836  13.379  6.973   1.00 35.86 ? 141 GLY A N   1 
ATOM   1092 C CA  . GLY A 1 167 ? 10.472  13.607  7.407   1.00 37.74 ? 141 GLY A CA  1 
ATOM   1093 C C   . GLY A 1 167 ? 9.514   12.644  6.719   1.00 40.82 ? 141 GLY A C   1 
ATOM   1094 O O   . GLY A 1 167 ? 9.885   11.536  6.337   1.00 42.15 ? 141 GLY A O   1 
ATOM   1095 N N   . GLN A 1 168 ? 8.269   13.083  6.545   1.00 32.99 ? 142 GLN A N   1 
ATOM   1096 C CA  . GLN A 1 168 ? 7.292   12.307  5.798   1.00 35.54 ? 142 GLN A CA  1 
ATOM   1097 C C   . GLN A 1 168 ? 6.871   12.939  4.478   1.00 36.95 ? 142 GLN A C   1 
ATOM   1098 O O   . GLN A 1 168 ? 6.134   12.303  3.717   1.00 36.62 ? 142 GLN A O   1 
ATOM   1099 C CB  . GLN A 1 168 ? 6.041   12.063  6.652   1.00 41.69 ? 142 GLN A CB  1 
ATOM   1100 N N   . ASP A 1 169 ? 7.309   14.157  4.164   1.00 35.82 ? 143 ASP A N   1 
ATOM   1101 C CA  . ASP A 1 169 ? 6.828   14.823  2.956   1.00 34.79 ? 143 ASP A CA  1 
ATOM   1102 C C   . ASP A 1 169 ? 7.919   15.152  1.943   1.00 34.35 ? 143 ASP A C   1 
ATOM   1103 O O   . ASP A 1 169 ? 7.617   15.804  0.935   1.00 29.69 ? 143 ASP A O   1 
ATOM   1104 C CB  . ASP A 1 169 ? 6.073   16.110  3.307   1.00 36.06 ? 143 ASP A CB  1 
ATOM   1105 C CG  . ASP A 1 169 ? 6.332   16.574  4.721   1.00 43.63 ? 143 ASP A CG  1 
ATOM   1106 O OD1 . ASP A 1 169 ? 5.529   16.230  5.621   1.00 49.82 ? 143 ASP A OD1 1 
ATOM   1107 O OD2 . ASP A 1 169 ? 7.339   17.284  4.931   1.00 52.76 ? 143 ASP A OD2 1 
ATOM   1108 N N   . THR A 1 170 ? 9.167   14.734  2.162   1.00 29.61 ? 144 THR A N   1 
ATOM   1109 C CA  . THR A 1 170 ? 10.268  15.137  1.285   1.00 27.35 ? 144 THR A CA  1 
ATOM   1110 C C   . THR A 1 170 ? 11.059  13.904  0.864   1.00 27.67 ? 144 THR A C   1 
ATOM   1111 O O   . THR A 1 170 ? 11.725  13.273  1.697   1.00 26.49 ? 144 THR A O   1 
ATOM   1112 C CB  . THR A 1 170 ? 11.187  16.159  1.967   1.00 32.15 ? 144 THR A CB  1 
ATOM   1113 O OG1 . THR A 1 170 ? 10.413  17.250  2.482   1.00 30.33 ? 144 THR A OG1 1 
ATOM   1114 C CG2 . THR A 1 170 ? 12.232  16.705  0.972   1.00 27.24 ? 144 THR A CG2 1 
ATOM   1115 N N   . ILE A 1 171 ? 10.994  13.564  -0.421  1.00 21.37 ? 145 ILE A N   1 
ATOM   1116 C CA  . ILE A 1 171 ? 11.868  12.538  -0.981  1.00 23.50 ? 145 ILE A CA  1 
ATOM   1117 C C   . ILE A 1 171 ? 13.233  13.151  -1.275  1.00 26.08 ? 145 ILE A C   1 
ATOM   1118 O O   . ILE A 1 171 ? 13.347  14.084  -2.080  1.00 23.54 ? 145 ILE A O   1 
ATOM   1119 C CB  . ILE A 1 171 ? 11.264  11.919  -2.247  1.00 24.18 ? 145 ILE A CB  1 
ATOM   1120 C CG1 . ILE A 1 171 ? 9.962   11.172  -1.925  1.00 24.13 ? 145 ILE A CG1 1 
ATOM   1121 C CG2 . ILE A 1 171 ? 12.286  10.973  -2.898  1.00 23.41 ? 145 ILE A CG2 1 
ATOM   1122 C CD1 . ILE A 1 171 ? 9.193   10.791  -3.140  1.00 21.84 ? 145 ILE A CD1 1 
ATOM   1123 N N   . LEU A 1 172 ? 14.271  12.627  -0.621  1.00 23.06 ? 146 LEU A N   1 
ATOM   1124 C CA  . LEU A 1 172 ? 15.629  13.085  -0.882  1.00 24.27 ? 146 LEU A CA  1 
ATOM   1125 C C   . LEU A 1 172 ? 16.184  12.459  -2.152  1.00 28.43 ? 146 LEU A C   1 
ATOM   1126 O O   . LEU A 1 172 ? 16.821  13.143  -2.955  1.00 24.76 ? 146 LEU A O   1 
ATOM   1127 C CB  . LEU A 1 172 ? 16.537  12.783  0.309   1.00 24.15 ? 146 LEU A CB  1 
ATOM   1128 C CG  . LEU A 1 172 ? 16.186  13.515  1.604   1.00 27.33 ? 146 LEU A CG  1 
ATOM   1129 C CD1 . LEU A 1 172 ? 17.116  13.064  2.704   1.00 31.47 ? 146 LEU A CD1 1 
ATOM   1130 C CD2 . LEU A 1 172 ? 16.267  15.028  1.428   1.00 32.94 ? 146 LEU A CD2 1 
ATOM   1131 N N   . ASP A 1 173 ? 15.976  11.159  -2.338  1.00 19.68 ? 147 ASP A N   1 
ATOM   1132 C CA  . ASP A 1 173 ? 16.339  10.494  -3.580  1.00 25.69 ? 147 ASP A CA  1 
ATOM   1133 C C   . ASP A 1 173 ? 15.578  9.178   -3.650  1.00 27.00 ? 147 ASP A C   1 
ATOM   1134 O O   . ASP A 1 173 ? 14.966  8.738   -2.673  1.00 24.27 ? 147 ASP A O   1 
ATOM   1135 C CB  . ASP A 1 173 ? 17.852  10.282  -3.693  1.00 30.18 ? 147 ASP A CB  1 
ATOM   1136 C CG  . ASP A 1 173 ? 18.337  9.082   -2.908  1.00 41.31 ? 147 ASP A CG  1 
ATOM   1137 O OD1 . ASP A 1 173 ? 18.146  9.056   -1.668  1.00 38.13 ? 147 ASP A OD1 1 
ATOM   1138 O OD2 . ASP A 1 173 ? 18.903  8.156   -3.541  1.00 43.14 ? 147 ASP A OD2 1 
ATOM   1139 N N   . TYR A 1 174 ? 15.596  8.570   -4.830  1.00 26.41 ? 148 TYR A N   1 
ATOM   1140 C CA  . TYR A 1 174 ? 14.836  7.345   -5.012  1.00 26.52 ? 148 TYR A CA  1 
ATOM   1141 C C   . TYR A 1 174 ? 15.352  6.584   -6.222  1.00 29.70 ? 148 TYR A C   1 
ATOM   1142 O O   . TYR A 1 174 ? 16.045  7.133   -7.092  1.00 24.34 ? 148 TYR A O   1 
ATOM   1143 C CB  . TYR A 1 174 ? 13.338  7.641   -5.169  1.00 25.53 ? 148 TYR A CB  1 
ATOM   1144 C CG  . TYR A 1 174 ? 12.952  8.083   -6.562  1.00 24.22 ? 148 TYR A CG  1 
ATOM   1145 C CD1 . TYR A 1 174 ? 13.109  9.400   -6.966  1.00 29.16 ? 148 TYR A CD1 1 
ATOM   1146 C CD2 . TYR A 1 174 ? 12.422  7.177   -7.468  1.00 27.85 ? 148 TYR A CD2 1 
ATOM   1147 C CE1 . TYR A 1 174 ? 12.751  9.795   -8.240  1.00 30.99 ? 148 TYR A CE1 1 
ATOM   1148 C CE2 . TYR A 1 174 ? 12.067  7.554   -8.729  1.00 27.95 ? 148 TYR A CE2 1 
ATOM   1149 C CZ  . TYR A 1 174 ? 12.234  8.862   -9.115  1.00 32.14 ? 148 TYR A CZ  1 
ATOM   1150 O OH  . TYR A 1 174 ? 11.870  9.228   -10.384 1.00 34.29 ? 148 TYR A OH  1 
ATOM   1151 N N   . THR A 1 175 ? 14.999  5.302   -6.251  1.00 22.31 ? 149 THR A N   1 
ATOM   1152 C CA  . THR A 1 175 ? 15.203  4.426   -7.391  1.00 27.39 ? 149 THR A CA  1 
ATOM   1153 C C   . THR A 1 175 ? 13.937  3.612   -7.576  1.00 29.12 ? 149 THR A C   1 
ATOM   1154 O O   . THR A 1 175 ? 13.260  3.270   -6.606  1.00 24.65 ? 149 THR A O   1 
ATOM   1155 C CB  . THR A 1 175 ? 16.392  3.465   -7.202  1.00 28.00 ? 149 THR A CB  1 
ATOM   1156 O OG1 . THR A 1 175 ? 16.465  2.583   -8.328  1.00 40.71 ? 149 THR A OG1 1 
ATOM   1157 C CG2 . THR A 1 175 ? 16.200  2.629   -5.974  1.00 27.07 ? 149 THR A CG2 1 
ATOM   1158 N N   . LEU A 1 176 ? 13.628  3.298   -8.829  1.00 24.57 ? 150 LEU A N   1 
ATOM   1159 C CA  . LEU A 1 176 ? 12.395  2.593   -9.160  1.00 21.74 ? 150 LEU A CA  1 
ATOM   1160 C C   . LEU A 1 176 ? 12.585  1.977   -10.532 1.00 30.21 ? 150 LEU A C   1 
ATOM   1161 O O   . LEU A 1 176 ? 12.841  2.698   -11.511 1.00 28.19 ? 150 LEU A O   1 
ATOM   1162 C CB  . LEU A 1 176 ? 11.201  3.542   -9.136  1.00 20.53 ? 150 LEU A CB  1 
ATOM   1163 C CG  . LEU A 1 176 ? 9.797   2.965   -9.396  1.00 26.45 ? 150 LEU A CG  1 
ATOM   1164 C CD1 . LEU A 1 176 ? 9.467   1.867   -8.391  1.00 24.12 ? 150 LEU A CD1 1 
ATOM   1165 C CD2 . LEU A 1 176 ? 8.749   4.069   -9.346  1.00 26.79 ? 150 LEU A CD2 1 
ATOM   1166 N N   . ARG A 1 177 ? 12.496  0.656   -10.610 1.00 23.32 ? 151 ARG A N   1 
ATOM   1167 C CA  . ARG A 1 177 ? 12.652  -0.002  -11.892 1.00 25.88 ? 151 ARG A CA  1 
ATOM   1168 C C   . ARG A 1 177 ? 11.613  -1.100  -12.032 1.00 27.78 ? 151 ARG A C   1 
ATOM   1169 O O   . ARG A 1 177 ? 11.216  -1.746  -11.055 1.00 23.14 ? 151 ARG A O   1 
ATOM   1170 C CB  . ARG A 1 177 ? 14.075  -0.553  -12.083 1.00 28.86 ? 151 ARG A CB  1 
ATOM   1171 C CG  . ARG A 1 177 ? 14.404  -1.811  -11.317 1.00 33.19 ? 151 ARG A CG  1 
ATOM   1172 C CD  . ARG A 1 177 ? 15.840  -2.305  -11.599 1.00 36.99 ? 151 ARG A CD  1 
ATOM   1173 N NE  . ARG A 1 177 ? 16.195  -3.370  -10.664 1.00 42.34 ? 151 ARG A NE  1 
ATOM   1174 C CZ  . ARG A 1 177 ? 16.145  -4.670  -10.944 1.00 47.47 ? 151 ARG A CZ  1 
ATOM   1175 N NH1 . ARG A 1 177 ? 16.459  -5.570  -10.010 1.00 44.50 ? 151 ARG A NH1 1 
ATOM   1176 N NH2 . ARG A 1 177 ? 15.784  -5.073  -12.158 1.00 45.58 ? 151 ARG A NH2 1 
ATOM   1177 N N   . GLU A 1 178 ? 11.168  -1.285  -13.266 1.00 21.68 ? 152 GLU A N   1 
ATOM   1178 C CA  . GLU A 1 178 ? 10.246  -2.351  -13.601 1.00 25.31 ? 152 GLU A CA  1 
ATOM   1179 C C   . GLU A 1 178 ? 11.002  -3.671  -13.634 1.00 28.08 ? 152 GLU A C   1 
ATOM   1180 O O   . GLU A 1 178 ? 12.154  -3.721  -14.065 1.00 28.62 ? 152 GLU A O   1 
ATOM   1181 C CB  . GLU A 1 178 ? 9.604   -2.057  -14.959 1.00 31.72 ? 152 GLU A CB  1 
ATOM   1182 C CG  . GLU A 1 178 ? 8.298   -2.760  -15.215 1.00 36.74 ? 152 GLU A CG  1 
ATOM   1183 C CD  . GLU A 1 178 ? 7.836   -2.586  -16.648 1.00 46.89 ? 152 GLU A CD  1 
ATOM   1184 O OE1 . GLU A 1 178 ? 7.544   -3.607  -17.310 1.00 48.82 ? 152 GLU A OE1 1 
ATOM   1185 O OE2 . GLU A 1 178 ? 7.785   -1.426  -17.113 1.00 44.84 ? 152 GLU A OE2 1 
ATOM   1186 N N   . VAL A 1 179 ? 10.362  -4.741  -13.160 1.00 24.32 ? 153 VAL A N   1 
ATOM   1187 C CA  . VAL A 1 179 ? 11.001  -6.046  -13.085 1.00 29.54 ? 153 VAL A CA  1 
ATOM   1188 C C   . VAL A 1 179 ? 10.041  -7.095  -13.626 1.00 33.06 ? 153 VAL A C   1 
ATOM   1189 O O   . VAL A 1 179 ? 8.837   -6.864  -13.762 1.00 27.20 ? 153 VAL A O   1 
ATOM   1190 C CB  . VAL A 1 179 ? 11.435  -6.407  -11.647 1.00 31.23 ? 153 VAL A CB  1 
ATOM   1191 C CG1 . VAL A 1 179 ? 12.558  -5.490  -11.177 1.00 29.86 ? 153 VAL A CG1 1 
ATOM   1192 C CG2 . VAL A 1 179 ? 10.245  -6.327  -10.714 1.00 29.97 ? 153 VAL A CG2 1 
ATOM   1193 N N   . ASP A 1 180 ? 10.595  -8.262  -13.946 1.00 35.45 ? 154 ASP A N   1 
ATOM   1194 C CA  . ASP A 1 180 ? 9.768   -9.374  -14.400 1.00 35.44 ? 154 ASP A CA  1 
ATOM   1195 C C   . ASP A 1 180 ? 9.255   -10.218 -13.246 1.00 36.09 ? 154 ASP A C   1 
ATOM   1196 O O   . ASP A 1 180 ? 8.134   -10.738 -13.318 1.00 42.38 ? 154 ASP A O   1 
ATOM   1197 C CB  . ASP A 1 180 ? 10.545  -10.255 -15.382 1.00 35.53 ? 154 ASP A CB  1 
ATOM   1198 C CG  . ASP A 1 180 ? 10.874  -9.535  -16.678 1.00 41.29 ? 154 ASP A CG  1 
ATOM   1199 O OD1 . ASP A 1 180 ? 9.953   -8.977  -17.315 1.00 38.85 ? 154 ASP A OD1 1 
ATOM   1200 O OD2 . ASP A 1 180 ? 12.063  -9.528  -17.056 1.00 41.70 ? 154 ASP A OD2 1 
ATOM   1201 N N   . THR A 1 181 ? 10.039  -10.362 -12.181 1.00 36.18 ? 155 THR A N   1 
ATOM   1202 C CA  . THR A 1 181 ? 9.602   -11.070 -10.987 1.00 42.04 ? 155 THR A CA  1 
ATOM   1203 C C   . THR A 1 181 ? 9.874   -10.197 -9.774  1.00 40.26 ? 155 THR A C   1 
ATOM   1204 O O   . THR A 1 181 ? 10.935  -9.574  -9.670  1.00 37.33 ? 155 THR A O   1 
ATOM   1205 C CB  . THR A 1 181 ? 10.308  -12.427 -10.835 1.00 42.41 ? 155 THR A CB  1 
ATOM   1206 O OG1 . THR A 1 181 ? 11.719  -12.249 -10.963 1.00 38.81 ? 155 THR A OG1 1 
ATOM   1207 C CG2 . THR A 1 181 ? 9.834   -13.392 -11.905 1.00 45.37 ? 155 THR A CG2 1 
ATOM   1208 N N   . VAL A 1 182 ? 8.909   -10.147 -8.866  1.00 38.92 ? 156 VAL A N   1 
ATOM   1209 C CA  . VAL A 1 182 ? 9.020   -9.282  -7.704  1.00 38.68 ? 156 VAL A CA  1 
ATOM   1210 C C   . VAL A 1 182 ? 9.823   -9.984  -6.607  1.00 46.47 ? 156 VAL A C   1 
ATOM   1211 O O   . VAL A 1 182 ? 9.621   -11.175 -6.363  1.00 44.71 ? 156 VAL A O   1 
ATOM   1212 C CB  . VAL A 1 182 ? 7.630   -8.863  -7.212  1.00 34.33 ? 156 VAL A CB  1 
ATOM   1213 C CG1 . VAL A 1 182 ? 7.735   -7.817  -6.112  1.00 32.38 ? 156 VAL A CG1 1 
ATOM   1214 C CG2 . VAL A 1 182 ? 6.827   -8.311  -8.366  1.00 31.05 ? 156 VAL A CG2 1 
ATOM   1215 O OXT . VAL A 1 182 ? 10.695  -9.394  -5.949  1.00 44.73 ? 156 VAL A OXT 1 
HETATM 1216 N N12 . EV2 B 2 .   ? 3.436   4.840   0.566   1.00 24.57 ? 201 EV2 A N12 1 
HETATM 1217 C C10 . EV2 B 2 .   ? 3.863   5.432   1.770   1.00 27.62 ? 201 EV2 A C10 1 
HETATM 1218 N N8  . EV2 B 2 .   ? 4.736   6.463   1.700   1.00 24.11 ? 201 EV2 A N8  1 
HETATM 1219 C C6  . EV2 B 2 .   ? 5.186   7.077   2.876   1.00 29.48 ? 201 EV2 A C6  1 
HETATM 1220 C C4  . EV2 B 2 .   ? 6.124   8.193   2.817   1.00 29.97 ? 201 EV2 A C4  1 
HETATM 1221 C C2  . EV2 B 2 .   ? 6.568   8.818   3.982   1.00 35.28 ? 201 EV2 A C2  1 
HETATM 1222 C C9  . EV2 B 2 .   ? 3.357   4.945   3.088   1.00 30.22 ? 201 EV2 A C9  1 
HETATM 1223 N N7  . EV2 B 2 .   ? 3.810   5.560   4.180   1.00 34.24 ? 201 EV2 A N7  1 
HETATM 1224 C C5  . EV2 B 2 .   ? 4.728   6.639   4.120   1.00 34.67 ? 201 EV2 A C5  1 
HETATM 1225 C C3  . EV2 B 2 .   ? 5.206   7.303   5.333   1.00 36.95 ? 201 EV2 A C3  1 
HETATM 1226 C C1  . EV2 B 2 .   ? 6.106   8.364   5.255   1.00 35.33 ? 201 EV2 A C1  1 
HETATM 1227 N N11 . EV2 B 2 .   ? 2.418   3.806   3.066   1.00 32.36 ? 201 EV2 A N11 1 
HETATM 1228 C C16 . EV2 B 2 .   ? 2.712   2.541   2.364   1.00 33.64 ? 201 EV2 A C16 1 
HETATM 1229 C C14 . EV2 B 2 .   ? 2.371   1.366   3.351   1.00 31.39 ? 201 EV2 A C14 1 
HETATM 1230 C C13 . EV2 B 2 .   ? 1.286   1.889   4.219   1.00 33.49 ? 201 EV2 A C13 1 
HETATM 1231 C C15 . EV2 B 2 .   ? 1.485   3.423   4.243   1.00 34.91 ? 201 EV2 A C15 1 
HETATM 1232 C C   . ACT C 3 .   ? -19.536 -8.269  -3.476  1.00 42.18 ? 202 ACT A C   1 
HETATM 1233 O O   . ACT C 3 .   ? -18.792 -8.269  -4.484  1.00 41.14 ? 202 ACT A O   1 
HETATM 1234 O OXT . ACT C 3 .   ? -20.060 -7.170  -3.186  1.00 47.83 ? 202 ACT A OXT 1 
HETATM 1235 C CH3 . ACT C 3 .   ? -19.795 -9.504  -2.663  1.00 40.18 ? 202 ACT A CH3 1 
HETATM 1236 H H1  . ACT C 3 .   ? -20.473 -9.264  -1.844  1.00 48.21 ? 202 ACT A H1  1 
HETATM 1237 H H2  . ACT C 3 .   ? -18.854 -9.877  -2.259  1.00 48.21 ? 202 ACT A H2  1 
HETATM 1238 H H3  . ACT C 3 .   ? -20.247 -10.268 -3.296  1.00 48.21 ? 202 ACT A H3  1 
HETATM 1239 S S   . SO4 D 4 .   ? 1.553   -14.541 -7.616  1.00 67.18 ? 203 SO4 A S   1 
HETATM 1240 O O1  . SO4 D 4 .   ? 1.951   -13.927 -8.879  1.00 58.81 ? 203 SO4 A O1  1 
HETATM 1241 O O2  . SO4 D 4 .   ? 0.220   -15.130 -7.751  1.00 62.83 ? 203 SO4 A O2  1 
HETATM 1242 O O3  . SO4 D 4 .   ? 2.503   -15.590 -7.245  1.00 76.14 ? 203 SO4 A O3  1 
HETATM 1243 O O4  . SO4 D 4 .   ? 1.536   -13.519 -6.569  1.00 49.47 ? 203 SO4 A O4  1 
HETATM 1244 O O   . HOH E 5 .   ? 16.709  -5.168  -7.970  1.00 48.18 ? 301 HOH A O   1 
HETATM 1245 O O   . HOH E 5 .   ? -15.554 -10.468 3.642   1.00 34.82 ? 302 HOH A O   1 
HETATM 1246 O O   . HOH E 5 .   ? 1.262   -17.903 7.272   1.00 35.61 ? 303 HOH A O   1 
HETATM 1247 O O   . HOH E 5 .   ? 0.870   4.190   -0.646  1.00 21.95 ? 304 HOH A O   1 
HETATM 1248 O O   . HOH E 5 .   ? 10.723  4.240   10.830  1.00 48.83 ? 305 HOH A O   1 
HETATM 1249 O O   . HOH E 5 .   ? 1.840   14.076  -0.472  1.00 40.40 ? 306 HOH A O   1 
HETATM 1250 O O   . HOH E 5 .   ? -15.937 9.127   3.132   1.00 36.53 ? 307 HOH A O   1 
HETATM 1251 O O   . HOH E 5 .   ? 6.117   -6.773  10.478  1.00 32.54 ? 308 HOH A O   1 
HETATM 1252 O O   . HOH E 5 .   ? 9.868   16.566  5.187   1.00 44.80 ? 309 HOH A O   1 
HETATM 1253 O O   . HOH E 5 .   ? 1.731   -17.837 1.819   1.00 39.50 ? 310 HOH A O   1 
HETATM 1254 O O   . HOH E 5 .   ? 19.730  6.490   -5.427  1.00 43.73 ? 311 HOH A O   1 
HETATM 1255 O O   . HOH E 5 .   ? -14.198 -9.233  -6.784  1.00 43.98 ? 312 HOH A O   1 
HETATM 1256 O O   . HOH E 5 .   ? -6.947  -1.232  -1.604  1.00 21.78 ? 313 HOH A O   1 
HETATM 1257 O O   . HOH E 5 .   ? -0.220  3.829   -16.103 1.00 38.21 ? 314 HOH A O   1 
HETATM 1258 O O   . HOH E 5 .   ? 14.920  4.238   8.061   1.00 23.35 ? 315 HOH A O   1 
HETATM 1259 O O   . HOH E 5 .   ? -13.946 9.471   -7.932  1.00 35.85 ? 316 HOH A O   1 
HETATM 1260 O O   . HOH E 5 .   ? 1.113   11.227  -4.170  1.00 24.51 ? 317 HOH A O   1 
HETATM 1261 O O   . HOH E 5 .   ? -8.177  -12.612 8.657   1.00 46.04 ? 318 HOH A O   1 
HETATM 1262 O O   . HOH E 5 .   ? -4.924  -8.218  11.931  1.00 45.76 ? 319 HOH A O   1 
HETATM 1263 O O   . HOH E 5 .   ? 5.365   -15.388 18.134  1.00 30.24 ? 320 HOH A O   1 
HETATM 1264 O O   . HOH E 5 .   ? -19.884 0.438   -5.168  1.00 35.10 ? 321 HOH A O   1 
HETATM 1265 O O   . HOH E 5 .   ? 20.293  9.089   13.605  1.00 34.12 ? 322 HOH A O   1 
HETATM 1266 O O   . HOH E 5 .   ? 0.977   -7.873  7.150   1.00 30.36 ? 323 HOH A O   1 
HETATM 1267 O O   . HOH E 5 .   ? -0.588  3.315   0.509   1.00 25.78 ? 324 HOH A O   1 
HETATM 1268 O O   . HOH E 5 .   ? -17.354 -4.098  -2.729  1.00 41.18 ? 325 HOH A O   1 
HETATM 1269 O O   . HOH E 5 .   ? 3.329   -15.316 16.028  1.00 36.86 ? 326 HOH A O   1 
HETATM 1270 O O   . HOH E 5 .   ? 9.486   15.313  -2.113  1.00 32.41 ? 327 HOH A O   1 
HETATM 1271 O O   . HOH E 5 .   ? 5.595   13.210  -5.527  1.00 35.04 ? 328 HOH A O   1 
HETATM 1272 O O   . HOH E 5 .   ? -2.812  -15.301 -3.428  1.00 47.05 ? 329 HOH A O   1 
HETATM 1273 O O   . HOH E 5 .   ? 7.006   -14.974 3.529   1.00 34.03 ? 330 HOH A O   1 
HETATM 1274 O O   . HOH E 5 .   ? -5.303  11.516  -10.569 1.00 40.39 ? 331 HOH A O   1 
HETATM 1275 O O   . HOH E 5 .   ? -10.577 -16.607 -0.410  1.00 41.97 ? 332 HOH A O   1 
HETATM 1276 O O   . HOH E 5 .   ? 4.465   -14.939 0.852   1.00 33.37 ? 333 HOH A O   1 
HETATM 1277 O O   . HOH E 5 .   ? 6.615   -5.699  -15.359 1.00 39.20 ? 334 HOH A O   1 
HETATM 1278 O O   . HOH E 5 .   ? -19.291 0.281   7.216   1.00 38.14 ? 335 HOH A O   1 
HETATM 1279 O O   . HOH E 5 .   ? -17.523 -11.535 -5.374  1.00 55.13 ? 336 HOH A O   1 
HETATM 1280 O O   . HOH E 5 .   ? -4.176  -14.918 6.175   1.00 33.91 ? 337 HOH A O   1 
HETATM 1281 O O   . HOH E 5 .   ? 4.390   -11.592 15.878  1.00 31.99 ? 338 HOH A O   1 
HETATM 1282 O O   . HOH E 5 .   ? 13.426  11.327  8.916   1.00 40.78 ? 339 HOH A O   1 
HETATM 1283 O O   . HOH E 5 .   ? -16.400 6.823   3.269   1.00 33.67 ? 340 HOH A O   1 
HETATM 1284 O O   . HOH E 5 .   ? -4.730  15.057  -6.423  1.00 38.80 ? 341 HOH A O   1 
HETATM 1285 O O   . HOH E 5 .   ? 6.009   -3.728  17.053  1.00 55.71 ? 342 HOH A O   1 
HETATM 1286 O O   . HOH E 5 .   ? 13.489  18.893  6.670   1.00 45.95 ? 343 HOH A O   1 
HETATM 1287 O O   . HOH E 5 .   ? -8.985  -3.152  12.259  1.00 38.56 ? 344 HOH A O   1 
HETATM 1288 O O   . HOH E 5 .   ? 0.179   -6.405  12.319  1.00 46.37 ? 345 HOH A O   1 
HETATM 1289 O O   . HOH E 5 .   ? -8.726  14.020  -0.800  1.00 40.10 ? 346 HOH A O   1 
HETATM 1290 O O   . HOH E 5 .   ? 6.567   -12.185 -9.399  1.00 45.66 ? 347 HOH A O   1 
HETATM 1291 O O   . HOH E 5 .   ? 4.843   -2.428  13.971  1.00 52.84 ? 348 HOH A O   1 
HETATM 1292 O O   . HOH E 5 .   ? 2.887   -20.151 7.876   1.00 38.66 ? 349 HOH A O   1 
HETATM 1293 O O   . HOH E 5 .   ? -7.777  -11.169 -8.664  1.00 45.74 ? 350 HOH A O   1 
HETATM 1294 O O   . HOH E 5 .   ? 11.113  20.231  3.536   1.00 48.67 ? 351 HOH A O   1 
HETATM 1295 O O   . HOH E 5 .   ? 0.098   -3.519  11.807  1.00 42.53 ? 352 HOH A O   1 
HETATM 1296 O O   . HOH E 5 .   ? 12.389  0.548   -15.679 1.00 38.02 ? 353 HOH A O   1 
HETATM 1297 O O   . HOH E 5 .   ? 1.749   -0.533  6.966   1.00 38.07 ? 354 HOH A O   1 
HETATM 1298 O O   . HOH E 5 .   ? 13.725  9.878   -13.264 1.00 56.13 ? 355 HOH A O   1 
HETATM 1299 O O   . HOH E 5 .   ? -11.467 6.616   -15.028 1.00 34.66 ? 356 HOH A O   1 
HETATM 1300 O O   . HOH E 5 .   ? -7.934  12.484  9.251   1.00 44.71 ? 357 HOH A O   1 
HETATM 1301 O O   . HOH E 5 .   ? 15.480  -8.582  -12.288 1.00 38.07 ? 358 HOH A O   1 
HETATM 1302 O O   . HOH E 5 .   ? -20.530 -1.874  5.386   1.00 43.81 ? 359 HOH A O   1 
HETATM 1303 O O   . HOH E 5 .   ? -0.758  8.657   16.642  1.00 50.22 ? 360 HOH A O   1 
HETATM 1304 O O   . HOH E 5 .   ? 6.345   -10.224 -2.989  1.00 40.12 ? 361 HOH A O   1 
HETATM 1305 O O   . HOH E 5 .   ? -4.083  14.440  -8.916  1.00 48.85 ? 362 HOH A O   1 
HETATM 1306 O O   . HOH E 5 .   ? 0.577   -7.461  -12.127 1.00 46.80 ? 363 HOH A O   1 
HETATM 1307 O O   . HOH E 5 .   ? 15.089  5.706   -11.241 1.00 36.92 ? 364 HOH A O   1 
HETATM 1308 O O   . HOH E 5 .   ? 10.997  -6.638  15.149  1.00 55.24 ? 365 HOH A O   1 
HETATM 1309 O O   . HOH E 5 .   ? 5.906   11.713  -11.113 1.00 43.59 ? 366 HOH A O   1 
HETATM 1310 O O   . HOH E 5 .   ? 15.773  -5.226  2.449   1.00 52.92 ? 367 HOH A O   1 
HETATM 1311 O O   . HOH E 5 .   ? -1.366  -9.095  16.595  1.00 52.59 ? 368 HOH A O   1 
HETATM 1312 O O   . HOH E 5 .   ? -2.130  18.476  1.487   1.00 51.96 ? 369 HOH A O   1 
HETATM 1313 O O   . HOH E 5 .   ? -2.733  1.968   6.773   1.00 46.24 ? 370 HOH A O   1 
HETATM 1314 O O   . HOH E 5 .   ? -13.119 11.569  -16.851 1.00 46.74 ? 371 HOH A O   1 
HETATM 1315 O O   . HOH E 5 .   ? -15.108 15.161  -10.450 1.00 62.57 ? 372 HOH A O   1 
HETATM 1316 O O   . HOH E 5 .   ? -0.728  2.956   14.402  1.00 46.09 ? 373 HOH A O   1 
HETATM 1317 O O   . HOH E 5 .   ? -1.039  15.088  6.271   1.00 45.51 ? 374 HOH A O   1 
HETATM 1318 O O   . HOH E 5 .   ? -3.425  16.363  6.432   1.00 57.01 ? 375 HOH A O   1 
HETATM 1319 O O   . HOH E 5 .   ? -6.415  3.777   14.061  1.00 46.89 ? 376 HOH A O   1 
HETATM 1320 O O   . HOH E 5 .   ? -11.515 -11.643 -10.712 1.00 57.26 ? 377 HOH A O   1 
HETATM 1321 O O   . HOH E 5 .   ? 13.735  -3.879  -3.168  1.00 45.97 ? 378 HOH A O   1 
HETATM 1322 O O   . HOH E 5 .   ? 0.694   11.215  -11.019 1.00 37.75 ? 379 HOH A O   1 
HETATM 1323 O O   . HOH E 5 .   ? 2.567   8.305   14.144  1.00 49.04 ? 380 HOH A O   1 
HETATM 1324 O O   . HOH E 5 .   ? 16.094  11.965  -6.992  1.00 39.83 ? 381 HOH A O   1 
HETATM 1325 O O   . HOH E 5 .   ? -5.366  6.248   16.797  1.00 39.88 ? 382 HOH A O   1 
HETATM 1326 O O   . HOH E 5 .   ? -17.437 2.289   0.231   1.00 35.86 ? 383 HOH A O   1 
HETATM 1327 O O   . HOH E 5 .   ? 1.074   -17.065 -11.532 1.00 62.52 ? 384 HOH A O   1 
HETATM 1328 O O   . HOH E 5 .   ? 6.445   -15.594 0.950   1.00 40.42 ? 385 HOH A O   1 
HETATM 1329 O O   . HOH E 5 .   ? 5.123   -7.890  -15.828 1.00 49.23 ? 386 HOH A O   1 
HETATM 1330 O O   . HOH E 5 .   ? 5.849   13.303  -9.760  1.00 42.72 ? 387 HOH A O   1 
HETATM 1331 O O   . HOH E 5 .   ? 11.543  -11.643 2.145   1.00 43.07 ? 388 HOH A O   1 
HETATM 1332 O O   . HOH E 5 .   ? -7.242  15.381  -6.280  1.00 51.38 ? 389 HOH A O   1 
HETATM 1333 O O   . HOH E 5 .   ? -14.405 2.215   -16.624 1.00 45.62 ? 390 HOH A O   1 
HETATM 1334 O O   . HOH E 5 .   ? 3.941   11.144  8.357   1.00 52.05 ? 391 HOH A O   1 
HETATM 1335 O O   . HOH E 5 .   ? 7.475   8.174   9.480   1.00 40.59 ? 392 HOH A O   1 
HETATM 1336 O O   . HOH E 5 .   ? -5.606  15.524  -12.355 1.00 44.34 ? 393 HOH A O   1 
HETATM 1337 O O   . HOH E 5 .   ? 13.791  -12.869 17.318  1.00 53.72 ? 394 HOH A O   1 
HETATM 1338 O O   . HOH E 5 .   ? 20.373  -3.450  4.856   1.00 47.53 ? 395 HOH A O   1 
HETATM 1339 O O   . HOH E 5 .   ? -24.258 -3.374  3.679   0.50 50.13 ? 396 HOH A O   1 
HETATM 1340 O O   . HOH E 5 .   ? 0.750   6.259   17.333  1.00 50.62 ? 397 HOH A O   1 
HETATM 1341 O O   . HOH E 5 .   ? 0.861   0.412   11.820  1.00 50.67 ? 398 HOH A O   1 
HETATM 1342 O O   . HOH E 5 .   ? 1.510   -0.481  15.076  1.00 51.26 ? 399 HOH A O   1 
HETATM 1343 O O   . HOH E 5 .   ? -14.691 19.928  -13.282 1.00 64.47 ? 400 HOH A O   1 
# 
